data_2FN4
# 
_entry.id   2FN4 
# 
_audit_conform.dict_name       mmcif_pdbx.dic 
_audit_conform.dict_version    5.377 
_audit_conform.dict_location   http://mmcif.pdb.org/dictionaries/ascii/mmcif_pdbx.dic 
# 
loop_
_database_2.database_id 
_database_2.database_code 
_database_2.pdbx_database_accession 
_database_2.pdbx_DOI 
PDB   2FN4         pdb_00002fn4 10.2210/pdb2fn4/pdb 
RCSB  RCSB036073   ?            ?                   
WWPDB D_1000036073 ?            ?                   
# 
_pdbx_database_status.status_code                     REL 
_pdbx_database_status.entry_id                        2FN4 
_pdbx_database_status.recvd_initial_deposition_date   2006-01-10 
_pdbx_database_status.deposit_site                    RCSB 
_pdbx_database_status.process_site                    RCSB 
_pdbx_database_status.status_code_sf                  REL 
_pdbx_database_status.status_code_mr                  ? 
_pdbx_database_status.SG_entry                        Y 
_pdbx_database_status.pdb_format_compatible           Y 
_pdbx_database_status.status_code_cs                  ? 
_pdbx_database_status.status_code_nmr_data            ? 
_pdbx_database_status.methods_development_category    ? 
# 
loop_
_audit_author.name 
_audit_author.pdbx_ordinal 
'Turnbull, A.P.'                       1  
'Elkins, J.M.'                         2  
'Gileadi, C.'                          3  
'Burgess, N.'                          4  
'Salah, E.'                            5  
'Papagrigoriou, E.'                    6  
'Debreczeni, J.'                       7  
'von Delft, F.'                        8  
'Weigelt, J.'                          9  
'Edwards, A.'                          10 
'Arrowsmith, C.'                       11 
'Sundstrom, M.'                        12 
'Doyle, D.'                            13 
'Structural Genomics Consortium (SGC)' 14 
# 
_citation.id                        primary 
_citation.title                     'The crystal structure of human Ras-related protein, RRAS, in the GDP-bound state' 
_citation.journal_abbrev            'To be Published' 
_citation.journal_volume            ? 
_citation.page_first                ? 
_citation.page_last                 ? 
_citation.year                      ? 
_citation.journal_id_ASTM           ? 
_citation.country                   ? 
_citation.journal_id_ISSN           ? 
_citation.journal_id_CSD            0353 
_citation.book_publisher            ? 
_citation.pdbx_database_id_PubMed   ? 
_citation.pdbx_database_id_DOI      ? 
# 
loop_
_citation_author.citation_id 
_citation_author.name 
_citation_author.ordinal 
_citation_author.identifier_ORCID 
primary 'Turnbull, A.P.'    1  ? 
primary 'Elkins, J.M.'      2  ? 
primary 'Gileadi, C.'       3  ? 
primary 'Burgess, N.'       4  ? 
primary 'Salah, E.'         5  ? 
primary 'Papagrigoriou, E.' 6  ? 
primary 'Debreczeni, J.'    7  ? 
primary 'von Delft, F.'     8  ? 
primary 'Weigelt, J.'       9  ? 
primary 'Edwards, A.'       10 ? 
primary 'Arrowsmith, C.'    11 ? 
primary 'Sundstrom, M.'     12 ? 
primary 'Doyle, D.'         13 ? 
# 
_cell.entry_id           2FN4 
_cell.length_a           43.152 
_cell.length_b           43.152 
_cell.length_c           155.499 
_cell.angle_alpha        90.00 
_cell.angle_beta         90.00 
_cell.angle_gamma        120.00 
_cell.Z_PDB              6 
_cell.pdbx_unique_axis   ? 
_cell.length_a_esd       ? 
_cell.length_b_esd       ? 
_cell.length_c_esd       ? 
_cell.angle_alpha_esd    ? 
_cell.angle_beta_esd     ? 
_cell.angle_gamma_esd    ? 
# 
_symmetry.entry_id                         2FN4 
_symmetry.space_group_name_H-M             'P 31 2 1' 
_symmetry.pdbx_full_space_group_name_H-M   ? 
_symmetry.cell_setting                     ? 
_symmetry.Int_Tables_number                152 
_symmetry.space_group_name_Hall            ? 
# 
loop_
_entity.id 
_entity.type 
_entity.src_method 
_entity.pdbx_description 
_entity.formula_weight 
_entity.pdbx_number_of_molecules 
_entity.pdbx_ec 
_entity.pdbx_mutation 
_entity.pdbx_fragment 
_entity.details 
1 polymer     man 'Ras-related protein R-Ras' 20150.609 1  ? ? 'residues 23-201' ? 
2 non-polymer syn 'MAGNESIUM ION'             24.305    1  ? ? ?                 ? 
3 non-polymer syn "GUANOSINE-5'-DIPHOSPHATE"  443.201   1  ? ? ?                 ? 
4 water       nat water                       18.015    94 ? ? ?                 ? 
# 
_entity_name_com.entity_id   1 
_entity_name_com.name        p23 
# 
_entity_poly.entity_id                      1 
_entity_poly.type                           'polypeptide(L)' 
_entity_poly.nstd_linkage                   no 
_entity_poly.nstd_monomer                   no 
_entity_poly.pdbx_seq_one_letter_code       
;SMDPPPSETHKLVVVGGGGVGKSALTIQFIQSYFVSDYDPTIEDSYTKICSVDGIPARLDILDTAGQEEFGAMREQYMRA
GHGFLLVFAINDRQSFNEVGKLFTQILRVKDRDDFPVVLVGNKADLESQRQVPRSEASAFGASHHVAYFEASAKLRLNVD
EAFEQLVRAVRKYQEQELPPS
;
_entity_poly.pdbx_seq_one_letter_code_can   
;SMDPPPSETHKLVVVGGGGVGKSALTIQFIQSYFVSDYDPTIEDSYTKICSVDGIPARLDILDTAGQEEFGAMREQYMRA
GHGFLLVFAINDRQSFNEVGKLFTQILRVKDRDDFPVVLVGNKADLESQRQVPRSEASAFGASHHVAYFEASAKLRLNVD
EAFEQLVRAVRKYQEQELPPS
;
_entity_poly.pdbx_strand_id                 A 
_entity_poly.pdbx_target_identifier         ? 
# 
loop_
_entity_poly_seq.entity_id 
_entity_poly_seq.num 
_entity_poly_seq.mon_id 
_entity_poly_seq.hetero 
1 1   SER n 
1 2   MET n 
1 3   ASP n 
1 4   PRO n 
1 5   PRO n 
1 6   PRO n 
1 7   SER n 
1 8   GLU n 
1 9   THR n 
1 10  HIS n 
1 11  LYS n 
1 12  LEU n 
1 13  VAL n 
1 14  VAL n 
1 15  VAL n 
1 16  GLY n 
1 17  GLY n 
1 18  GLY n 
1 19  GLY n 
1 20  VAL n 
1 21  GLY n 
1 22  LYS n 
1 23  SER n 
1 24  ALA n 
1 25  LEU n 
1 26  THR n 
1 27  ILE n 
1 28  GLN n 
1 29  PHE n 
1 30  ILE n 
1 31  GLN n 
1 32  SER n 
1 33  TYR n 
1 34  PHE n 
1 35  VAL n 
1 36  SER n 
1 37  ASP n 
1 38  TYR n 
1 39  ASP n 
1 40  PRO n 
1 41  THR n 
1 42  ILE n 
1 43  GLU n 
1 44  ASP n 
1 45  SER n 
1 46  TYR n 
1 47  THR n 
1 48  LYS n 
1 49  ILE n 
1 50  CYS n 
1 51  SER n 
1 52  VAL n 
1 53  ASP n 
1 54  GLY n 
1 55  ILE n 
1 56  PRO n 
1 57  ALA n 
1 58  ARG n 
1 59  LEU n 
1 60  ASP n 
1 61  ILE n 
1 62  LEU n 
1 63  ASP n 
1 64  THR n 
1 65  ALA n 
1 66  GLY n 
1 67  GLN n 
1 68  GLU n 
1 69  GLU n 
1 70  PHE n 
1 71  GLY n 
1 72  ALA n 
1 73  MET n 
1 74  ARG n 
1 75  GLU n 
1 76  GLN n 
1 77  TYR n 
1 78  MET n 
1 79  ARG n 
1 80  ALA n 
1 81  GLY n 
1 82  HIS n 
1 83  GLY n 
1 84  PHE n 
1 85  LEU n 
1 86  LEU n 
1 87  VAL n 
1 88  PHE n 
1 89  ALA n 
1 90  ILE n 
1 91  ASN n 
1 92  ASP n 
1 93  ARG n 
1 94  GLN n 
1 95  SER n 
1 96  PHE n 
1 97  ASN n 
1 98  GLU n 
1 99  VAL n 
1 100 GLY n 
1 101 LYS n 
1 102 LEU n 
1 103 PHE n 
1 104 THR n 
1 105 GLN n 
1 106 ILE n 
1 107 LEU n 
1 108 ARG n 
1 109 VAL n 
1 110 LYS n 
1 111 ASP n 
1 112 ARG n 
1 113 ASP n 
1 114 ASP n 
1 115 PHE n 
1 116 PRO n 
1 117 VAL n 
1 118 VAL n 
1 119 LEU n 
1 120 VAL n 
1 121 GLY n 
1 122 ASN n 
1 123 LYS n 
1 124 ALA n 
1 125 ASP n 
1 126 LEU n 
1 127 GLU n 
1 128 SER n 
1 129 GLN n 
1 130 ARG n 
1 131 GLN n 
1 132 VAL n 
1 133 PRO n 
1 134 ARG n 
1 135 SER n 
1 136 GLU n 
1 137 ALA n 
1 138 SER n 
1 139 ALA n 
1 140 PHE n 
1 141 GLY n 
1 142 ALA n 
1 143 SER n 
1 144 HIS n 
1 145 HIS n 
1 146 VAL n 
1 147 ALA n 
1 148 TYR n 
1 149 PHE n 
1 150 GLU n 
1 151 ALA n 
1 152 SER n 
1 153 ALA n 
1 154 LYS n 
1 155 LEU n 
1 156 ARG n 
1 157 LEU n 
1 158 ASN n 
1 159 VAL n 
1 160 ASP n 
1 161 GLU n 
1 162 ALA n 
1 163 PHE n 
1 164 GLU n 
1 165 GLN n 
1 166 LEU n 
1 167 VAL n 
1 168 ARG n 
1 169 ALA n 
1 170 VAL n 
1 171 ARG n 
1 172 LYS n 
1 173 TYR n 
1 174 GLN n 
1 175 GLU n 
1 176 GLN n 
1 177 GLU n 
1 178 LEU n 
1 179 PRO n 
1 180 PRO n 
1 181 SER n 
# 
_entity_src_gen.entity_id                          1 
_entity_src_gen.pdbx_src_id                        1 
_entity_src_gen.pdbx_alt_source_flag               sample 
_entity_src_gen.pdbx_seq_type                      ? 
_entity_src_gen.pdbx_beg_seq_num                   ? 
_entity_src_gen.pdbx_end_seq_num                   ? 
_entity_src_gen.gene_src_common_name               human 
_entity_src_gen.gene_src_genus                     Homo 
_entity_src_gen.pdbx_gene_src_gene                 RRAS 
_entity_src_gen.gene_src_species                   ? 
_entity_src_gen.gene_src_strain                    ? 
_entity_src_gen.gene_src_tissue                    ? 
_entity_src_gen.gene_src_tissue_fraction           ? 
_entity_src_gen.gene_src_details                   ? 
_entity_src_gen.pdbx_gene_src_fragment             ? 
_entity_src_gen.pdbx_gene_src_scientific_name      'Homo sapiens' 
_entity_src_gen.pdbx_gene_src_ncbi_taxonomy_id     9606 
_entity_src_gen.pdbx_gene_src_variant              ? 
_entity_src_gen.pdbx_gene_src_cell_line            ? 
_entity_src_gen.pdbx_gene_src_atcc                 ? 
_entity_src_gen.pdbx_gene_src_organ                ? 
_entity_src_gen.pdbx_gene_src_organelle            ? 
_entity_src_gen.pdbx_gene_src_cell                 ? 
_entity_src_gen.pdbx_gene_src_cellular_location    ? 
_entity_src_gen.host_org_common_name               ? 
_entity_src_gen.pdbx_host_org_scientific_name      'Escherichia coli' 
_entity_src_gen.pdbx_host_org_ncbi_taxonomy_id     562 
_entity_src_gen.host_org_genus                     Escherichia 
_entity_src_gen.pdbx_host_org_gene                 ? 
_entity_src_gen.pdbx_host_org_organ                ? 
_entity_src_gen.host_org_species                   ? 
_entity_src_gen.pdbx_host_org_tissue               ? 
_entity_src_gen.pdbx_host_org_tissue_fraction      ? 
_entity_src_gen.pdbx_host_org_strain               'BL-21(DE3)R3' 
_entity_src_gen.pdbx_host_org_variant              ? 
_entity_src_gen.pdbx_host_org_cell_line            ? 
_entity_src_gen.pdbx_host_org_atcc                 ? 
_entity_src_gen.pdbx_host_org_culture_collection   ? 
_entity_src_gen.pdbx_host_org_cell                 ? 
_entity_src_gen.pdbx_host_org_organelle            ? 
_entity_src_gen.pdbx_host_org_cellular_location    ? 
_entity_src_gen.pdbx_host_org_vector_type          PLASMID 
_entity_src_gen.pdbx_host_org_vector               ? 
_entity_src_gen.host_org_details                   ? 
_entity_src_gen.expression_system_id               ? 
_entity_src_gen.plasmid_name                       pNIC28-Bsa4 
_entity_src_gen.plasmid_details                    ? 
_entity_src_gen.pdbx_description                   ? 
# 
_struct_ref.id                         1 
_struct_ref.db_name                    UNP 
_struct_ref.db_code                    RRAS_HUMAN 
_struct_ref.pdbx_db_accession          P10301 
_struct_ref.entity_id                  1 
_struct_ref.pdbx_seq_one_letter_code   
;DPPPSETHKLVVVGGGGVGKSALTIQFIQSYFVSDYDPTIEDSYTKICSVDGIPARLDILDTAGQEEFGAMREQYMRAGH
GFLLVFAINDRQSFNEVGKLFTQILRVKDRDDFPVVLVGNKADLESQRQVPRSEASAFGASHHVAYFEASAKLRLNVDEA
FEQLVRAVRKYQEQELPPS
;
_struct_ref.pdbx_align_begin           23 
_struct_ref.pdbx_db_isoform            ? 
# 
_struct_ref_seq.align_id                      1 
_struct_ref_seq.ref_id                        1 
_struct_ref_seq.pdbx_PDB_id_code              2FN4 
_struct_ref_seq.pdbx_strand_id                A 
_struct_ref_seq.seq_align_beg                 3 
_struct_ref_seq.pdbx_seq_align_beg_ins_code   ? 
_struct_ref_seq.seq_align_end                 181 
_struct_ref_seq.pdbx_seq_align_end_ins_code   ? 
_struct_ref_seq.pdbx_db_accession             P10301 
_struct_ref_seq.db_align_beg                  23 
_struct_ref_seq.pdbx_db_align_beg_ins_code    ? 
_struct_ref_seq.db_align_end                  201 
_struct_ref_seq.pdbx_db_align_end_ins_code    ? 
_struct_ref_seq.pdbx_auth_seq_align_beg       23 
_struct_ref_seq.pdbx_auth_seq_align_end       201 
# 
loop_
_struct_ref_seq_dif.align_id 
_struct_ref_seq_dif.pdbx_pdb_id_code 
_struct_ref_seq_dif.mon_id 
_struct_ref_seq_dif.pdbx_pdb_strand_id 
_struct_ref_seq_dif.seq_num 
_struct_ref_seq_dif.pdbx_pdb_ins_code 
_struct_ref_seq_dif.pdbx_seq_db_name 
_struct_ref_seq_dif.pdbx_seq_db_accession_code 
_struct_ref_seq_dif.db_mon_id 
_struct_ref_seq_dif.pdbx_seq_db_seq_num 
_struct_ref_seq_dif.details 
_struct_ref_seq_dif.pdbx_auth_seq_num 
_struct_ref_seq_dif.pdbx_ordinal 
1 2FN4 SER A 1 ? UNP P10301 ? ? 'cloning artifact' 21 1 
1 2FN4 MET A 2 ? UNP P10301 ? ? 'cloning artifact' 22 2 
# 
loop_
_chem_comp.id 
_chem_comp.type 
_chem_comp.mon_nstd_flag 
_chem_comp.name 
_chem_comp.pdbx_synonyms 
_chem_comp.formula 
_chem_comp.formula_weight 
ALA 'L-peptide linking' y ALANINE                    ? 'C3 H7 N O2'        89.093  
ARG 'L-peptide linking' y ARGININE                   ? 'C6 H15 N4 O2 1'    175.209 
ASN 'L-peptide linking' y ASPARAGINE                 ? 'C4 H8 N2 O3'       132.118 
ASP 'L-peptide linking' y 'ASPARTIC ACID'            ? 'C4 H7 N O4'        133.103 
CYS 'L-peptide linking' y CYSTEINE                   ? 'C3 H7 N O2 S'      121.158 
GDP 'RNA linking'       n "GUANOSINE-5'-DIPHOSPHATE" ? 'C10 H15 N5 O11 P2' 443.201 
GLN 'L-peptide linking' y GLUTAMINE                  ? 'C5 H10 N2 O3'      146.144 
GLU 'L-peptide linking' y 'GLUTAMIC ACID'            ? 'C5 H9 N O4'        147.129 
GLY 'peptide linking'   y GLYCINE                    ? 'C2 H5 N O2'        75.067  
HIS 'L-peptide linking' y HISTIDINE                  ? 'C6 H10 N3 O2 1'    156.162 
HOH non-polymer         . WATER                      ? 'H2 O'              18.015  
ILE 'L-peptide linking' y ISOLEUCINE                 ? 'C6 H13 N O2'       131.173 
LEU 'L-peptide linking' y LEUCINE                    ? 'C6 H13 N O2'       131.173 
LYS 'L-peptide linking' y LYSINE                     ? 'C6 H15 N2 O2 1'    147.195 
MET 'L-peptide linking' y METHIONINE                 ? 'C5 H11 N O2 S'     149.211 
MG  non-polymer         . 'MAGNESIUM ION'            ? 'Mg 2'              24.305  
PHE 'L-peptide linking' y PHENYLALANINE              ? 'C9 H11 N O2'       165.189 
PRO 'L-peptide linking' y PROLINE                    ? 'C5 H9 N O2'        115.130 
SER 'L-peptide linking' y SERINE                     ? 'C3 H7 N O3'        105.093 
THR 'L-peptide linking' y THREONINE                  ? 'C4 H9 N O3'        119.119 
TYR 'L-peptide linking' y TYROSINE                   ? 'C9 H11 N O3'       181.189 
VAL 'L-peptide linking' y VALINE                     ? 'C5 H11 N O2'       117.146 
# 
_exptl.entry_id          2FN4 
_exptl.method            'X-RAY DIFFRACTION' 
_exptl.crystals_number   1 
# 
_exptl_crystal.id                    1 
_exptl_crystal.density_meas          ? 
_exptl_crystal.density_Matthews      2.07 
_exptl_crystal.density_percent_sol   40.67 
_exptl_crystal.description           ? 
_exptl_crystal.F_000                 ? 
_exptl_crystal.preparation           ? 
# 
_exptl_crystal_grow.crystal_id      1 
_exptl_crystal_grow.method          'VAPOR DIFFUSION, SITTING DROP' 
_exptl_crystal_grow.temp            293 
_exptl_crystal_grow.temp_details    ? 
_exptl_crystal_grow.pH              7.5 
_exptl_crystal_grow.pdbx_details    '1.6M Na/KPO4, 0.1M HEPES, pH 7.5, VAPOR DIFFUSION, SITTING DROP, temperature 293K' 
_exptl_crystal_grow.pdbx_pH_range   . 
# 
_diffrn.id                     1 
_diffrn.ambient_temp           100 
_diffrn.ambient_temp_details   ? 
_diffrn.crystal_id             1 
# 
_diffrn_detector.diffrn_id              1 
_diffrn_detector.detector               CCD 
_diffrn_detector.type                   'MARMOSAIC 225 mm CCD' 
_diffrn_detector.pdbx_collection_date   2005-12-09 
_diffrn_detector.details                ? 
# 
_diffrn_radiation.diffrn_id                        1 
_diffrn_radiation.wavelength_id                    1 
_diffrn_radiation.pdbx_monochromatic_or_laue_m_l   M 
_diffrn_radiation.monochromator                    'Si (111)' 
_diffrn_radiation.pdbx_diffrn_protocol             'SINGLE WAVELENGTH' 
_diffrn_radiation.pdbx_scattering_type             x-ray 
# 
_diffrn_radiation_wavelength.id           1 
_diffrn_radiation_wavelength.wavelength   1.00008 
_diffrn_radiation_wavelength.wt           1.0 
# 
_diffrn_source.diffrn_id                   1 
_diffrn_source.source                      SYNCHROTRON 
_diffrn_source.type                        'SLS BEAMLINE X10SA' 
_diffrn_source.pdbx_synchrotron_site       SLS 
_diffrn_source.pdbx_synchrotron_beamline   X10SA 
_diffrn_source.pdbx_wavelength             ? 
_diffrn_source.pdbx_wavelength_list        1.00008 
# 
_reflns.entry_id                     2FN4 
_reflns.observed_criterion_sigma_I   0 
_reflns.observed_criterion_sigma_F   0 
_reflns.d_resolution_low             50 
_reflns.d_resolution_high            1.65 
_reflns.number_obs                   20362 
_reflns.number_all                   ? 
_reflns.percent_possible_obs         95.7 
_reflns.pdbx_Rmerge_I_obs            ? 
_reflns.pdbx_Rsym_value              ? 
_reflns.pdbx_netI_over_sigmaI        ? 
_reflns.B_iso_Wilson_estimate        ? 
_reflns.pdbx_redundancy              6.1 
_reflns.R_free_details               ? 
_reflns.limit_h_max                  ? 
_reflns.limit_h_min                  ? 
_reflns.limit_k_max                  ? 
_reflns.limit_k_min                  ? 
_reflns.limit_l_max                  ? 
_reflns.limit_l_min                  ? 
_reflns.observed_criterion_F_max     ? 
_reflns.observed_criterion_F_min     ? 
_reflns.pdbx_chi_squared             ? 
_reflns.pdbx_scaling_rejects         ? 
_reflns.pdbx_ordinal                 1 
_reflns.pdbx_diffrn_id               1 
# 
_reflns_shell.d_res_high             1.65 
_reflns_shell.d_res_low              1.71 
_reflns_shell.percent_possible_all   100.0 
_reflns_shell.Rmerge_I_obs           ? 
_reflns_shell.pdbx_Rsym_value        ? 
_reflns_shell.meanI_over_sigI_obs    ? 
_reflns_shell.pdbx_redundancy        5.1 
_reflns_shell.percent_possible_obs   ? 
_reflns_shell.number_unique_all      ? 
_reflns_shell.number_measured_all    ? 
_reflns_shell.number_measured_obs    ? 
_reflns_shell.number_unique_obs      ? 
_reflns_shell.pdbx_chi_squared       ? 
_reflns_shell.pdbx_ordinal           1 
_reflns_shell.pdbx_diffrn_id         1 
# 
_refine.entry_id                                 2FN4 
_refine.ls_number_reflns_obs                     19180 
_refine.ls_number_reflns_all                     19180 
_refine.pdbx_ls_sigma_I                          ? 
_refine.pdbx_ls_sigma_F                          0 
_refine.pdbx_data_cutoff_high_absF               ? 
_refine.pdbx_data_cutoff_low_absF                ? 
_refine.pdbx_data_cutoff_high_rms_absF           ? 
_refine.ls_d_res_low                             37.4 
_refine.ls_d_res_high                            1.65 
_refine.ls_percent_reflns_obs                    95.69 
_refine.ls_R_factor_obs                          0.2165 
_refine.ls_R_factor_all                          0.2165 
_refine.ls_R_factor_R_work                       0.21468 
_refine.ls_R_factor_R_free                       0.2506 
_refine.ls_R_factor_R_free_error                 ? 
_refine.ls_R_factor_R_free_error_details         ? 
_refine.ls_percent_reflns_R_free                 5.1 
_refine.ls_number_reflns_R_free                  1039 
_refine.ls_number_parameters                     ? 
_refine.ls_number_restraints                     ? 
_refine.occupancy_min                            ? 
_refine.occupancy_max                            ? 
_refine.correlation_coeff_Fo_to_Fc               0.962 
_refine.correlation_coeff_Fo_to_Fc_free          0.949 
_refine.B_iso_mean                               30.889 
_refine.aniso_B[1][1]                            0.33 
_refine.aniso_B[2][2]                            0.33 
_refine.aniso_B[3][3]                            -0.49 
_refine.aniso_B[1][2]                            0.16 
_refine.aniso_B[1][3]                            0.00 
_refine.aniso_B[2][3]                            0.00 
_refine.solvent_model_details                    MASK 
_refine.solvent_model_param_ksol                 ? 
_refine.solvent_model_param_bsol                 ? 
_refine.pdbx_solvent_vdw_probe_radii             1.40 
_refine.pdbx_solvent_ion_probe_radii             0.80 
_refine.pdbx_solvent_shrinkage_radii             0.80 
_refine.pdbx_ls_cross_valid_method               THROUGHOUT 
_refine.details                                  'HYDROGENS HAVE BEEN ADDED IN THE RIDING POSITIONS' 
_refine.pdbx_starting_model                      2ERY.pdb 
_refine.pdbx_method_to_determine_struct          'MOLECULAR REPLACEMENT' 
_refine.pdbx_isotropic_thermal_model             ? 
_refine.pdbx_stereochemistry_target_values       'MAXIMUM LIKELIHOOD' 
_refine.pdbx_stereochem_target_val_spec_case     ? 
_refine.pdbx_R_Free_selection_details            RANDOM 
_refine.pdbx_overall_ESU_R                       0.122 
_refine.pdbx_overall_ESU_R_Free                  0.118 
_refine.overall_SU_ML                            0.095 
_refine.overall_SU_B                             5.224 
_refine.ls_redundancy_reflns_obs                 ? 
_refine.B_iso_min                                ? 
_refine.B_iso_max                                ? 
_refine.overall_SU_R_Cruickshank_DPI             ? 
_refine.overall_SU_R_free                        ? 
_refine.ls_wR_factor_R_free                      ? 
_refine.ls_wR_factor_R_work                      ? 
_refine.overall_FOM_free_R_set                   ? 
_refine.overall_FOM_work_R_set                   ? 
_refine.pdbx_refine_id                           'X-RAY DIFFRACTION' 
_refine.pdbx_TLS_residual_ADP_flag               'LIKELY RESIDUAL' 
_refine.pdbx_diffrn_id                           1 
_refine.pdbx_overall_phase_error                 ? 
_refine.pdbx_overall_SU_R_free_Cruickshank_DPI   ? 
_refine.pdbx_overall_SU_R_Blow_DPI               ? 
_refine.pdbx_overall_SU_R_free_Blow_DPI          ? 
# 
_refine_hist.pdbx_refine_id                   'X-RAY DIFFRACTION' 
_refine_hist.cycle_id                         LAST 
_refine_hist.pdbx_number_atoms_protein        1344 
_refine_hist.pdbx_number_atoms_nucleic_acid   0 
_refine_hist.pdbx_number_atoms_ligand         29 
_refine_hist.number_atoms_solvent             94 
_refine_hist.number_atoms_total               1467 
_refine_hist.d_res_high                       1.65 
_refine_hist.d_res_low                        37.4 
# 
loop_
_refine_ls_restr.type 
_refine_ls_restr.dev_ideal 
_refine_ls_restr.dev_ideal_target 
_refine_ls_restr.weight 
_refine_ls_restr.number 
_refine_ls_restr.pdbx_refine_id 
_refine_ls_restr.pdbx_restraint_function 
r_bond_refined_d         0.012  0.022  ? 1411 'X-RAY DIFFRACTION' ? 
r_bond_other_d           0.002  0.020  ? 949  'X-RAY DIFFRACTION' ? 
r_angle_refined_deg      1.390  1.974  ? 1917 'X-RAY DIFFRACTION' ? 
r_angle_other_deg        0.936  3.000  ? 2295 'X-RAY DIFFRACTION' ? 
r_dihedral_angle_1_deg   6.168  5.000  ? 174  'X-RAY DIFFRACTION' ? 
r_dihedral_angle_2_deg   29.789 23.571 ? 70   'X-RAY DIFFRACTION' ? 
r_dihedral_angle_3_deg   13.135 15.000 ? 223  'X-RAY DIFFRACTION' ? 
r_dihedral_angle_4_deg   15.926 15.000 ? 12   'X-RAY DIFFRACTION' ? 
r_chiral_restr           0.088  0.200  ? 210  'X-RAY DIFFRACTION' ? 
r_gen_planes_refined     0.005  0.020  ? 1588 'X-RAY DIFFRACTION' ? 
r_gen_planes_other       0.001  0.020  ? 308  'X-RAY DIFFRACTION' ? 
r_nbd_refined            0.211  0.200  ? 281  'X-RAY DIFFRACTION' ? 
r_nbd_other              0.205  0.200  ? 1033 'X-RAY DIFFRACTION' ? 
r_nbtor_refined          0.179  0.200  ? 700  'X-RAY DIFFRACTION' ? 
r_nbtor_other            0.083  0.200  ? 742  'X-RAY DIFFRACTION' ? 
r_xyhbond_nbd_refined    0.163  0.200  ? 84   'X-RAY DIFFRACTION' ? 
r_metal_ion_refined      0.160  0.200  ? 1    'X-RAY DIFFRACTION' ? 
r_symmetry_vdw_refined   0.184  0.200  ? 10   'X-RAY DIFFRACTION' ? 
r_symmetry_vdw_other     0.224  0.200  ? 23   'X-RAY DIFFRACTION' ? 
r_symmetry_hbond_refined 0.183  0.200  ? 9    'X-RAY DIFFRACTION' ? 
r_mcbond_it              0.776  1.500  ? 927  'X-RAY DIFFRACTION' ? 
r_mcbond_other           0.198  1.500  ? 355  'X-RAY DIFFRACTION' ? 
r_mcangle_it             1.077  2.000  ? 1384 'X-RAY DIFFRACTION' ? 
r_scbond_it              1.741  3.000  ? 599  'X-RAY DIFFRACTION' ? 
r_scangle_it             2.585  4.500  ? 532  'X-RAY DIFFRACTION' ? 
# 
_refine_ls_shell.pdbx_total_number_of_bins_used   20 
_refine_ls_shell.d_res_high                       1.650 
_refine_ls_shell.d_res_low                        1.693 
_refine_ls_shell.number_reflns_R_work             1446 
_refine_ls_shell.R_factor_R_work                  0.27 
_refine_ls_shell.percent_reflns_obs               100.00 
_refine_ls_shell.R_factor_R_free                  0.304 
_refine_ls_shell.R_factor_R_free_error            ? 
_refine_ls_shell.percent_reflns_R_free            ? 
_refine_ls_shell.number_reflns_R_free             85 
_refine_ls_shell.number_reflns_all                ? 
_refine_ls_shell.R_factor_all                     ? 
_refine_ls_shell.number_reflns_obs                ? 
_refine_ls_shell.redundancy_reflns_obs            ? 
_refine_ls_shell.pdbx_refine_id                   'X-RAY DIFFRACTION' 
# 
_struct.entry_id                  2FN4 
_struct.title                     'The crystal structure of human Ras-related protein, RRAS, in the GDP-bound state' 
_struct.pdbx_model_details        ? 
_struct.pdbx_CASP_flag            ? 
_struct.pdbx_model_type_details   ? 
# 
_struct_keywords.entry_id        2FN4 
_struct_keywords.pdbx_keywords   'SIGNALING PROTEIN' 
_struct_keywords.text            
'RRAS, GDP/GTP binding, GTP hydrolysis, Structural Genomics, Structural Genomics Consortium, SGC, SIGNALING PROTEIN' 
# 
loop_
_struct_asym.id 
_struct_asym.pdbx_blank_PDB_chainid_flag 
_struct_asym.pdbx_modified 
_struct_asym.entity_id 
_struct_asym.details 
A N N 1 ? 
B N N 2 ? 
C N N 3 ? 
D N N 4 ? 
# 
_struct_biol.id   1 
# 
loop_
_struct_conf.conf_type_id 
_struct_conf.id 
_struct_conf.pdbx_PDB_helix_id 
_struct_conf.beg_label_comp_id 
_struct_conf.beg_label_asym_id 
_struct_conf.beg_label_seq_id 
_struct_conf.pdbx_beg_PDB_ins_code 
_struct_conf.end_label_comp_id 
_struct_conf.end_label_asym_id 
_struct_conf.end_label_seq_id 
_struct_conf.pdbx_end_PDB_ins_code 
_struct_conf.beg_auth_comp_id 
_struct_conf.beg_auth_asym_id 
_struct_conf.beg_auth_seq_id 
_struct_conf.end_auth_comp_id 
_struct_conf.end_auth_asym_id 
_struct_conf.end_auth_seq_id 
_struct_conf.pdbx_PDB_helix_class 
_struct_conf.details 
_struct_conf.pdbx_PDB_helix_length 
HELX_P HELX_P1 1 GLY A 21  ? SER A 32  ? GLY A 41  SER A 52  1 ? 12 
HELX_P HELX_P2 2 MET A 73  ? GLY A 81  ? MET A 93  GLY A 101 1 ? 9  
HELX_P HELX_P3 3 ASP A 92  ? ASP A 111 ? ASP A 112 ASP A 131 1 ? 20 
HELX_P HELX_P4 4 LYS A 123 ? ARG A 130 ? LYS A 143 ARG A 150 5 ? 8  
HELX_P HELX_P5 5 PRO A 133 ? HIS A 144 ? PRO A 153 HIS A 164 1 ? 12 
HELX_P HELX_P6 6 ASN A 158 ? GLN A 174 ? ASN A 178 GLN A 194 1 ? 17 
# 
_struct_conf_type.id          HELX_P 
_struct_conf_type.criteria    ? 
_struct_conf_type.reference   ? 
# 
loop_
_struct_conn.id 
_struct_conn.conn_type_id 
_struct_conn.pdbx_leaving_atom_flag 
_struct_conn.pdbx_PDB_id 
_struct_conn.ptnr1_label_asym_id 
_struct_conn.ptnr1_label_comp_id 
_struct_conn.ptnr1_label_seq_id 
_struct_conn.ptnr1_label_atom_id 
_struct_conn.pdbx_ptnr1_label_alt_id 
_struct_conn.pdbx_ptnr1_PDB_ins_code 
_struct_conn.pdbx_ptnr1_standard_comp_id 
_struct_conn.ptnr1_symmetry 
_struct_conn.ptnr2_label_asym_id 
_struct_conn.ptnr2_label_comp_id 
_struct_conn.ptnr2_label_seq_id 
_struct_conn.ptnr2_label_atom_id 
_struct_conn.pdbx_ptnr2_label_alt_id 
_struct_conn.pdbx_ptnr2_PDB_ins_code 
_struct_conn.ptnr1_auth_asym_id 
_struct_conn.ptnr1_auth_comp_id 
_struct_conn.ptnr1_auth_seq_id 
_struct_conn.ptnr2_auth_asym_id 
_struct_conn.ptnr2_auth_comp_id 
_struct_conn.ptnr2_auth_seq_id 
_struct_conn.ptnr2_symmetry 
_struct_conn.pdbx_ptnr3_label_atom_id 
_struct_conn.pdbx_ptnr3_label_seq_id 
_struct_conn.pdbx_ptnr3_label_comp_id 
_struct_conn.pdbx_ptnr3_label_asym_id 
_struct_conn.pdbx_ptnr3_label_alt_id 
_struct_conn.pdbx_ptnr3_PDB_ins_code 
_struct_conn.details 
_struct_conn.pdbx_dist_value 
_struct_conn.pdbx_value_order 
_struct_conn.pdbx_role 
metalc1 metalc ? ? C GDP . O2B ? ? ? 1_555 B MG  .  MG ? ? A GDP 1 A MG  2   1_555 ? ? ? ? ? ? ? 2.076 ? ? 
metalc2 metalc ? ? B MG  . MG  ? ? ? 1_555 A SER 23 OG ? ? A MG  2 A SER 43  1_555 ? ? ? ? ? ? ? 2.108 ? ? 
metalc3 metalc ? ? B MG  . MG  ? ? ? 1_555 D HOH .  O  ? ? A MG  2 A HOH 230 1_555 ? ? ? ? ? ? ? 2.079 ? ? 
metalc4 metalc ? ? B MG  . MG  ? ? ? 1_555 D HOH .  O  ? ? A MG  2 A HOH 236 1_555 ? ? ? ? ? ? ? 2.383 ? ? 
metalc5 metalc ? ? B MG  . MG  ? ? ? 1_555 D HOH .  O  ? ? A MG  2 A HOH 240 1_555 ? ? ? ? ? ? ? 2.165 ? ? 
metalc6 metalc ? ? B MG  . MG  ? ? ? 1_555 D HOH .  O  ? ? A MG  2 A HOH 249 1_555 ? ? ? ? ? ? ? 1.830 ? ? 
# 
_struct_conn_type.id          metalc 
_struct_conn_type.criteria    ? 
_struct_conn_type.reference   ? 
# 
_struct_sheet.id               A 
_struct_sheet.type             ? 
_struct_sheet.number_strands   6 
_struct_sheet.details          ? 
# 
loop_
_struct_sheet_order.sheet_id 
_struct_sheet_order.range_id_1 
_struct_sheet_order.range_id_2 
_struct_sheet_order.offset 
_struct_sheet_order.sense 
A 1 2 ? anti-parallel 
A 2 3 ? parallel      
A 3 4 ? parallel      
A 4 5 ? parallel      
A 5 6 ? parallel      
# 
loop_
_struct_sheet_range.sheet_id 
_struct_sheet_range.id 
_struct_sheet_range.beg_label_comp_id 
_struct_sheet_range.beg_label_asym_id 
_struct_sheet_range.beg_label_seq_id 
_struct_sheet_range.pdbx_beg_PDB_ins_code 
_struct_sheet_range.end_label_comp_id 
_struct_sheet_range.end_label_asym_id 
_struct_sheet_range.end_label_seq_id 
_struct_sheet_range.pdbx_end_PDB_ins_code 
_struct_sheet_range.beg_auth_comp_id 
_struct_sheet_range.beg_auth_asym_id 
_struct_sheet_range.beg_auth_seq_id 
_struct_sheet_range.end_auth_comp_id 
_struct_sheet_range.end_auth_asym_id 
_struct_sheet_range.end_auth_seq_id 
A 1 ASP A 44  ? VAL A 52  ? ASP A 64  VAL A 72  
A 2 ILE A 55  ? ASP A 63  ? ILE A 75  ASP A 83  
A 3 THR A 9   ? GLY A 16  ? THR A 29  GLY A 36  
A 4 GLY A 83  ? ALA A 89  ? GLY A 103 ALA A 109 
A 5 VAL A 117 ? ASN A 122 ? VAL A 137 ASN A 142 
A 6 ALA A 147 ? GLU A 150 ? ALA A 167 GLU A 170 
# 
loop_
_pdbx_struct_sheet_hbond.sheet_id 
_pdbx_struct_sheet_hbond.range_id_1 
_pdbx_struct_sheet_hbond.range_id_2 
_pdbx_struct_sheet_hbond.range_1_label_atom_id 
_pdbx_struct_sheet_hbond.range_1_label_comp_id 
_pdbx_struct_sheet_hbond.range_1_label_asym_id 
_pdbx_struct_sheet_hbond.range_1_label_seq_id 
_pdbx_struct_sheet_hbond.range_1_PDB_ins_code 
_pdbx_struct_sheet_hbond.range_1_auth_atom_id 
_pdbx_struct_sheet_hbond.range_1_auth_comp_id 
_pdbx_struct_sheet_hbond.range_1_auth_asym_id 
_pdbx_struct_sheet_hbond.range_1_auth_seq_id 
_pdbx_struct_sheet_hbond.range_2_label_atom_id 
_pdbx_struct_sheet_hbond.range_2_label_comp_id 
_pdbx_struct_sheet_hbond.range_2_label_asym_id 
_pdbx_struct_sheet_hbond.range_2_label_seq_id 
_pdbx_struct_sheet_hbond.range_2_PDB_ins_code 
_pdbx_struct_sheet_hbond.range_2_auth_atom_id 
_pdbx_struct_sheet_hbond.range_2_auth_comp_id 
_pdbx_struct_sheet_hbond.range_2_auth_asym_id 
_pdbx_struct_sheet_hbond.range_2_auth_seq_id 
A 1 2 N LYS A 48  ? N LYS A 68  O LEU A 59  ? O LEU A 79  
A 2 3 O ARG A 58  ? O ARG A 78  N HIS A 10  ? N HIS A 30  
A 3 4 N VAL A 15  ? N VAL A 35  O VAL A 87  ? O VAL A 107 
A 4 5 N PHE A 88  ? N PHE A 108 O ASN A 122 ? O ASN A 142 
A 5 6 N GLY A 121 ? N GLY A 141 O PHE A 149 ? O PHE A 169 
# 
loop_
_struct_site.id 
_struct_site.pdbx_evidence_code 
_struct_site.pdbx_auth_asym_id 
_struct_site.pdbx_auth_comp_id 
_struct_site.pdbx_auth_seq_id 
_struct_site.pdbx_auth_ins_code 
_struct_site.pdbx_num_residues 
_struct_site.details 
AC1 Software A MG  2 ? 6  'BINDING SITE FOR RESIDUE MG A 2'  
AC2 Software A GDP 1 ? 24 'BINDING SITE FOR RESIDUE GDP A 1' 
# 
loop_
_struct_site_gen.id 
_struct_site_gen.site_id 
_struct_site_gen.pdbx_num_res 
_struct_site_gen.label_comp_id 
_struct_site_gen.label_asym_id 
_struct_site_gen.label_seq_id 
_struct_site_gen.pdbx_auth_ins_code 
_struct_site_gen.auth_comp_id 
_struct_site_gen.auth_asym_id 
_struct_site_gen.auth_seq_id 
_struct_site_gen.label_atom_id 
_struct_site_gen.label_alt_id 
_struct_site_gen.symmetry 
_struct_site_gen.details 
1  AC1 6  GDP C .   ? GDP A 1   . ? 1_555 ? 
2  AC1 6  SER A 23  ? SER A 43  . ? 1_555 ? 
3  AC1 6  HOH D .   ? HOH A 230 . ? 1_555 ? 
4  AC1 6  HOH D .   ? HOH A 236 . ? 1_555 ? 
5  AC1 6  HOH D .   ? HOH A 240 . ? 1_555 ? 
6  AC1 6  HOH D .   ? HOH A 249 . ? 1_555 ? 
7  AC2 24 MG  B .   ? MG  A 2   . ? 1_555 ? 
8  AC2 24 GLY A 19  ? GLY A 39  . ? 1_555 ? 
9  AC2 24 VAL A 20  ? VAL A 40  . ? 1_555 ? 
10 AC2 24 GLY A 21  ? GLY A 41  . ? 1_555 ? 
11 AC2 24 LYS A 22  ? LYS A 42  . ? 1_555 ? 
12 AC2 24 SER A 23  ? SER A 43  . ? 1_555 ? 
13 AC2 24 ALA A 24  ? ALA A 44  . ? 1_555 ? 
14 AC2 24 SER A 36  ? SER A 56  . ? 1_555 ? 
15 AC2 24 ASN A 122 ? ASN A 142 . ? 1_555 ? 
16 AC2 24 LYS A 123 ? LYS A 143 . ? 1_555 ? 
17 AC2 24 ASP A 125 ? ASP A 145 . ? 1_555 ? 
18 AC2 24 LEU A 126 ? LEU A 146 . ? 1_555 ? 
19 AC2 24 SER A 152 ? SER A 172 . ? 1_555 ? 
20 AC2 24 ALA A 153 ? ALA A 173 . ? 1_555 ? 
21 AC2 24 LYS A 154 ? LYS A 174 . ? 1_555 ? 
22 AC2 24 HOH D .   ? HOH A 230 . ? 1_555 ? 
23 AC2 24 HOH D .   ? HOH A 236 . ? 1_555 ? 
24 AC2 24 HOH D .   ? HOH A 249 . ? 1_555 ? 
25 AC2 24 HOH D .   ? HOH A 251 . ? 1_555 ? 
26 AC2 24 HOH D .   ? HOH A 267 . ? 1_555 ? 
27 AC2 24 HOH D .   ? HOH A 268 . ? 1_555 ? 
28 AC2 24 HOH D .   ? HOH A 277 . ? 1_555 ? 
29 AC2 24 HOH D .   ? HOH A 283 . ? 1_445 ? 
30 AC2 24 HOH D .   ? HOH A 293 . ? 1_555 ? 
# 
_atom_sites.entry_id                    2FN4 
_atom_sites.fract_transf_matrix[1][1]   -0.01621602 
_atom_sites.fract_transf_matrix[1][2]   -0.01878477 
_atom_sites.fract_transf_matrix[1][3]   -0.01001025 
_atom_sites.fract_transf_matrix[2][1]   -0.00374380 
_atom_sites.fract_transf_matrix[2][2]   -0.02291494 
_atom_sites.fract_transf_matrix[2][3]   0.01330164 
_atom_sites.fract_transf_matrix[3][1]   -0.00497018 
_atom_sites.fract_transf_matrix[3][2]   0.00262561 
_atom_sites.fract_transf_matrix[3][3]   0.00312430 
_atom_sites.fract_transf_vector[1]      0.572738 
_atom_sites.fract_transf_vector[2]      0.924754 
_atom_sites.fract_transf_vector[3]      0.081720 
# 
loop_
_atom_type.symbol 
C  
MG 
N  
O  
P  
S  
# 
loop_
_atom_site.group_PDB 
_atom_site.id 
_atom_site.type_symbol 
_atom_site.label_atom_id 
_atom_site.label_alt_id 
_atom_site.label_comp_id 
_atom_site.label_asym_id 
_atom_site.label_entity_id 
_atom_site.label_seq_id 
_atom_site.pdbx_PDB_ins_code 
_atom_site.Cartn_x 
_atom_site.Cartn_y 
_atom_site.Cartn_z 
_atom_site.occupancy 
_atom_site.B_iso_or_equiv 
_atom_site.pdbx_formal_charge 
_atom_site.auth_seq_id 
_atom_site.auth_comp_id 
_atom_site.auth_asym_id 
_atom_site.auth_atom_id 
_atom_site.pdbx_PDB_model_num 
ATOM   1    N  N     . PRO A 1 4   ? -14.423 2.816   -18.216 1.00 48.29 ? 24  PRO A N     1 
ATOM   2    C  CA    . PRO A 1 4   ? -15.568 2.094   -17.664 1.00 48.17 ? 24  PRO A CA    1 
ATOM   3    C  C     . PRO A 1 4   ? -15.356 0.575   -17.431 1.00 48.10 ? 24  PRO A C     1 
ATOM   4    O  O     . PRO A 1 4   ? -16.306 -0.193  -17.596 1.00 48.24 ? 24  PRO A O     1 
ATOM   5    C  CB    . PRO A 1 4   ? -16.610 2.282   -18.775 1.00 48.08 ? 24  PRO A CB    1 
ATOM   6    C  CG    . PRO A 1 4   ? -15.745 2.226   -20.068 1.00 47.97 ? 24  PRO A CG    1 
ATOM   7    C  CD    . PRO A 1 4   ? -14.305 2.559   -19.661 1.00 48.03 ? 24  PRO A CD    1 
ATOM   8    N  N     . PRO A 1 5   ? -14.136 0.130   -17.053 1.00 47.74 ? 25  PRO A N     1 
ATOM   9    C  CA    . PRO A 1 5   ? -13.925 -1.330  -16.924 1.00 47.68 ? 25  PRO A CA    1 
ATOM   10   C  C     . PRO A 1 5   ? -15.014 -2.100  -16.134 1.00 47.70 ? 25  PRO A C     1 
ATOM   11   O  O     . PRO A 1 5   ? -15.740 -1.493  -15.341 1.00 47.77 ? 25  PRO A O     1 
ATOM   12   C  CB    . PRO A 1 5   ? -12.585 -1.437  -16.172 1.00 47.54 ? 25  PRO A CB    1 
ATOM   13   C  CG    . PRO A 1 5   ? -12.003 -0.073  -16.124 1.00 47.17 ? 25  PRO A CG    1 
ATOM   14   C  CD    . PRO A 1 5   ? -12.911 0.901   -16.761 1.00 47.87 ? 25  PRO A CD    1 
ATOM   15   N  N     . PRO A 1 6   ? -15.105 -3.436  -16.328 1.00 47.68 ? 26  PRO A N     1 
ATOM   16   C  CA    . PRO A 1 6   ? -16.071 -4.274  -15.598 1.00 47.43 ? 26  PRO A CA    1 
ATOM   17   C  C     . PRO A 1 6   ? -15.506 -4.764  -14.235 1.00 47.35 ? 26  PRO A C     1 
ATOM   18   O  O     . PRO A 1 6   ? -15.310 -3.942  -13.333 1.00 47.05 ? 26  PRO A O     1 
ATOM   19   C  CB    . PRO A 1 6   ? -16.328 -5.412  -16.588 1.00 47.69 ? 26  PRO A CB    1 
ATOM   20   C  CG    . PRO A 1 6   ? -14.983 -5.604  -17.261 1.00 48.04 ? 26  PRO A CG    1 
ATOM   21   C  CD    . PRO A 1 6   ? -14.289 -4.246  -17.256 1.00 47.67 ? 26  PRO A CD    1 
ATOM   22   N  N     . SER A 1 7   ? -15.226 -6.068  -14.095 1.00 47.07 ? 27  SER A N     1 
ATOM   23   C  CA    . SER A 1 7   ? -14.605 -6.638  -12.885 1.00 46.69 ? 27  SER A CA    1 
ATOM   24   C  C     . SER A 1 7   ? -13.097 -6.351  -12.824 1.00 45.79 ? 27  SER A C     1 
ATOM   25   O  O     . SER A 1 7   ? -12.349 -6.987  -12.065 1.00 45.17 ? 27  SER A O     1 
ATOM   26   C  CB    . SER A 1 7   ? -14.870 -8.148  -12.812 1.00 46.99 ? 27  SER A CB    1 
ATOM   27   O  OG    . SER A 1 7   ? -14.658 -8.788  -14.069 1.00 47.73 ? 27  SER A OG    1 
ATOM   28   N  N     . GLU A 1 8   ? -12.671 -5.409  -13.664 1.00 44.78 ? 28  GLU A N     1 
ATOM   29   C  CA    . GLU A 1 8   ? -11.407 -4.729  -13.533 1.00 43.80 ? 28  GLU A CA    1 
ATOM   30   C  C     . GLU A 1 8   ? -11.629 -3.413  -12.778 1.00 43.34 ? 28  GLU A C     1 
ATOM   31   O  O     . GLU A 1 8   ? -11.064 -2.394  -13.150 1.00 43.56 ? 28  GLU A O     1 
ATOM   32   C  CB    . GLU A 1 8   ? -10.807 -4.465  -14.924 1.00 43.63 ? 28  GLU A CB    1 
ATOM   33   C  CG    . GLU A 1 8   ? -10.258 -5.711  -15.603 1.00 43.72 ? 28  GLU A CG    1 
ATOM   34   C  CD    . GLU A 1 8   ? -9.098  -6.337  -14.825 1.00 42.65 ? 28  GLU A CD    1 
ATOM   35   O  OE1   . GLU A 1 8   ? -8.868  -7.547  -15.006 1.00 42.88 ? 28  GLU A OE1   1 
ATOM   36   O  OE2   . GLU A 1 8   ? -8.431  -5.633  -14.016 1.00 45.88 ? 28  GLU A OE2   1 
ATOM   37   N  N     . THR A 1 9   ? -12.487 -3.447  -11.749 1.00 42.58 ? 29  THR A N     1 
ATOM   38   C  CA    . THR A 1 9   ? -12.653 -2.344  -10.792 1.00 41.93 ? 29  THR A CA    1 
ATOM   39   C  C     . THR A 1 9   ? -12.200 -2.826  -9.421  1.00 40.63 ? 29  THR A C     1 
ATOM   40   O  O     . THR A 1 9   ? -12.822 -3.707  -8.825  1.00 40.88 ? 29  THR A O     1 
ATOM   41   C  CB    . THR A 1 9   ? -14.111 -1.875  -10.684 1.00 41.81 ? 29  THR A CB    1 
ATOM   42   O  OG1   . THR A 1 9   ? -14.498 -1.242  -11.908 1.00 41.76 ? 29  THR A OG1   1 
ATOM   43   C  CG2   . THR A 1 9   ? -14.269 -0.882  -9.515  1.00 42.31 ? 29  THR A CG2   1 
ATOM   44   N  N     . HIS A 1 10  ? -11.109 -2.249  -8.926  1.00 39.18 ? 30  HIS A N     1 
ATOM   45   C  CA    . HIS A 1 10  ? -10.422 -2.783  -7.768  1.00 37.59 ? 30  HIS A CA    1 
ATOM   46   C  C     . HIS A 1 10  ? -10.376 -1.758  -6.634  1.00 36.57 ? 30  HIS A C     1 
ATOM   47   O  O     . HIS A 1 10  ? -9.893  -0.643  -6.809  1.00 36.13 ? 30  HIS A O     1 
ATOM   48   C  CB    . HIS A 1 10  ? -8.996  -3.210  -8.150  1.00 37.83 ? 30  HIS A CB    1 
ATOM   49   C  CG    . HIS A 1 10  ? -8.929  -4.147  -9.319  1.00 37.23 ? 30  HIS A CG    1 
ATOM   50   N  ND1   . HIS A 1 10  ? -9.401  -5.442  -9.269  1.00 39.35 ? 30  HIS A ND1   1 
ATOM   51   C  CD2   . HIS A 1 10  ? -8.459  -3.969  -10.577 1.00 40.14 ? 30  HIS A CD2   1 
ATOM   52   C  CE1   . HIS A 1 10  ? -9.221  -6.021  -10.445 1.00 40.56 ? 30  HIS A CE1   1 
ATOM   53   N  NE2   . HIS A 1 10  ? -8.653  -5.146  -11.258 1.00 39.72 ? 30  HIS A NE2   1 
ATOM   54   N  N     . LYS A 1 11  ? -10.874 -2.161  -5.473  1.00 35.32 ? 31  LYS A N     1 
ATOM   55   C  CA    . LYS A 1 11  ? -10.829 -1.339  -4.285  1.00 35.20 ? 31  LYS A CA    1 
ATOM   56   C  C     . LYS A 1 11  ? -9.510  -1.634  -3.584  1.00 34.10 ? 31  LYS A C     1 
ATOM   57   O  O     . LYS A 1 11  ? -9.322  -2.720  -3.033  1.00 34.91 ? 31  LYS A O     1 
ATOM   58   C  CB    . LYS A 1 11  ? -12.022 -1.647  -3.384  1.00 35.08 ? 31  LYS A CB    1 
ATOM   59   C  CG    . LYS A 1 11  ? -13.374 -1.336  -4.036  1.00 35.73 ? 31  LYS A CG    1 
ATOM   60   N  N     . LEU A 1 12  ? -8.603  -0.670  -3.629  1.00 33.92 ? 32  LEU A N     1 
ATOM   61   C  CA    . LEU A 1 12  ? -7.270  -0.815  -3.030  1.00 33.50 ? 32  LEU A CA    1 
ATOM   62   C  C     . LEU A 1 12  ? -7.225  0.054   -1.769  1.00 33.48 ? 32  LEU A C     1 
ATOM   63   O  O     . LEU A 1 12  ? -7.811  1.139   -1.745  1.00 33.95 ? 32  LEU A O     1 
ATOM   64   C  CB    . LEU A 1 12  ? -6.175  -0.370  -3.998  1.00 33.77 ? 32  LEU A CB    1 
ATOM   65   C  CG    . LEU A 1 12  ? -6.191  -0.983  -5.413  1.00 34.46 ? 32  LEU A CG    1 
ATOM   66   C  CD1   . LEU A 1 12  ? -5.013  -0.500  -6.226  1.00 36.34 ? 32  LEU A CD1   1 
ATOM   67   C  CD2   . LEU A 1 12  ? -6.210  -2.496  -5.343  1.00 35.92 ? 32  LEU A CD2   1 
ATOM   68   N  N     . VAL A 1 13  ? -6.537  -0.429  -0.743  1.00 32.98 ? 33  VAL A N     1 
ATOM   69   C  CA    . VAL A 1 13  ? -6.409  0.295   0.518   1.00 32.40 ? 33  VAL A CA    1 
ATOM   70   C  C     . VAL A 1 13  ? -4.928  0.460   0.866   1.00 32.98 ? 33  VAL A C     1 
ATOM   71   O  O     . VAL A 1 13  ? -4.183  -0.525  0.873   1.00 32.87 ? 33  VAL A O     1 
ATOM   72   C  CB    . VAL A 1 13  ? -7.141  -0.466  1.643   1.00 32.78 ? 33  VAL A CB    1 
ATOM   73   C  CG1   . VAL A 1 13  ? -7.048  0.289   2.980   1.00 33.38 ? 33  VAL A CG1   1 
ATOM   74   C  CG2   . VAL A 1 13  ? -8.610  -0.715  1.264   1.00 31.86 ? 33  VAL A CG2   1 
ATOM   75   N  N     . VAL A 1 14  ? -4.512  1.692   1.157   1.00 31.62 ? 34  VAL A N     1 
ATOM   76   C  CA    . VAL A 1 14  ? -3.119  1.992   1.562   1.00 32.41 ? 34  VAL A CA    1 
ATOM   77   C  C     . VAL A 1 14  ? -3.124  2.131   3.071   1.00 32.53 ? 34  VAL A C     1 
ATOM   78   O  O     . VAL A 1 14  ? -3.848  2.987   3.614   1.00 32.28 ? 34  VAL A O     1 
ATOM   79   C  CB    . VAL A 1 14  ? -2.603  3.288   0.887   1.00 32.28 ? 34  VAL A CB    1 
ATOM   80   C  CG1   . VAL A 1 14  ? -1.142  3.606   1.275   1.00 32.98 ? 34  VAL A CG1   1 
ATOM   81   C  CG2   . VAL A 1 14  ? -2.788  3.209   -0.626  1.00 33.04 ? 34  VAL A CG2   1 
ATOM   82   N  N     . VAL A 1 15  ? -2.331  1.283   3.735   1.00 32.82 ? 35  VAL A N     1 
ATOM   83   C  CA    . VAL A 1 15  ? -2.304  1.126   5.180   1.00 32.67 ? 35  VAL A CA    1 
ATOM   84   C  C     . VAL A 1 15  ? -0.868  1.203   5.687   1.00 33.20 ? 35  VAL A C     1 
ATOM   85   O  O     . VAL A 1 15  ? 0.073   0.974   4.929   1.00 33.11 ? 35  VAL A O     1 
ATOM   86   C  CB    . VAL A 1 15  ? -2.921  -0.238  5.625   1.00 33.40 ? 35  VAL A CB    1 
ATOM   87   C  CG1   . VAL A 1 15  ? -4.404  -0.275  5.297   1.00 34.66 ? 35  VAL A CG1   1 
ATOM   88   C  CG2   . VAL A 1 15  ? -2.221  -1.411  4.976   1.00 34.26 ? 35  VAL A CG2   1 
ATOM   89   N  N     . GLY A 1 16  ? -0.724  1.547   6.967   1.00 33.39 ? 36  GLY A N     1 
ATOM   90   C  CA    . GLY A 1 16  ? 0.595   1.636   7.564   1.00 33.33 ? 36  GLY A CA    1 
ATOM   91   C  C     . GLY A 1 16  ? 0.582   2.697   8.633   1.00 33.69 ? 36  GLY A C     1 
ATOM   92   O  O     . GLY A 1 16  ? -0.398  3.424   8.772   1.00 33.72 ? 36  GLY A O     1 
ATOM   93   N  N     . GLY A 1 17  ? 1.669   2.795   9.385   1.00 33.69 ? 37  GLY A N     1 
ATOM   94   C  CA    . GLY A 1 17  ? 1.733   3.722   10.490  1.00 34.45 ? 37  GLY A CA    1 
ATOM   95   C  C     . GLY A 1 17  ? 1.715   5.161   10.034  1.00 34.15 ? 37  GLY A C     1 
ATOM   96   O  O     . GLY A 1 17  ? 1.932   5.460   8.858   1.00 35.56 ? 37  GLY A O     1 
ATOM   97   N  N     . GLY A 1 18  ? 1.452   6.069   10.971  1.00 35.46 ? 38  GLY A N     1 
ATOM   98   C  CA    . GLY A 1 18  ? 1.428   7.476   10.613  1.00 35.22 ? 38  GLY A CA    1 
ATOM   99   C  C     . GLY A 1 18  ? 2.815   7.923   10.224  1.00 35.01 ? 38  GLY A C     1 
ATOM   100  O  O     . GLY A 1 18  ? 3.810   7.444   10.784  1.00 35.82 ? 38  GLY A O     1 
ATOM   101  N  N     . GLY A 1 19  ? 2.874   8.842   9.269   1.00 34.68 ? 39  GLY A N     1 
ATOM   102  C  CA    . GLY A 1 19  ? 4.124   9.482   8.887   1.00 34.05 ? 39  GLY A CA    1 
ATOM   103  C  C     . GLY A 1 19  ? 5.033   8.683   7.975   1.00 33.59 ? 39  GLY A C     1 
ATOM   104  O  O     . GLY A 1 19  ? 6.162   9.084   7.725   1.00 33.30 ? 39  GLY A O     1 
ATOM   105  N  N     . VAL A 1 20  ? 4.549   7.546   7.489   1.00 32.57 ? 40  VAL A N     1 
ATOM   106  C  CA    . VAL A 1 20  ? 5.356   6.678   6.605   1.00 32.84 ? 40  VAL A CA    1 
ATOM   107  C  C     . VAL A 1 20  ? 5.335   7.123   5.162   1.00 33.28 ? 40  VAL A C     1 
ATOM   108  O  O     . VAL A 1 20  ? 6.219   6.767   4.410   1.00 34.21 ? 40  VAL A O     1 
ATOM   109  C  CB    . VAL A 1 20  ? 4.934   5.199   6.666   1.00 31.81 ? 40  VAL A CB    1 
ATOM   110  C  CG1   . VAL A 1 20  ? 5.124   4.654   8.041   1.00 34.26 ? 40  VAL A CG1   1 
ATOM   111  C  CG2   . VAL A 1 20  ? 3.505   4.964   6.148   1.00 31.10 ? 40  VAL A CG2   1 
ATOM   112  N  N     . GLY A 1 21  ? 4.316   7.883   4.769   1.00 34.16 ? 41  GLY A N     1 
ATOM   113  C  CA    . GLY A 1 21  ? 4.191   8.332   3.383   1.00 34.00 ? 41  GLY A CA    1 
ATOM   114  C  C     . GLY A 1 21  ? 2.993   7.813   2.601   1.00 34.22 ? 41  GLY A C     1 
ATOM   115  O  O     . GLY A 1 21  ? 3.021   7.805   1.358   1.00 35.97 ? 41  GLY A O     1 
ATOM   116  N  N     . LYS A 1 22  ? 1.970   7.315   3.284   1.00 33.11 ? 42  LYS A N     1 
ATOM   117  C  CA    . LYS A 1 22  ? 0.752   6.862   2.599   1.00 33.39 ? 42  LYS A CA    1 
ATOM   118  C  C     . LYS A 1 22  ? 0.122   7.932   1.708   1.00 33.95 ? 42  LYS A C     1 
ATOM   119  O  O     . LYS A 1 22  ? -0.184  7.675   0.551   1.00 33.12 ? 42  LYS A O     1 
ATOM   120  C  CB    . LYS A 1 22  ? -0.312  6.302   3.564   1.00 33.25 ? 42  LYS A CB    1 
ATOM   121  C  CG    . LYS A 1 22  ? 0.209   5.226   4.498   1.00 32.41 ? 42  LYS A CG    1 
ATOM   122  C  CD    . LYS A 1 22  ? -0.790  4.678   5.487   1.00 35.18 ? 42  LYS A CD    1 
ATOM   123  C  CE    . LYS A 1 22  ? -1.227  5.709   6.514   1.00 36.22 ? 42  LYS A CE    1 
ATOM   124  N  NZ    . LYS A 1 22  ? -0.130  6.331   7.299   1.00 37.68 ? 42  LYS A NZ    1 
ATOM   125  N  N     . SER A 1 23  ? -0.113  9.142   2.237   1.00 33.28 ? 43  SER A N     1 
ATOM   126  C  CA    . SER A 1 23  ? -0.677  10.212  1.403   1.00 34.58 ? 43  SER A CA    1 
ATOM   127  C  C     . SER A 1 23  ? 0.253   10.642  0.265   1.00 34.45 ? 43  SER A C     1 
ATOM   128  O  O     . SER A 1 23  ? -0.186  10.874  -0.864  1.00 34.01 ? 43  SER A O     1 
ATOM   129  C  CB    . SER A 1 23  ? -1.025  11.423  2.247   1.00 34.46 ? 43  SER A CB    1 
ATOM   130  O  OG    . SER A 1 23  ? -1.939  11.057  3.240   1.00 36.15 ? 43  SER A OG    1 
ATOM   131  N  N     . ALA A 1 24  ? 1.530   10.799  0.593   1.00 33.75 ? 44  ALA A N     1 
ATOM   132  C  CA    . ALA A 1 24  ? 2.507   11.239  -0.372  1.00 33.83 ? 44  ALA A CA    1 
ATOM   133  C  C     . ALA A 1 24  ? 2.594   10.219  -1.505  1.00 34.20 ? 44  ALA A C     1 
ATOM   134  O  O     . ALA A 1 24  ? 2.707   10.604  -2.657  1.00 35.47 ? 44  ALA A O     1 
ATOM   135  C  CB    . ALA A 1 24  ? 3.873   11.425  0.308   1.00 33.58 ? 44  ALA A CB    1 
ATOM   136  N  N     . LEU A 1 25  ? 2.518   8.930   -1.178  1.00 33.88 ? 45  LEU A N     1 
ATOM   137  C  CA    . LEU A 1 25  ? 2.559   7.871   -2.204  1.00 33.92 ? 45  LEU A CA    1 
ATOM   138  C  C     . LEU A 1 25  ? 1.294   7.895   -3.052  1.00 34.22 ? 45  LEU A C     1 
ATOM   139  O  O     . LEU A 1 25  ? 1.353   7.829   -4.278  1.00 34.97 ? 45  LEU A O     1 
ATOM   140  C  CB    . LEU A 1 25  ? 2.725   6.465   -1.579  1.00 33.59 ? 45  LEU A CB    1 
ATOM   141  C  CG    . LEU A 1 25  ? 4.138   6.084   -1.120  1.00 35.60 ? 45  LEU A CG    1 
ATOM   142  C  CD1   . LEU A 1 25  ? 4.120   4.822   -0.359  1.00 35.04 ? 45  LEU A CD1   1 
ATOM   143  C  CD2   . LEU A 1 25  ? 5.128   6.035   -2.248  1.00 33.87 ? 45  LEU A CD2   1 
ATOM   144  N  N     . THR A 1 26  ? 0.149   8.022   -2.394  1.00 33.81 ? 46  THR A N     1 
ATOM   145  C  CA    . THR A 1 26  ? -1.132  7.943   -3.081  1.00 34.22 ? 46  THR A CA    1 
ATOM   146  C  C     . THR A 1 26  ? -1.273  9.172   -3.966  1.00 34.14 ? 46  THR A C     1 
ATOM   147  O  O     . THR A 1 26  ? -1.674  9.062   -5.105  1.00 33.78 ? 46  THR A O     1 
ATOM   148  C  CB    . THR A 1 26  ? -2.301  7.911   -2.067  1.00 34.95 ? 46  THR A CB    1 
ATOM   149  O  OG1   . THR A 1 26  ? -2.176  6.762   -1.223  1.00 35.10 ? 46  THR A OG1   1 
ATOM   150  C  CG2   . THR A 1 26  ? -3.644  7.868   -2.778  1.00 35.64 ? 46  THR A CG2   1 
ATOM   151  N  N     . ILE A 1 27  ? -0.956  10.350  -3.429  1.00 34.10 ? 47  ILE A N     1 
ATOM   152  C  CA    . ILE A 1 27  ? -1.003  11.573  -4.233  1.00 33.91 ? 47  ILE A CA    1 
ATOM   153  C  C     . ILE A 1 27  ? -0.025  11.530  -5.393  1.00 33.39 ? 47  ILE A C     1 
ATOM   154  O  O     . ILE A 1 27  ? -0.338  11.981  -6.478  1.00 33.24 ? 47  ILE A O     1 
ATOM   155  C  CB    . ILE A 1 27  ? -0.818  12.847  -3.369  1.00 34.62 ? 47  ILE A CB    1 
ATOM   156  C  CG1   . ILE A 1 27  ? -1.998  12.949  -2.395  1.00 34.97 ? 47  ILE A CG1   1 
ATOM   157  C  CG2   . ILE A 1 27  ? -0.753  14.075  -4.251  1.00 34.00 ? 47  ILE A CG2   1 
ATOM   158  C  CD1   . ILE A 1 27  ? -1.739  13.741  -1.140  1.00 35.06 ? 47  ILE A CD1   1 
ATOM   159  N  N     . GLN A 1 28  ? 1.147   10.934  -5.197  1.00 33.67 ? 48  GLN A N     1 
ATOM   160  C  CA    . GLN A 1 28  ? 2.055   10.760  -6.335  1.00 34.01 ? 48  GLN A CA    1 
ATOM   161  C  C     . GLN A 1 28  ? 1.428   9.914   -7.455  1.00 34.27 ? 48  GLN A C     1 
ATOM   162  O  O     . GLN A 1 28  ? 1.565   10.239  -8.641  1.00 34.70 ? 48  GLN A O     1 
ATOM   163  C  CB    . GLN A 1 28  ? 3.398   10.174  -5.899  1.00 34.06 ? 48  GLN A CB    1 
ATOM   164  C  CG    . GLN A 1 28  ? 4.427   11.206  -5.481  1.00 34.25 ? 48  GLN A CG    1 
ATOM   165  C  CD    . GLN A 1 28  ? 5.031   11.965  -6.640  1.00 35.35 ? 48  GLN A CD    1 
ATOM   166  O  OE1   . GLN A 1 28  ? 4.443   12.061  -7.729  1.00 35.73 ? 48  GLN A OE1   1 
ATOM   167  N  NE2   . GLN A 1 28  ? 6.212   12.530  -6.414  1.00 38.39 ? 48  GLN A NE2   1 
ATOM   168  N  N     . PHE A 1 29  ? 0.716   8.860   -7.072  1.00 34.55 ? 49  PHE A N     1 
ATOM   169  C  CA    . PHE A 1 29  ? 0.108   7.934   -8.028  1.00 34.08 ? 49  PHE A CA    1 
ATOM   170  C  C     . PHE A 1 29  ? -1.034  8.613   -8.779  1.00 33.81 ? 49  PHE A C     1 
ATOM   171  O  O     . PHE A 1 29  ? -1.174  8.432   -9.991  1.00 36.02 ? 49  PHE A O     1 
ATOM   172  C  CB    . PHE A 1 29  ? -0.404  6.680   -7.301  1.00 33.89 ? 49  PHE A CB    1 
ATOM   173  C  CG    . PHE A 1 29  ? -0.914  5.598   -8.209  1.00 33.78 ? 49  PHE A CG    1 
ATOM   174  C  CD1   . PHE A 1 29  ? -0.103  5.053   -9.196  1.00 34.92 ? 49  PHE A CD1   1 
ATOM   175  C  CD2   . PHE A 1 29  ? -2.214  5.111   -8.058  1.00 35.92 ? 49  PHE A CD2   1 
ATOM   176  C  CE1   . PHE A 1 29  ? -0.585  4.056   -10.037 1.00 34.63 ? 49  PHE A CE1   1 
ATOM   177  C  CE2   . PHE A 1 29  ? -2.695  4.107   -8.863  1.00 35.09 ? 49  PHE A CE2   1 
ATOM   178  C  CZ    . PHE A 1 29  ? -1.891  3.580   -9.862  1.00 34.20 ? 49  PHE A CZ    1 
ATOM   179  N  N     . ILE A 1 30  ? -1.843  9.375   -8.051  1.00 33.74 ? 50  ILE A N     1 
ATOM   180  C  CA    . ILE A 1 30  ? -3.041  10.009  -8.606  1.00 33.78 ? 50  ILE A CA    1 
ATOM   181  C  C     . ILE A 1 30  ? -2.659  11.286  -9.366  1.00 34.32 ? 50  ILE A C     1 
ATOM   182  O  O     . ILE A 1 30  ? -3.079  11.474  -10.521 1.00 36.09 ? 50  ILE A O     1 
ATOM   183  C  CB    . ILE A 1 30  ? -4.099  10.291  -7.484  1.00 33.78 ? 50  ILE A CB    1 
ATOM   184  C  CG1   . ILE A 1 30  ? -4.552  8.986   -6.811  1.00 32.76 ? 50  ILE A CG1   1 
ATOM   185  C  CG2   . ILE A 1 30  ? -5.320  11.002  -8.027  1.00 32.38 ? 50  ILE A CG2   1 
ATOM   186  C  CD1   . ILE A 1 30  ? -5.146  7.946   -7.743  1.00 35.18 ? 50  ILE A CD1   1 
ATOM   187  N  N     . GLN A 1 31  ? -1.884  12.162  -8.712  1.00 35.22 ? 51  GLN A N     1 
ATOM   188  C  CA    . GLN A 1 31  ? -1.618  13.538  -9.188  1.00 34.84 ? 51  GLN A CA    1 
ATOM   189  C  C     . GLN A 1 31  ? -0.216  13.766  -9.795  1.00 35.22 ? 51  GLN A C     1 
ATOM   190  O  O     . GLN A 1 31  ? 0.011   14.773  -10.479 1.00 35.09 ? 51  GLN A O     1 
ATOM   191  C  CB    . GLN A 1 31  ? -1.809  14.527  -8.035  1.00 35.60 ? 51  GLN A CB    1 
ATOM   192  C  CG    . GLN A 1 31  ? -3.215  14.538  -7.409  1.00 36.75 ? 51  GLN A CG    1 
ATOM   193  C  CD    . GLN A 1 31  ? -4.246  15.317  -8.208  1.00 38.78 ? 51  GLN A CD    1 
ATOM   194  O  OE1   . GLN A 1 31  ? -3.929  15.954  -9.214  1.00 40.87 ? 51  GLN A OE1   1 
ATOM   195  N  NE2   . GLN A 1 31  ? -5.494  15.268  -7.760  1.00 39.29 ? 51  GLN A NE2   1 
ATOM   196  N  N     . SER A 1 32  ? 0.721   12.858  -9.528  1.00 35.21 ? 52  SER A N     1 
ATOM   197  C  CA    . SER A 1 32  ? 2.089   12.931  -10.078 1.00 35.41 ? 52  SER A CA    1 
ATOM   198  C  C     . SER A 1 32  ? 2.894   14.149  -9.619  1.00 35.52 ? 52  SER A C     1 
ATOM   199  O  O     . SER A 1 32  ? 3.699   14.706  -10.366 1.00 35.79 ? 52  SER A O     1 
ATOM   200  C  CB    . SER A 1 32  ? 2.073   12.824  -11.605 1.00 36.03 ? 52  SER A CB    1 
ATOM   201  O  OG    . SER A 1 32  ? 1.760   11.498  -12.000 1.00 38.26 ? 52  SER A OG    1 
ATOM   202  N  N     . TYR A 1 33  ? 2.654   14.564  -8.386  1.00 35.51 ? 53  TYR A N     1 
ATOM   203  C  CA    . TYR A 1 33  ? 3.546   15.486  -7.711  1.00 35.87 ? 53  TYR A CA    1 
ATOM   204  C  C     . TYR A 1 33  ? 3.636   15.153  -6.228  1.00 35.70 ? 53  TYR A C     1 
ATOM   205  O  O     . TYR A 1 33  ? 2.800   14.431  -5.688  1.00 35.65 ? 53  TYR A O     1 
ATOM   206  C  CB    . TYR A 1 33  ? 3.149   16.940  -7.953  1.00 36.35 ? 53  TYR A CB    1 
ATOM   207  C  CG    . TYR A 1 33  ? 1.798   17.390  -7.437  1.00 35.44 ? 53  TYR A CG    1 
ATOM   208  C  CD1   . TYR A 1 33  ? 0.715   17.500  -8.294  1.00 37.46 ? 53  TYR A CD1   1 
ATOM   209  C  CD2   . TYR A 1 33  ? 1.620   17.773  -6.112  1.00 37.50 ? 53  TYR A CD2   1 
ATOM   210  C  CE1   . TYR A 1 33  ? -0.520  17.962  -7.854  1.00 37.93 ? 53  TYR A CE1   1 
ATOM   211  C  CE2   . TYR A 1 33  ? 0.380   18.231  -5.656  1.00 36.67 ? 53  TYR A CE2   1 
ATOM   212  C  CZ    . TYR A 1 33  ? -0.687  18.307  -6.535  1.00 37.08 ? 53  TYR A CZ    1 
ATOM   213  O  OH    . TYR A 1 33  ? -1.920  18.771  -6.111  1.00 38.01 ? 53  TYR A OH    1 
ATOM   214  N  N     . PHE A 1 34  ? 4.672   15.691  -5.585  1.00 35.57 ? 54  PHE A N     1 
ATOM   215  C  CA    . PHE A 1 34  ? 4.956   15.409  -4.184  1.00 34.82 ? 54  PHE A CA    1 
ATOM   216  C  C     . PHE A 1 34  ? 4.303   16.441  -3.275  1.00 35.03 ? 54  PHE A C     1 
ATOM   217  O  O     . PHE A 1 34  ? 4.558   17.656  -3.386  1.00 35.35 ? 54  PHE A O     1 
ATOM   218  C  CB    . PHE A 1 34  ? 6.462   15.395  -3.946  1.00 34.76 ? 54  PHE A CB    1 
ATOM   219  C  CG    . PHE A 1 34  ? 6.866   15.056  -2.531  1.00 33.95 ? 54  PHE A CG    1 
ATOM   220  C  CD1   . PHE A 1 34  ? 6.387   13.922  -1.908  1.00 34.18 ? 54  PHE A CD1   1 
ATOM   221  C  CD2   . PHE A 1 34  ? 7.784   15.844  -1.855  1.00 33.07 ? 54  PHE A CD2   1 
ATOM   222  C  CE1   . PHE A 1 34  ? 6.791   13.585  -0.620  1.00 35.05 ? 54  PHE A CE1   1 
ATOM   223  C  CE2   . PHE A 1 34  ? 8.187   15.519  -0.545  1.00 32.87 ? 54  PHE A CE2   1 
ATOM   224  C  CZ    . PHE A 1 34  ? 7.702   14.403  0.063   1.00 34.26 ? 54  PHE A CZ    1 
ATOM   225  N  N     . VAL A 1 35  ? 3.457   15.955  -2.378  1.00 35.08 ? 55  VAL A N     1 
ATOM   226  C  CA    . VAL A 1 35  ? 2.906   16.802  -1.300  1.00 35.81 ? 55  VAL A CA    1 
ATOM   227  C  C     . VAL A 1 35  ? 3.621   16.401  -0.012  1.00 36.34 ? 55  VAL A C     1 
ATOM   228  O  O     . VAL A 1 35  ? 3.504   15.256  0.424   1.00 37.19 ? 55  VAL A O     1 
ATOM   229  C  CB    . VAL A 1 35  ? 1.393   16.595  -1.164  1.00 35.52 ? 55  VAL A CB    1 
ATOM   230  C  CG1   . VAL A 1 35  ? 0.867   17.343  0.049   1.00 34.95 ? 55  VAL A CG1   1 
ATOM   231  C  CG2   . VAL A 1 35  ? 0.670   17.049  -2.437  1.00 35.78 ? 55  VAL A CG2   1 
ATOM   232  N  N     . SER A 1 36  ? 4.379   17.335  0.576   1.00 37.86 ? 56  SER A N     1 
ATOM   233  C  CA    . SER A 1 36  ? 5.294   17.008  1.676   1.00 38.82 ? 56  SER A CA    1 
ATOM   234  C  C     . SER A 1 36  ? 4.635   17.175  3.038   1.00 40.22 ? 56  SER A C     1 
ATOM   235  O  O     . SER A 1 36  ? 5.200   16.766  4.053   1.00 40.76 ? 56  SER A O     1 
ATOM   236  C  CB    . SER A 1 36  ? 6.573   17.851  1.601   1.00 39.07 ? 56  SER A CB    1 
ATOM   237  O  OG    . SER A 1 36  ? 6.343   19.188  2.002   1.00 38.11 ? 56  SER A OG    1 
ATOM   238  N  N     . ASP A 1 37  ? 3.434   17.750  3.056   1.00 41.20 ? 57  ASP A N     1 
ATOM   239  C  CA    . ASP A 1 37  ? 2.776   18.117  4.305   1.00 42.57 ? 57  ASP A CA    1 
ATOM   240  C  C     . ASP A 1 37  ? 1.269   17.892  4.231   1.00 43.02 ? 57  ASP A C     1 
ATOM   241  O  O     . ASP A 1 37  ? 0.478   18.783  4.590   1.00 43.60 ? 57  ASP A O     1 
ATOM   242  C  CB    . ASP A 1 37  ? 3.122   19.569  4.675   1.00 42.77 ? 57  ASP A CB    1 
ATOM   243  C  CG    . ASP A 1 37  ? 2.805   20.586  3.560   1.00 42.93 ? 57  ASP A CG    1 
ATOM   244  O  OD1   . ASP A 1 37  ? 2.234   20.219  2.514   1.00 43.55 ? 57  ASP A OD1   1 
ATOM   245  O  OD2   . ASP A 1 37  ? 3.131   21.779  3.753   1.00 43.98 ? 57  ASP A OD2   1 
ATOM   246  N  N     . TYR A 1 38  ? 0.871   16.697  3.779   1.00 43.60 ? 58  TYR A N     1 
ATOM   247  C  CA    . TYR A 1 38  ? -0.559  16.397  3.644   1.00 43.28 ? 58  TYR A CA    1 
ATOM   248  C  C     . TYR A 1 38  ? -1.211  16.196  5.003   1.00 43.36 ? 58  TYR A C     1 
ATOM   249  O  O     . TYR A 1 38  ? -0.856  15.285  5.749   1.00 42.71 ? 58  TYR A O     1 
ATOM   250  C  CB    . TYR A 1 38  ? -0.851  15.183  2.761   1.00 43.18 ? 58  TYR A CB    1 
ATOM   251  C  CG    . TYR A 1 38  ? -2.329  15.087  2.404   1.00 42.77 ? 58  TYR A CG    1 
ATOM   252  C  CD1   . TYR A 1 38  ? -2.908  15.987  1.513   1.00 42.51 ? 58  TYR A CD1   1 
ATOM   253  C  CD2   . TYR A 1 38  ? -3.155  14.131  2.987   1.00 41.41 ? 58  TYR A CD2   1 
ATOM   254  C  CE1   . TYR A 1 38  ? -4.263  15.916  1.187   1.00 43.28 ? 58  TYR A CE1   1 
ATOM   255  C  CE2   . TYR A 1 38  ? -4.505  14.050  2.666   1.00 42.13 ? 58  TYR A CE2   1 
ATOM   256  C  CZ    . TYR A 1 38  ? -5.060  14.947  1.767   1.00 42.77 ? 58  TYR A CZ    1 
ATOM   257  O  OH    . TYR A 1 38  ? -6.409  14.897  1.451   1.00 43.71 ? 58  TYR A OH    1 
ATOM   258  N  N     . ASP A 1 39  ? -2.156  17.079  5.315   1.00 43.12 ? 59  ASP A N     1 
ATOM   259  C  CA    . ASP A 1 39  ? -3.067  16.890  6.428   1.00 43.47 ? 59  ASP A CA    1 
ATOM   260  C  C     . ASP A 1 39  ? -3.090  15.430  6.884   1.00 43.51 ? 59  ASP A C     1 
ATOM   261  O  O     . ASP A 1 39  ? -3.680  14.571  6.200   1.00 43.34 ? 59  ASP A O     1 
ATOM   262  C  CB    . ASP A 1 39  ? -4.472  17.337  6.007   1.00 43.76 ? 59  ASP A CB    1 
ATOM   263  C  CG    . ASP A 1 39  ? -5.391  17.559  7.184   1.00 43.67 ? 59  ASP A CG    1 
ATOM   264  O  OD1   . ASP A 1 39  ? -6.348  18.366  7.048   1.00 46.28 ? 59  ASP A OD1   1 
ATOM   265  O  OD2   . ASP A 1 39  ? -5.154  16.944  8.248   1.00 43.96 ? 59  ASP A OD2   1 
ATOM   266  N  N     . PRO A 1 40  ? -2.400  15.125  8.005   1.00 43.64 ? 60  PRO A N     1 
ATOM   267  C  CA    . PRO A 1 40  ? -2.389  13.752  8.510   1.00 44.20 ? 60  PRO A CA    1 
ATOM   268  C  C     . PRO A 1 40  ? -3.746  13.244  8.943   1.00 44.33 ? 60  PRO A C     1 
ATOM   269  O  O     . PRO A 1 40  ? -3.928  12.029  9.020   1.00 44.58 ? 60  PRO A O     1 
ATOM   270  C  CB    . PRO A 1 40  ? -1.410  13.785  9.695   1.00 44.08 ? 60  PRO A CB    1 
ATOM   271  C  CG    . PRO A 1 40  ? -1.092  15.191  9.956   1.00 44.10 ? 60  PRO A CG    1 
ATOM   272  C  CD    . PRO A 1 40  ? -1.539  16.027  8.793   1.00 43.94 ? 60  PRO A CD    1 
ATOM   273  N  N     . THR A 1 41  ? -4.680  14.166  9.168   1.00 44.19 ? 61  THR A N     1 
ATOM   274  C  CA    . THR A 1 41  ? -6.031  13.868  9.637   1.00 44.16 ? 61  THR A CA    1 
ATOM   275  C  C     . THR A 1 41  ? -6.988  13.504  8.495   1.00 43.75 ? 61  THR A C     1 
ATOM   276  O  O     . THR A 1 41  ? -8.109  13.052  8.751   1.00 43.87 ? 61  THR A O     1 
ATOM   277  C  CB    . THR A 1 41  ? -6.645  15.063  10.446  1.00 44.29 ? 61  THR A CB    1 
ATOM   278  O  OG1   . THR A 1 41  ? -6.995  16.148  9.576   1.00 43.65 ? 61  THR A OG1   1 
ATOM   279  C  CG2   . THR A 1 41  ? -5.682  15.570  11.505  1.00 44.02 ? 61  THR A CG2   1 
ATOM   280  N  N     . ILE A 1 42  ? -6.577  13.716  7.244   1.00 42.69 ? 62  ILE A N     1 
ATOM   281  C  CA    . ILE A 1 42  ? -7.493  13.500  6.129   1.00 42.34 ? 62  ILE A CA    1 
ATOM   282  C  C     . ILE A 1 42  ? -7.386  12.067  5.622   1.00 41.46 ? 62  ILE A C     1 
ATOM   283  O  O     . ILE A 1 42  ? -6.307  11.616  5.224   1.00 41.92 ? 62  ILE A O     1 
ATOM   284  C  CB    . ILE A 1 42  ? -7.274  14.499  4.971   1.00 42.28 ? 62  ILE A CB    1 
ATOM   285  C  CG1   . ILE A 1 42  ? -7.775  15.888  5.365   1.00 42.42 ? 62  ILE A CG1   1 
ATOM   286  C  CG2   . ILE A 1 42  ? -8.032  14.051  3.730   1.00 42.90 ? 62  ILE A CG2   1 
ATOM   287  C  CD1   . ILE A 1 42  ? -7.362  16.976  4.397   1.00 42.48 ? 62  ILE A CD1   1 
ATOM   288  N  N     . GLU A 1 43  ? -8.515  11.366  5.678   1.00 40.69 ? 63  GLU A N     1 
ATOM   289  C  CA    . GLU A 1 43  ? -8.678  10.045  5.082   1.00 40.18 ? 63  GLU A CA    1 
ATOM   290  C  C     . GLU A 1 43  ? -9.621  10.198  3.896   1.00 40.19 ? 63  GLU A C     1 
ATOM   291  O  O     . GLU A 1 43  ? -10.784 10.559  4.069   1.00 39.92 ? 63  GLU A O     1 
ATOM   292  C  CB    . GLU A 1 43  ? -9.276  9.092   6.118   1.00 40.38 ? 63  GLU A CB    1 
ATOM   293  C  CG    . GLU A 1 43  ? -9.542  7.678   5.629   1.00 39.78 ? 63  GLU A CG    1 
ATOM   294  C  CD    . GLU A 1 43  ? -9.793  6.711   6.783   1.00 39.46 ? 63  GLU A CD    1 
ATOM   295  O  OE1   . GLU A 1 43  ? -8.814  6.359   7.473   1.00 37.19 ? 63  GLU A OE1   1 
ATOM   296  O  OE2   . GLU A 1 43  ? -10.960 6.298   6.992   1.00 37.07 ? 63  GLU A OE2   1 
ATOM   297  N  N     . ASP A 1 44  ? -9.105  9.951   2.696   1.00 39.70 ? 64  ASP A N     1 
ATOM   298  C  CA    . ASP A 1 44  ? -9.846  10.147  1.456   1.00 40.27 ? 64  ASP A CA    1 
ATOM   299  C  C     . ASP A 1 44  ? -9.693  8.925   0.580   1.00 39.06 ? 64  ASP A C     1 
ATOM   300  O  O     . ASP A 1 44  ? -8.725  8.179   0.705   1.00 38.67 ? 64  ASP A O     1 
ATOM   301  C  CB    . ASP A 1 44  ? -9.287  11.333  0.664   1.00 40.98 ? 64  ASP A CB    1 
ATOM   302  C  CG    . ASP A 1 44  ? -10.088 12.582  0.830   1.00 43.74 ? 64  ASP A CG    1 
ATOM   303  O  OD1   . ASP A 1 44  ? -11.331 12.533  0.649   1.00 46.39 ? 64  ASP A OD1   1 
ATOM   304  O  OD2   . ASP A 1 44  ? -9.468  13.632  1.118   1.00 48.42 ? 64  ASP A OD2   1 
ATOM   305  N  N     . SER A 1 45  ? -10.651 8.750   -0.317  1.00 38.88 ? 65  SER A N     1 
ATOM   306  C  CA    . SER A 1 45  ? -10.560 7.756   -1.365  1.00 38.73 ? 65  SER A CA    1 
ATOM   307  C  C     . SER A 1 45  ? -10.354 8.482   -2.679  1.00 38.28 ? 65  SER A C     1 
ATOM   308  O  O     . SER A 1 45  ? -10.836 9.587   -2.879  1.00 37.41 ? 65  SER A O     1 
ATOM   309  C  CB    . SER A 1 45  ? -11.819 6.874   -1.428  1.00 38.93 ? 65  SER A CB    1 
ATOM   310  O  OG    . SER A 1 45  ? -11.561 5.694   -2.197  1.00 41.78 ? 65  SER A OG    1 
ATOM   311  N  N     . TYR A 1 46  ? -9.618  7.845   -3.579  1.00 38.22 ? 66  TYR A N     1 
ATOM   312  C  CA    . TYR A 1 46  ? -9.353  8.395   -4.893  1.00 38.85 ? 66  TYR A CA    1 
ATOM   313  C  C     . TYR A 1 46  ? -9.748  7.354   -5.919  1.00 39.07 ? 66  TYR A C     1 
ATOM   314  O  O     . TYR A 1 46  ? -9.967  6.199   -5.566  1.00 38.71 ? 66  TYR A O     1 
ATOM   315  C  CB    . TYR A 1 46  ? -7.866  8.731   -5.025  1.00 38.84 ? 66  TYR A CB    1 
ATOM   316  C  CG    . TYR A 1 46  ? -7.409  9.693   -3.961  1.00 38.66 ? 66  TYR A CG    1 
ATOM   317  C  CD1   . TYR A 1 46  ? -7.328  11.051  -4.217  1.00 40.02 ? 66  TYR A CD1   1 
ATOM   318  C  CD2   . TYR A 1 46  ? -7.081  9.247   -2.683  1.00 39.65 ? 66  TYR A CD2   1 
ATOM   319  C  CE1   . TYR A 1 46  ? -6.926  11.937  -3.244  1.00 39.63 ? 66  TYR A CE1   1 
ATOM   320  C  CE2   . TYR A 1 46  ? -6.685  10.143  -1.679  1.00 37.73 ? 66  TYR A CE2   1 
ATOM   321  C  CZ    . TYR A 1 46  ? -6.600  11.478  -1.977  1.00 39.09 ? 66  TYR A CZ    1 
ATOM   322  O  OH    . TYR A 1 46  ? -6.215  12.375  -1.012  1.00 40.72 ? 66  TYR A OH    1 
ATOM   323  N  N     . THR A 1 47  ? -9.872  7.771   -7.171  1.00 39.52 ? 67  THR A N     1 
ATOM   324  C  CA    . THR A 1 47  ? -10.065 6.834   -8.264  1.00 40.27 ? 67  THR A CA    1 
ATOM   325  C  C     . THR A 1 47  ? -9.078  7.151   -9.394  1.00 41.19 ? 67  THR A C     1 
ATOM   326  O  O     . THR A 1 47  ? -8.867  8.316   -9.745  1.00 41.17 ? 67  THR A O     1 
ATOM   327  C  CB    . THR A 1 47  ? -11.526 6.821   -8.754  1.00 40.20 ? 67  THR A CB    1 
ATOM   328  O  OG1   . THR A 1 47  ? -12.373 6.336   -7.701  1.00 38.75 ? 67  THR A OG1   1 
ATOM   329  C  CG2   . THR A 1 47  ? -11.676 5.922   -9.961  1.00 40.19 ? 67  THR A CG2   1 
ATOM   330  N  N     . LYS A 1 48  ? -8.429  6.106   -9.910  1.00 42.02 ? 68  LYS A N     1 
ATOM   331  C  CA    . LYS A 1 48  ? -7.595  6.226   -11.098 1.00 42.73 ? 68  LYS A CA    1 
ATOM   332  C  C     . LYS A 1 48  ? -7.974  5.126   -12.072 1.00 42.52 ? 68  LYS A C     1 
ATOM   333  O  O     . LYS A 1 48  ? -8.073  3.967   -11.680 1.00 42.22 ? 68  LYS A O     1 
ATOM   334  C  CB    . LYS A 1 48  ? -6.108  6.125   -10.739 1.00 42.75 ? 68  LYS A CB    1 
ATOM   335  C  CG    . LYS A 1 48  ? -5.184  6.640   -11.834 1.00 43.28 ? 68  LYS A CG    1 
ATOM   336  C  CD    . LYS A 1 48  ? -3.716  6.436   -11.489 1.00 43.78 ? 68  LYS A CD    1 
ATOM   337  C  CE    . LYS A 1 48  ? -2.841  6.956   -12.613 1.00 44.70 ? 68  LYS A CE    1 
ATOM   338  N  NZ    . LYS A 1 48  ? -1.418  7.006   -12.248 1.00 46.47 ? 68  LYS A NZ    1 
ATOM   339  N  N     . ILE A 1 49  ? -8.237  5.511   -13.320 1.00 43.35 ? 69  ILE A N     1 
ATOM   340  C  CA    . ILE A 1 49  ? -8.362  4.571   -14.442 1.00 43.95 ? 69  ILE A CA    1 
ATOM   341  C  C     . ILE A 1 49  ? -6.999  4.502   -15.127 1.00 44.25 ? 69  ILE A C     1 
ATOM   342  O  O     . ILE A 1 49  ? -6.442  5.531   -15.502 1.00 45.22 ? 69  ILE A O     1 
ATOM   343  C  CB    . ILE A 1 49  ? -9.410  5.015   -15.487 1.00 44.06 ? 69  ILE A CB    1 
ATOM   344  C  CG1   . ILE A 1 49  ? -10.737 5.420   -14.825 1.00 45.11 ? 69  ILE A CG1   1 
ATOM   345  C  CG2   . ILE A 1 49  ? -9.652  3.897   -16.499 1.00 43.72 ? 69  ILE A CG2   1 
ATOM   346  C  CD1   . ILE A 1 49  ? -11.325 4.364   -13.909 1.00 45.48 ? 69  ILE A CD1   1 
ATOM   347  N  N     . CYS A 1 50  ? -6.450  3.302   -15.276 1.00 43.96 ? 70  CYS A N     1 
ATOM   348  C  CA    . CYS A 1 50  ? -5.140  3.157   -15.909 1.00 43.98 ? 70  CYS A CA    1 
ATOM   349  C  C     . CYS A 1 50  ? -4.967  1.767   -16.511 1.00 43.78 ? 70  CYS A C     1 
ATOM   350  O  O     . CYS A 1 50  ? -5.765  0.866   -16.242 1.00 44.46 ? 70  CYS A O     1 
ATOM   351  C  CB    . CYS A 1 50  ? -4.043  3.424   -14.886 1.00 44.23 ? 70  CYS A CB    1 
ATOM   352  S  SG    . CYS A 1 50  ? -4.147  2.369   -13.445 1.00 45.59 ? 70  CYS A SG    1 
ATOM   353  N  N     . SER A 1 51  ? -3.938  1.603   -17.337 1.00 42.68 ? 71  SER A N     1 
ATOM   354  C  CA    . SER A 1 51  ? -3.670  0.326   -17.984 1.00 42.12 ? 71  SER A CA    1 
ATOM   355  C  C     . SER A 1 51  ? -2.585  -0.392  -17.212 1.00 40.59 ? 71  SER A C     1 
ATOM   356  O  O     . SER A 1 51  ? -1.561  0.199   -16.924 1.00 41.80 ? 71  SER A O     1 
ATOM   357  C  CB    . SER A 1 51  ? -3.203  0.556   -19.420 1.00 42.28 ? 71  SER A CB    1 
ATOM   358  O  OG    . SER A 1 51  ? -3.244  -0.643  -20.172 1.00 44.27 ? 71  SER A OG    1 
ATOM   359  N  N     . VAL A 1 52  ? -2.812  -1.661  -16.879 1.00 39.28 ? 72  VAL A N     1 
ATOM   360  C  CA    . VAL A 1 52  ? -1.752  -2.515  -16.316 1.00 37.82 ? 72  VAL A CA    1 
ATOM   361  C  C     . VAL A 1 52  ? -1.679  -3.815  -17.141 1.00 37.19 ? 72  VAL A C     1 
ATOM   362  O  O     . VAL A 1 52  ? -2.702  -4.453  -17.367 1.00 36.30 ? 72  VAL A O     1 
ATOM   363  C  CB    . VAL A 1 52  ? -2.016  -2.807  -14.817 1.00 37.59 ? 72  VAL A CB    1 
ATOM   364  C  CG1   . VAL A 1 52  ? -0.879  -3.650  -14.206 1.00 35.94 ? 72  VAL A CG1   1 
ATOM   365  C  CG2   . VAL A 1 52  ? -2.184  -1.497  -14.040 1.00 37.16 ? 72  VAL A CG2   1 
ATOM   366  N  N     . ASP A 1 53  ? -0.476  -4.193  -17.599 1.00 36.49 ? 73  ASP A N     1 
ATOM   367  C  CA    . ASP A 1 53  ? -0.270  -5.400  -18.407 1.00 36.24 ? 73  ASP A CA    1 
ATOM   368  C  C     . ASP A 1 53  ? -1.140  -5.385  -19.696 1.00 34.59 ? 73  ASP A C     1 
ATOM   369  O  O     . ASP A 1 53  ? -1.601  -6.428  -20.182 1.00 33.39 ? 73  ASP A O     1 
ATOM   370  C  CB    . ASP A 1 53  ? -0.565  -6.687  -17.615 1.00 36.95 ? 73  ASP A CB    1 
ATOM   371  C  CG    . ASP A 1 53  ? 0.339   -6.886  -16.396 1.00 38.86 ? 73  ASP A CG    1 
ATOM   372  O  OD1   . ASP A 1 53  ? 1.205   -6.042  -16.122 1.00 34.30 ? 73  ASP A OD1   1 
ATOM   373  O  OD2   . ASP A 1 53  ? 0.174   -7.918  -15.707 1.00 42.68 ? 73  ASP A OD2   1 
ATOM   374  N  N     . GLY A 1 54  ? -1.355  -4.190  -20.227 1.00 34.28 ? 74  GLY A N     1 
ATOM   375  C  CA    . GLY A 1 54  ? -2.230  -4.000  -21.382 1.00 34.05 ? 74  GLY A CA    1 
ATOM   376  C  C     . GLY A 1 54  ? -3.734  -4.057  -21.134 1.00 33.98 ? 74  GLY A C     1 
ATOM   377  O  O     . GLY A 1 54  ? -4.514  -3.973  -22.075 1.00 32.74 ? 74  GLY A O     1 
ATOM   378  N  N     . ILE A 1 55  ? -4.151  -4.154  -19.875 1.00 33.79 ? 75  ILE A N     1 
ATOM   379  C  CA    . ILE A 1 55  ? -5.571  -4.275  -19.547 1.00 33.88 ? 75  ILE A CA    1 
ATOM   380  C  C     . ILE A 1 55  ? -5.968  -3.040  -18.707 1.00 33.68 ? 75  ILE A C     1 
ATOM   381  O  O     . ILE A 1 55  ? -5.345  -2.763  -17.683 1.00 32.98 ? 75  ILE A O     1 
ATOM   382  C  CB    . ILE A 1 55  ? -5.847  -5.599  -18.779 1.00 34.15 ? 75  ILE A CB    1 
ATOM   383  C  CG1   . ILE A 1 55  ? -5.386  -6.830  -19.598 1.00 34.85 ? 75  ILE A CG1   1 
ATOM   384  C  CG2   . ILE A 1 55  ? -7.351  -5.746  -18.458 1.00 35.03 ? 75  ILE A CG2   1 
ATOM   385  C  CD1   . ILE A 1 55  ? -4.806  -7.921  -18.705 1.00 38.11 ? 75  ILE A CD1   1 
ATOM   386  N  N     . PRO A 1 56  ? -6.967  -2.257  -19.149 1.00 33.89 ? 76  PRO A N     1 
ATOM   387  C  CA    . PRO A 1 56  ? -7.454  -1.160  -18.302 1.00 34.40 ? 76  PRO A CA    1 
ATOM   388  C  C     . PRO A 1 56  ? -7.996  -1.621  -16.959 1.00 35.03 ? 76  PRO A C     1 
ATOM   389  O  O     . PRO A 1 56  ? -8.518  -2.725  -16.829 1.00 36.63 ? 76  PRO A O     1 
ATOM   390  C  CB    . PRO A 1 56  ? -8.587  -0.538  -19.139 1.00 34.75 ? 76  PRO A CB    1 
ATOM   391  C  CG    . PRO A 1 56  ? -8.254  -0.883  -20.498 1.00 33.41 ? 76  PRO A CG    1 
ATOM   392  C  CD    . PRO A 1 56  ? -7.658  -2.261  -20.443 1.00 33.52 ? 76  PRO A CD    1 
ATOM   393  N  N     . ALA A 1 57  ? -7.897  -0.757  -15.970 1.00 36.01 ? 77  ALA A N     1 
ATOM   394  C  CA    . ALA A 1 57  ? -8.378  -1.086  -14.650 1.00 36.11 ? 77  ALA A CA    1 
ATOM   395  C  C     . ALA A 1 57  ? -8.899  0.192   -14.016 1.00 36.67 ? 77  ALA A C     1 
ATOM   396  O  O     . ALA A 1 57  ? -8.321  1.259   -14.209 1.00 36.95 ? 77  ALA A O     1 
ATOM   397  C  CB    . ALA A 1 57  ? -7.254  -1.688  -13.826 1.00 36.87 ? 77  ALA A CB    1 
ATOM   398  N  N     . ARG A 1 58  ? -10.009 0.075   -13.288 1.00 37.16 ? 78  ARG A N     1 
ATOM   399  C  CA    . ARG A 1 58  ? -10.491 1.147   -12.423 1.00 37.07 ? 78  ARG A CA    1 
ATOM   400  C  C     . ARG A 1 58  ? -10.022 0.871   -11.012 1.00 36.47 ? 78  ARG A C     1 
ATOM   401  O  O     . ARG A 1 58  ? -10.378 -0.135  -10.404 1.00 35.54 ? 78  ARG A O     1 
ATOM   402  C  CB    . ARG A 1 58  ? -12.030 1.250   -12.445 1.00 37.13 ? 78  ARG A CB    1 
ATOM   403  C  CG    . ARG A 1 58  ? -12.607 2.297   -11.468 1.00 37.71 ? 78  ARG A CG    1 
ATOM   404  C  CD    . ARG A 1 58  ? -14.135 2.344   -11.419 1.00 39.27 ? 78  ARG A CD    1 
ATOM   405  N  NE    . ARG A 1 58  ? -14.579 2.926   -10.138 1.00 42.08 ? 78  ARG A NE    1 
ATOM   406  C  CZ    . ARG A 1 58  ? -15.078 4.154   -9.961  1.00 43.12 ? 78  ARG A CZ    1 
ATOM   407  N  NH1   . ARG A 1 58  ? -15.424 4.546   -8.741  1.00 42.80 ? 78  ARG A NH1   1 
ATOM   408  N  NH2   . ARG A 1 58  ? -15.260 4.996   -10.980 1.00 45.18 ? 78  ARG A NH2   1 
ATOM   409  N  N     . LEU A 1 59  ? -9.207  1.768   -10.492 1.00 36.89 ? 79  LEU A N     1 
ATOM   410  C  CA    . LEU A 1 59  ? -8.673  1.635   -9.141  1.00 37.27 ? 79  LEU A CA    1 
ATOM   411  C  C     . LEU A 1 59  ? -9.282  2.664   -8.184  1.00 37.79 ? 79  LEU A C     1 
ATOM   412  O  O     . LEU A 1 59  ? -9.143  3.851   -8.393  1.00 37.77 ? 79  LEU A O     1 
ATOM   413  C  CB    . LEU A 1 59  ? -7.161  1.816   -9.166  1.00 37.66 ? 79  LEU A CB    1 
ATOM   414  C  CG    . LEU A 1 59  ? -6.368  1.010   -10.195 1.00 37.78 ? 79  LEU A CG    1 
ATOM   415  C  CD1   . LEU A 1 59  ? -4.887  1.207   -9.811  1.00 39.65 ? 79  LEU A CD1   1 
ATOM   416  C  CD2   . LEU A 1 59  ? -6.776  -0.444  -10.189 1.00 36.95 ? 79  LEU A CD2   1 
ATOM   417  N  N     . ASP A 1 60  ? -9.953  2.169   -7.147  1.00 37.80 ? 80  ASP A N     1 
ATOM   418  C  CA    . ASP A 1 60  ? -10.546 2.990   -6.099  1.00 38.16 ? 80  ASP A CA    1 
ATOM   419  C  C     . ASP A 1 60  ? -9.614  2.880   -4.924  1.00 37.38 ? 80  ASP A C     1 
ATOM   420  O  O     . ASP A 1 60  ? -9.585  1.839   -4.281  1.00 38.29 ? 80  ASP A O     1 
ATOM   421  C  CB    . ASP A 1 60  ? -11.922 2.434   -5.697  1.00 38.67 ? 80  ASP A CB    1 
ATOM   422  C  CG    . ASP A 1 60  ? -13.027 2.833   -6.641  1.00 39.45 ? 80  ASP A CG    1 
ATOM   423  O  OD1   . ASP A 1 60  ? -12.754 3.328   -7.757  1.00 39.83 ? 80  ASP A OD1   1 
ATOM   424  O  OD2   . ASP A 1 60  ? -14.199 2.628   -6.251  1.00 44.08 ? 80  ASP A OD2   1 
ATOM   425  N  N     . ILE A 1 61  ? -8.852  3.932   -4.635  1.00 36.69 ? 81  ILE A N     1 
ATOM   426  C  CA    . ILE A 1 61  ? -7.778  3.858   -3.633  1.00 36.36 ? 81  ILE A CA    1 
ATOM   427  C  C     . ILE A 1 61  ? -8.094  4.672   -2.396  1.00 36.29 ? 81  ILE A C     1 
ATOM   428  O  O     . ILE A 1 61  ? -8.248  5.890   -2.482  1.00 36.40 ? 81  ILE A O     1 
ATOM   429  C  CB    . ILE A 1 61  ? -6.451  4.393   -4.188  1.00 36.29 ? 81  ILE A CB    1 
ATOM   430  C  CG1   . ILE A 1 61  ? -6.148  3.747   -5.540  1.00 37.21 ? 81  ILE A CG1   1 
ATOM   431  C  CG2   . ILE A 1 61  ? -5.304  4.155   -3.170  1.00 35.99 ? 81  ILE A CG2   1 
ATOM   432  C  CD1   . ILE A 1 61  ? -4.940  4.311   -6.214  1.00 38.14 ? 81  ILE A CD1   1 
ATOM   433  N  N     . LEU A 1 62  ? -8.162  3.987   -1.261  1.00 34.79 ? 82  LEU A N     1 
ATOM   434  C  CA    . LEU A 1 62  ? -8.392  4.626   0.028   1.00 34.34 ? 82  LEU A CA    1 
ATOM   435  C  C     . LEU A 1 62  ? -7.063  4.876   0.726   1.00 34.99 ? 82  LEU A C     1 
ATOM   436  O  O     . LEU A 1 62  ? -6.335  3.936   1.012   1.00 34.23 ? 82  LEU A O     1 
ATOM   437  C  CB    . LEU A 1 62  ? -9.274  3.721   0.885   1.00 34.42 ? 82  LEU A CB    1 
ATOM   438  C  CG    . LEU A 1 62  ? -9.553  4.145   2.319   1.00 34.00 ? 82  LEU A CG    1 
ATOM   439  C  CD1   . LEU A 1 62  ? -10.105 5.545   2.354   1.00 36.32 ? 82  LEU A CD1   1 
ATOM   440  C  CD2   . LEU A 1 62  ? -10.495 3.173   2.956   1.00 33.83 ? 82  LEU A CD2   1 
ATOM   441  N  N     . ASP A 1 63  ? -6.762  6.144   0.983   1.00 35.63 ? 83  ASP A N     1 
ATOM   442  C  CA    . ASP A 1 63  ? -5.583  6.553   1.746   1.00 36.43 ? 83  ASP A CA    1 
ATOM   443  C  C     . ASP A 1 63  ? -5.998  6.720   3.210   1.00 36.85 ? 83  ASP A C     1 
ATOM   444  O  O     . ASP A 1 63  ? -6.577  7.741   3.583   1.00 36.52 ? 83  ASP A O     1 
ATOM   445  C  CB    . ASP A 1 63  ? -5.062  7.879   1.192   1.00 37.11 ? 83  ASP A CB    1 
ATOM   446  C  CG    . ASP A 1 63  ? -3.979  8.503   2.048   1.00 36.71 ? 83  ASP A CG    1 
ATOM   447  O  OD1   . ASP A 1 63  ? -3.211  7.758   2.708   1.00 38.08 ? 83  ASP A OD1   1 
ATOM   448  O  OD2   . ASP A 1 63  ? -3.912  9.750   2.051   1.00 38.33 ? 83  ASP A OD2   1 
ATOM   449  N  N     . THR A 1 64  ? -5.687  5.724   4.041   1.00 37.25 ? 84  THR A N     1 
ATOM   450  C  CA    . THR A 1 64  ? -6.177  5.704   5.427   1.00 36.76 ? 84  THR A CA    1 
ATOM   451  C  C     . THR A 1 64  ? -5.432  6.681   6.340   1.00 36.98 ? 84  THR A C     1 
ATOM   452  O  O     . THR A 1 64  ? -4.226  6.884   6.208   1.00 38.07 ? 84  THR A O     1 
ATOM   453  C  CB    . THR A 1 64  ? -6.132  4.274   6.042   1.00 36.72 ? 84  THR A CB    1 
ATOM   454  O  OG1   . THR A 1 64  ? -4.787  3.775   6.065   1.00 36.68 ? 84  THR A OG1   1 
ATOM   455  C  CG2   . THR A 1 64  ? -7.019  3.311   5.245   1.00 37.25 ? 84  THR A CG2   1 
ATOM   456  N  N     . ALA A 1 65  ? -6.173  7.282   7.264   1.00 36.85 ? 85  ALA A N     1 
ATOM   457  C  CA    . ALA A 1 65  ? -5.610  8.187   8.280   1.00 36.54 ? 85  ALA A CA    1 
ATOM   458  C  C     . ALA A 1 65  ? -5.524  7.496   9.644   1.00 36.46 ? 85  ALA A C     1 
ATOM   459  O  O     . ALA A 1 65  ? -5.130  8.121   10.627  1.00 37.18 ? 85  ALA A O     1 
ATOM   460  C  CB    . ALA A 1 65  ? -6.460  9.452   8.394   1.00 37.30 ? 85  ALA A CB    1 
ATOM   461  N  N     . GLY A 1 66  ? -5.920  6.227   9.695   1.00 36.28 ? 86  GLY A N     1 
ATOM   462  C  CA    . GLY A 1 66  ? -5.865  5.421   10.903  1.00 36.28 ? 86  GLY A CA    1 
ATOM   463  C  C     . GLY A 1 66  ? -7.135  5.576   11.718  1.00 35.77 ? 86  GLY A C     1 
ATOM   464  O  O     . GLY A 1 66  ? -7.728  6.653   11.763  1.00 36.22 ? 86  GLY A O     1 
ATOM   465  N  N     . GLN A 1 67  ? -7.555  4.496   12.368  1.00 35.57 ? 87  GLN A N     1 
ATOM   466  C  CA    . GLN A 1 67  ? -8.782  4.511   13.183  1.00 34.95 ? 87  GLN A CA    1 
ATOM   467  C  C     . GLN A 1 67  ? -8.647  5.218   14.546  1.00 35.06 ? 87  GLN A C     1 
ATOM   468  O  O     . GLN A 1 67  ? -9.647  5.471   15.234  1.00 34.01 ? 87  GLN A O     1 
ATOM   469  C  CB    . GLN A 1 67  ? -9.283  3.076   13.379  1.00 34.97 ? 87  GLN A CB    1 
ATOM   470  C  CG    . GLN A 1 67  ? -8.356  2.159   14.170  1.00 33.92 ? 87  GLN A CG    1 
ATOM   471  C  CD    . GLN A 1 67  ? -9.020  0.840   14.510  1.00 34.32 ? 87  GLN A CD    1 
ATOM   472  O  OE1   . GLN A 1 67  ? -9.590  0.181   13.641  1.00 32.27 ? 87  GLN A OE1   1 
ATOM   473  N  NE2   . GLN A 1 67  ? -8.954  0.447   15.776  1.00 32.29 ? 87  GLN A NE2   1 
ATOM   474  N  N     . GLU A 1 68  ? -7.418  5.563   14.913  1.00 34.94 ? 88  GLU A N     1 
ATOM   475  C  CA    . GLU A 1 68  ? -7.101  6.042   16.265  1.00 35.86 ? 88  GLU A CA    1 
ATOM   476  C  C     . GLU A 1 68  ? -7.777  7.365   16.605  1.00 35.18 ? 88  GLU A C     1 
ATOM   477  O  O     . GLU A 1 68  ? -8.255  7.561   17.744  1.00 34.69 ? 88  GLU A O     1 
ATOM   478  C  CB    . GLU A 1 68  ? -5.582  6.191   16.428  1.00 36.38 ? 88  GLU A CB    1 
ATOM   479  C  CG    . GLU A 1 68  ? -4.796  4.869   16.395  1.00 39.29 ? 88  GLU A CG    1 
ATOM   480  C  CD    . GLU A 1 68  ? -4.602  4.281   15.011  1.00 42.71 ? 88  GLU A CD    1 
ATOM   481  O  OE1   . GLU A 1 68  ? -4.578  5.037   14.006  1.00 44.84 ? 88  GLU A OE1   1 
ATOM   482  O  OE2   . GLU A 1 68  ? -4.469  3.040   14.933  1.00 46.07 ? 88  GLU A OE2   1 
ATOM   483  N  N     . GLU A 1 69  ? -7.822  8.284   15.647  1.00 35.50 ? 89  GLU A N     1 
ATOM   484  C  CA    . GLU A 1 69  ? -8.377  9.629   15.904  1.00 36.27 ? 89  GLU A CA    1 
ATOM   485  C  C     . GLU A 1 69  ? -9.286  10.156  14.800  1.00 36.50 ? 89  GLU A C     1 
ATOM   486  O  O     . GLU A 1 69  ? -10.342 10.729  15.077  1.00 36.35 ? 89  GLU A O     1 
ATOM   487  C  CB    . GLU A 1 69  ? -7.242  10.632  16.159  1.00 36.22 ? 89  GLU A CB    1 
ATOM   488  C  CG    . GLU A 1 69  ? -7.698  12.003  16.677  1.00 36.53 ? 89  GLU A CG    1 
ATOM   489  C  CD    . GLU A 1 69  ? -6.533  12.885  17.120  1.00 37.47 ? 89  GLU A CD    1 
ATOM   490  O  OE1   . GLU A 1 69  ? -5.363  12.456  16.961  1.00 42.63 ? 89  GLU A OE1   1 
ATOM   491  O  OE2   . GLU A 1 69  ? -6.784  14.004  17.594  1.00 41.58 ? 89  GLU A OE2   1 
ATOM   492  N  N     . PHE A 1 70  ? -8.880  9.946   13.550  1.00 37.10 ? 90  PHE A N     1 
ATOM   493  C  CA    . PHE A 1 70  ? -9.489  10.655  12.435  1.00 38.03 ? 90  PHE A CA    1 
ATOM   494  C  C     . PHE A 1 70  ? -10.277 9.766   11.477  1.00 38.22 ? 90  PHE A C     1 
ATOM   495  O  O     . PHE A 1 70  ? -11.306 10.198  10.950  1.00 39.18 ? 90  PHE A O     1 
ATOM   496  C  CB    . PHE A 1 70  ? -8.400  11.439  11.690  1.00 38.71 ? 90  PHE A CB    1 
ATOM   497  C  CG    . PHE A 1 70  ? -7.723  12.477  12.549  1.00 39.44 ? 90  PHE A CG    1 
ATOM   498  C  CD1   . PHE A 1 70  ? -6.371  12.375  12.876  1.00 40.08 ? 90  PHE A CD1   1 
ATOM   499  C  CD2   . PHE A 1 70  ? -8.462  13.538  13.078  1.00 40.22 ? 90  PHE A CD2   1 
ATOM   500  C  CE1   . PHE A 1 70  ? -5.762  13.341  13.698  1.00 40.46 ? 90  PHE A CE1   1 
ATOM   501  C  CE2   . PHE A 1 70  ? -7.865  14.511  13.894  1.00 40.37 ? 90  PHE A CE2   1 
ATOM   502  C  CZ    . PHE A 1 70  ? -6.511  14.405  14.206  1.00 40.44 ? 90  PHE A CZ    1 
ATOM   503  N  N     . GLY A 1 71  ? -9.830  8.529   11.279  1.00 37.74 ? 91  GLY A N     1 
ATOM   504  C  CA    . GLY A 1 71  ? -10.398 7.674   10.228  1.00 37.76 ? 91  GLY A CA    1 
ATOM   505  C  C     . GLY A 1 71  ? -11.423 6.654   10.691  1.00 37.64 ? 91  GLY A C     1 
ATOM   506  O  O     . GLY A 1 71  ? -11.719 6.542   11.881  1.00 37.54 ? 91  GLY A O     1 
ATOM   507  N  N     . ALA A 1 72  ? -11.954 5.909   9.723   1.00 37.83 ? 92  ALA A N     1 
ATOM   508  C  CA    . ALA A 1 72  ? -12.871 4.787   9.958   1.00 37.91 ? 92  ALA A CA    1 
ATOM   509  C  C     . ALA A 1 72  ? -12.179 3.596   10.632  1.00 37.74 ? 92  ALA A C     1 
ATOM   510  O  O     . ALA A 1 72  ? -10.962 3.417   10.499  1.00 37.27 ? 92  ALA A O     1 
ATOM   511  C  CB    . ALA A 1 72  ? -13.475 4.328   8.623   1.00 37.89 ? 92  ALA A CB    1 
ATOM   512  N  N     . MET A 1 73  ? -12.971 2.788   11.342  1.00 38.34 ? 93  MET A N     1 
ATOM   513  C  CA    . MET A 1 73  ? -12.499 1.535   11.931  1.00 38.57 ? 93  MET A CA    1 
ATOM   514  C  C     . MET A 1 73  ? -11.922 0.733   10.775  1.00 38.96 ? 93  MET A C     1 
ATOM   515  O  O     . MET A 1 73  ? -12.535 0.653   9.706   1.00 38.97 ? 93  MET A O     1 
ATOM   516  C  CB    . MET A 1 73  ? -13.651 0.747   12.594  1.00 38.52 ? 93  MET A CB    1 
ATOM   517  C  CG    . MET A 1 73  ? -14.310 1.386   13.869  1.00 39.32 ? 93  MET A CG    1 
ATOM   518  S  SD    . MET A 1 73  ? -13.170 1.456   15.368  1.00 39.53 ? 93  MET A SD    1 
ATOM   519  C  CE    . MET A 1 73  ? -12.410 3.073   14.981  1.00 40.50 ? 93  MET A CE    1 
ATOM   520  N  N     . ARG A 1 74  ? -10.743 0.152   10.959  1.00 39.15 ? 94  ARG A N     1 
ATOM   521  C  CA    . ARG A 1 74  ? -10.088 -0.485  9.818   1.00 39.85 ? 94  ARG A CA    1 
ATOM   522  C  C     . ARG A 1 74  ? -10.768 -1.746  9.315   1.00 40.01 ? 94  ARG A C     1 
ATOM   523  O  O     . ARG A 1 74  ? -10.761 -2.006  8.105   1.00 38.85 ? 94  ARG A O     1 
ATOM   524  C  CB    . ARG A 1 74  ? -8.605  -0.726  10.056  1.00 40.29 ? 94  ARG A CB    1 
ATOM   525  C  CG    . ARG A 1 74  ? -8.251  -1.656  11.184  1.00 42.20 ? 94  ARG A CG    1 
ATOM   526  C  CD    . ARG A 1 74  ? -6.931  -1.181  11.757  1.00 44.78 ? 94  ARG A CD    1 
ATOM   527  N  NE    . ARG A 1 74  ? -6.531  -1.939  12.933  1.00 46.32 ? 94  ARG A NE    1 
ATOM   528  C  CZ    . ARG A 1 74  ? -5.764  -1.473  13.913  1.00 46.96 ? 94  ARG A CZ    1 
ATOM   529  N  NH1   . ARG A 1 74  ? -5.298  -0.222  13.896  1.00 48.01 ? 94  ARG A NH1   1 
ATOM   530  N  NH2   . ARG A 1 74  ? -5.459  -2.272  14.929  1.00 47.89 ? 94  ARG A NH2   1 
ATOM   531  N  N     . GLU A 1 75  ? -11.389 -2.510  10.211  1.00 40.38 ? 95  GLU A N     1 
ATOM   532  C  CA    . GLU A 1 75  ? -12.093 -3.710  9.774   1.00 40.90 ? 95  GLU A CA    1 
ATOM   533  C  C     . GLU A 1 75  ? -13.096 -3.379  8.669   1.00 41.10 ? 95  GLU A C     1 
ATOM   534  O  O     . GLU A 1 75  ? -13.365 -4.223  7.819   1.00 41.35 ? 95  GLU A O     1 
ATOM   535  C  CB    . GLU A 1 75  ? -12.779 -4.420  10.942  1.00 40.93 ? 95  GLU A CB    1 
ATOM   536  C  CG    . GLU A 1 75  ? -11.804 -5.088  11.917  1.00 41.48 ? 95  GLU A CG    1 
ATOM   537  C  CD    . GLU A 1 75  ? -12.420 -6.270  12.659  1.00 41.73 ? 95  GLU A CD    1 
ATOM   538  O  OE1   . GLU A 1 75  ? -13.240 -6.062  13.594  1.00 41.76 ? 95  GLU A OE1   1 
ATOM   539  O  OE2   . GLU A 1 75  ? -12.072 -7.417  12.308  1.00 42.27 ? 95  GLU A OE2   1 
ATOM   540  N  N     . GLN A 1 76  ? -13.626 -2.154  8.661   1.00 41.34 ? 96  GLN A N     1 
ATOM   541  C  CA    . GLN A 1 76  ? -14.595 -1.750  7.631   1.00 41.68 ? 96  GLN A CA    1 
ATOM   542  C  C     . GLN A 1 76  ? -13.948 -1.809  6.243   1.00 41.82 ? 96  GLN A C     1 
ATOM   543  O  O     . GLN A 1 76  ? -14.357 -2.595  5.381   1.00 42.00 ? 96  GLN A O     1 
ATOM   544  C  CB    . GLN A 1 76  ? -15.152 -0.345  7.907   1.00 41.70 ? 96  GLN A CB    1 
ATOM   545  C  CG    . GLN A 1 76  ? -16.011 -0.235  9.180   1.00 41.10 ? 96  GLN A CG    1 
ATOM   546  N  N     . TYR A 1 77  ? -12.930 -0.987  6.032   1.00 42.03 ? 97  TYR A N     1 
ATOM   547  C  CA    . TYR A 1 77  ? -12.229 -0.994  4.748   1.00 42.20 ? 97  TYR A CA    1 
ATOM   548  C  C     . TYR A 1 77  ? -11.335 -2.219  4.516   1.00 42.54 ? 97  TYR A C     1 
ATOM   549  O  O     . TYR A 1 77  ? -11.046 -2.539  3.361   1.00 43.50 ? 97  TYR A O     1 
ATOM   550  C  CB    . TYR A 1 77  ? -11.461 0.312   4.501   1.00 41.78 ? 97  TYR A CB    1 
ATOM   551  C  CG    . TYR A 1 77  ? -10.501 0.741   5.573   1.00 41.42 ? 97  TYR A CG    1 
ATOM   552  C  CD1   . TYR A 1 77  ? -9.321  0.042   5.808   1.00 41.40 ? 97  TYR A CD1   1 
ATOM   553  C  CD2   . TYR A 1 77  ? -10.757 1.878   6.334   1.00 41.17 ? 97  TYR A CD2   1 
ATOM   554  C  CE1   . TYR A 1 77  ? -8.423  0.462   6.780   1.00 41.45 ? 97  TYR A CE1   1 
ATOM   555  C  CE2   . TYR A 1 77  ? -9.880  2.299   7.298   1.00 41.98 ? 97  TYR A CE2   1 
ATOM   556  C  CZ    . TYR A 1 77  ? -8.720  1.595   7.529   1.00 41.25 ? 97  TYR A CZ    1 
ATOM   557  O  OH    . TYR A 1 77  ? -7.854  2.037   8.495   1.00 40.33 ? 97  TYR A OH    1 
ATOM   558  N  N     . MET A 1 78  ? -10.883 -2.889  5.580   1.00 42.37 ? 98  MET A N     1 
ATOM   559  C  CA    . MET A 1 78  ? -10.171 -4.172  5.431   1.00 42.26 ? 98  MET A CA    1 
ATOM   560  C  C     . MET A 1 78  ? -11.098 -5.275  4.891   1.00 42.06 ? 98  MET A C     1 
ATOM   561  O  O     . MET A 1 78  ? -10.674 -6.137  4.123   1.00 41.57 ? 98  MET A O     1 
ATOM   562  C  CB    . MET A 1 78  ? -9.538  -4.634  6.752   1.00 42.27 ? 98  MET A CB    1 
ATOM   563  C  CG    . MET A 1 78  ? -8.298  -3.874  7.174   1.00 42.91 ? 98  MET A CG    1 
ATOM   564  S  SD    . MET A 1 78  ? -7.380  -4.735  8.457   1.00 41.97 ? 98  MET A SD    1 
ATOM   565  C  CE    . MET A 1 78  ? -5.825  -3.833  8.401   1.00 43.10 ? 98  MET A CE    1 
ATOM   566  N  N     . ARG A 1 79  ? -12.365 -5.253  5.284   1.00 42.03 ? 99  ARG A N     1 
ATOM   567  C  CA    . ARG A 1 79  ? -13.334 -6.180  4.703   1.00 42.54 ? 99  ARG A CA    1 
ATOM   568  C  C     . ARG A 1 79  ? -13.683 -5.808  3.260   1.00 42.04 ? 99  ARG A C     1 
ATOM   569  O  O     . ARG A 1 79  ? -13.832 -6.681  2.407   1.00 41.90 ? 99  ARG A O     1 
ATOM   570  C  CB    . ARG A 1 79  ? -14.605 -6.241  5.553   1.00 42.56 ? 99  ARG A CB    1 
ATOM   571  C  CG    . ARG A 1 79  ? -14.465 -7.103  6.800   1.00 43.49 ? 99  ARG A CG    1 
ATOM   572  C  CD    A ARG A 1 79  ? -15.794 -7.279  7.514   0.50 43.76 ? 99  ARG A CD    1 
ATOM   573  C  CD    B ARG A 1 79  ? -15.787 -7.225  7.553   0.50 43.73 ? 99  ARG A CD    1 
ATOM   574  N  NE    A ARG A 1 79  ? -15.714 -8.275  8.583   0.50 44.70 ? 99  ARG A NE    1 
ATOM   575  N  NE    B ARG A 1 79  ? -15.961 -6.127  8.510   0.50 44.79 ? 99  ARG A NE    1 
ATOM   576  C  CZ    A ARG A 1 79  ? -15.620 -9.593  8.399   0.50 45.10 ? 99  ARG A CZ    1 
ATOM   577  C  CZ    B ARG A 1 79  ? -16.066 -6.253  9.835   0.50 44.89 ? 99  ARG A CZ    1 
ATOM   578  N  NH1   A ARG A 1 79  ? -15.556 -10.400 9.452   0.50 45.17 ? 99  ARG A NH1   1 
ATOM   579  N  NH1   B ARG A 1 79  ? -16.210 -5.163  10.578  0.50 44.85 ? 99  ARG A NH1   1 
ATOM   580  N  NH2   A ARG A 1 79  ? -15.590 -10.118 7.175   0.50 45.03 ? 99  ARG A NH2   1 
ATOM   581  N  NH2   B ARG A 1 79  ? -16.046 -7.443  10.433  0.50 45.49 ? 99  ARG A NH2   1 
ATOM   582  N  N     . ALA A 1 80  ? -13.814 -4.512  2.988   1.00 41.78 ? 100 ALA A N     1 
ATOM   583  C  CA    . ALA A 1 80  ? -14.208 -4.033  1.657   1.00 41.98 ? 100 ALA A CA    1 
ATOM   584  C  C     . ALA A 1 80  ? -13.065 -4.170  0.627   1.00 41.71 ? 100 ALA A C     1 
ATOM   585  O  O     . ALA A 1 80  ? -13.319 -4.379  -0.573  1.00 42.37 ? 100 ALA A O     1 
ATOM   586  C  CB    . ALA A 1 80  ? -14.670 -2.583  1.743   1.00 41.54 ? 100 ALA A CB    1 
ATOM   587  N  N     . GLY A 1 81  ? -11.831 -4.090  1.115   1.00 41.68 ? 101 GLY A N     1 
ATOM   588  C  CA    . GLY A 1 81  ? -10.625 -4.019  0.284   1.00 41.17 ? 101 GLY A CA    1 
ATOM   589  C  C     . GLY A 1 81  ? -10.392 -5.246  -0.570  1.00 40.87 ? 101 GLY A C     1 
ATOM   590  O  O     . GLY A 1 81  ? -10.559 -6.375  -0.107  1.00 40.91 ? 101 GLY A O     1 
ATOM   591  N  N     . HIS A 1 82  ? -10.013 -5.019  -1.828  1.00 40.36 ? 102 HIS A N     1 
ATOM   592  C  CA    . HIS A 1 82  ? -9.700  -6.103  -2.750  1.00 39.53 ? 102 HIS A CA    1 
ATOM   593  C  C     . HIS A 1 82  ? -8.189  -6.333  -2.805  1.00 38.44 ? 102 HIS A C     1 
ATOM   594  O  O     . HIS A 1 82  ? -7.743  -7.330  -3.371  1.00 38.52 ? 102 HIS A O     1 
ATOM   595  C  CB    . HIS A 1 82  ? -10.191 -5.791  -4.169  1.00 39.97 ? 102 HIS A CB    1 
ATOM   596  C  CG    . HIS A 1 82  ? -11.680 -5.665  -4.290  1.00 41.15 ? 102 HIS A CG    1 
ATOM   597  N  ND1   . HIS A 1 82  ? -12.282 -4.851  -5.222  1.00 41.80 ? 102 HIS A ND1   1 
ATOM   598  C  CD2   . HIS A 1 82  ? -12.684 -6.235  -3.584  1.00 42.15 ? 102 HIS A CD2   1 
ATOM   599  C  CE1   . HIS A 1 82  ? -13.594 -4.925  -5.090  1.00 43.01 ? 102 HIS A CE1   1 
ATOM   600  N  NE2   . HIS A 1 82  ? -13.865 -5.765  -4.107  1.00 43.87 ? 102 HIS A NE2   1 
ATOM   601  N  N     . GLY A 1 83  ? -7.424  -5.413  -2.230  1.00 36.70 ? 103 GLY A N     1 
ATOM   602  C  CA    . GLY A 1 83  ? -5.963  -5.437  -2.279  1.00 35.85 ? 103 GLY A CA    1 
ATOM   603  C  C     . GLY A 1 83  ? -5.416  -4.355  -1.364  1.00 36.20 ? 103 GLY A C     1 
ATOM   604  O  O     . GLY A 1 83  ? -6.019  -3.298  -1.212  1.00 35.67 ? 103 GLY A O     1 
ATOM   605  N  N     . PHE A 1 84  ? -4.258  -4.626  -0.785  1.00 35.43 ? 104 PHE A N     1 
ATOM   606  C  CA    . PHE A 1 84  ? -3.633  -3.738  0.183   1.00 34.93 ? 104 PHE A CA    1 
ATOM   607  C  C     . PHE A 1 84  ? -2.219  -3.350  -0.153  1.00 34.72 ? 104 PHE A C     1 
ATOM   608  O  O     . PHE A 1 84  ? -1.405  -4.196  -0.481  1.00 36.01 ? 104 PHE A O     1 
ATOM   609  C  CB    . PHE A 1 84  ? -3.641  -4.371  1.574   1.00 34.63 ? 104 PHE A CB    1 
ATOM   610  C  CG    . PHE A 1 84  ? -4.991  -4.678  2.045   1.00 34.20 ? 104 PHE A CG    1 
ATOM   611  C  CD1   . PHE A 1 84  ? -5.731  -3.710  2.711   1.00 33.37 ? 104 PHE A CD1   1 
ATOM   612  C  CD2   . PHE A 1 84  ? -5.566  -5.906  1.789   1.00 34.47 ? 104 PHE A CD2   1 
ATOM   613  C  CE1   . PHE A 1 84  ? -7.012  -3.969  3.113   1.00 34.36 ? 104 PHE A CE1   1 
ATOM   614  C  CE2   . PHE A 1 84  ? -6.831  -6.168  2.202   1.00 34.73 ? 104 PHE A CE2   1 
ATOM   615  C  CZ    . PHE A 1 84  ? -7.565  -5.187  2.857   1.00 33.62 ? 104 PHE A CZ    1 
ATOM   616  N  N     . LEU A 1 85  ? -1.935  -2.055  -0.045  1.00 35.85 ? 105 LEU A N     1 
ATOM   617  C  CA    . LEU A 1 85  ? -0.596  -1.535  -0.138  1.00 36.31 ? 105 LEU A CA    1 
ATOM   618  C  C     . LEU A 1 85  ? -0.147  -1.271  1.281   1.00 36.09 ? 105 LEU A C     1 
ATOM   619  O  O     . LEU A 1 85  ? -0.662  -0.366  1.944   1.00 35.00 ? 105 LEU A O     1 
ATOM   620  C  CB    . LEU A 1 85  ? -0.538  -0.244  -0.952  1.00 36.27 ? 105 LEU A CB    1 
ATOM   621  C  CG    . LEU A 1 85  ? 0.874   0.034   -1.460  1.00 36.79 ? 105 LEU A CG    1 
ATOM   622  C  CD1   . LEU A 1 85  ? 1.211   -0.952  -2.562  1.00 38.77 ? 105 LEU A CD1   1 
ATOM   623  C  CD2   . LEU A 1 85  ? 1.047   1.458   -1.942  1.00 36.48 ? 105 LEU A CD2   1 
ATOM   624  N  N     . LEU A 1 86  ? 0.796   -2.091  1.738   1.00 37.30 ? 106 LEU A N     1 
ATOM   625  C  CA    . LEU A 1 86  ? 1.244   -2.095  3.125   1.00 38.03 ? 106 LEU A CA    1 
ATOM   626  C  C     . LEU A 1 86  ? 2.561   -1.321  3.196   1.00 37.75 ? 106 LEU A C     1 
ATOM   627  O  O     . LEU A 1 86  ? 3.580   -1.797  2.714   1.00 37.35 ? 106 LEU A O     1 
ATOM   628  C  CB    . LEU A 1 86  ? 1.426   -3.561  3.569   1.00 38.57 ? 106 LEU A CB    1 
ATOM   629  C  CG    . LEU A 1 86  ? 1.460   -4.049  5.001   1.00 41.08 ? 106 LEU A CG    1 
ATOM   630  C  CD1   . LEU A 1 86  ? 0.571   -3.263  5.939   1.00 44.66 ? 106 LEU A CD1   1 
ATOM   631  C  CD2   . LEU A 1 86  ? 1.056   -5.499  4.983   1.00 40.76 ? 106 LEU A CD2   1 
ATOM   632  N  N     . VAL A 1 87  ? 2.535   -0.138  3.808   1.00 36.14 ? 107 VAL A N     1 
ATOM   633  C  CA    . VAL A 1 87  ? 3.630   0.824   3.752   1.00 36.69 ? 107 VAL A CA    1 
ATOM   634  C  C     . VAL A 1 87  ? 4.302   0.978   5.118   1.00 35.96 ? 107 VAL A C     1 
ATOM   635  O  O     . VAL A 1 87  ? 3.657   1.171   6.146   1.00 37.00 ? 107 VAL A O     1 
ATOM   636  C  CB    . VAL A 1 87  ? 3.114   2.243   3.283   1.00 36.67 ? 107 VAL A CB    1 
ATOM   637  C  CG1   . VAL A 1 87  ? 4.294   3.224   3.034   1.00 35.95 ? 107 VAL A CG1   1 
ATOM   638  C  CG2   . VAL A 1 87  ? 2.247   2.120   2.011   1.00 37.38 ? 107 VAL A CG2   1 
ATOM   639  N  N     . PHE A 1 88  ? 5.628   0.946   5.107   1.00 35.51 ? 108 PHE A N     1 
ATOM   640  C  CA    . PHE A 1 88  ? 6.413   1.442   6.213   1.00 35.73 ? 108 PHE A CA    1 
ATOM   641  C  C     . PHE A 1 88  ? 7.474   2.372   5.676   1.00 35.17 ? 108 PHE A C     1 
ATOM   642  O  O     . PHE A 1 88  ? 7.601   2.524   4.475   1.00 36.03 ? 108 PHE A O     1 
ATOM   643  C  CB    . PHE A 1 88  ? 7.022   0.276   7.008   1.00 36.33 ? 108 PHE A CB    1 
ATOM   644  C  CG    . PHE A 1 88  ? 8.100   -0.483  6.272   1.00 34.77 ? 108 PHE A CG    1 
ATOM   645  C  CD1   . PHE A 1 88  ? 9.441   -0.257  6.550   1.00 37.02 ? 108 PHE A CD1   1 
ATOM   646  C  CD2   . PHE A 1 88  ? 7.786   -1.422  5.324   1.00 35.71 ? 108 PHE A CD2   1 
ATOM   647  C  CE1   . PHE A 1 88  ? 10.448  -0.925  5.879   1.00 36.56 ? 108 PHE A CE1   1 
ATOM   648  C  CE2   . PHE A 1 88  ? 8.775   -2.107  4.674   1.00 35.75 ? 108 PHE A CE2   1 
ATOM   649  C  CZ    . PHE A 1 88  ? 10.128  -1.852  4.948   1.00 36.45 ? 108 PHE A CZ    1 
ATOM   650  N  N     . ALA A 1 89  ? 8.270   2.958   6.570   1.00 34.84 ? 109 ALA A N     1 
ATOM   651  C  CA    . ALA A 1 89  ? 9.399   3.796   6.134   1.00 35.39 ? 109 ALA A CA    1 
ATOM   652  C  C     . ALA A 1 89  ? 10.699  3.140   6.530   1.00 35.54 ? 109 ALA A C     1 
ATOM   653  O  O     . ALA A 1 89  ? 10.844  2.667   7.654   1.00 36.60 ? 109 ALA A O     1 
ATOM   654  C  CB    . ALA A 1 89  ? 9.278   5.155   6.718   1.00 34.71 ? 109 ALA A CB    1 
ATOM   655  N  N     . ILE A 1 90  ? 11.645  3.110   5.609   1.00 35.79 ? 110 ILE A N     1 
ATOM   656  C  CA    . ILE A 1 90  ? 12.897  2.375   5.825   1.00 36.00 ? 110 ILE A CA    1 
ATOM   657  C  C     . ILE A 1 90  ? 13.759  2.966   6.950   1.00 35.33 ? 110 ILE A C     1 
ATOM   658  O  O     . ILE A 1 90  ? 14.634  2.276   7.463   1.00 35.99 ? 110 ILE A O     1 
ATOM   659  C  CB    . ILE A 1 90  ? 13.730  2.196   4.525   1.00 36.59 ? 110 ILE A CB    1 
ATOM   660  C  CG1   . ILE A 1 90  ? 14.299  3.528   4.037   1.00 37.03 ? 110 ILE A CG1   1 
ATOM   661  C  CG2   . ILE A 1 90  ? 12.901  1.531   3.392   1.00 34.47 ? 110 ILE A CG2   1 
ATOM   662  C  CD1   . ILE A 1 90  ? 15.563  3.384   3.133   1.00 38.40 ? 110 ILE A CD1   1 
ATOM   663  N  N     . ASN A 1 91  ? 13.458  4.192   7.379   1.00 36.38 ? 111 ASN A N     1 
ATOM   664  C  CA    . ASN A 1 91  ? 14.177  4.853   8.491   1.00 36.77 ? 111 ASN A CA    1 
ATOM   665  C  C     . ASN A 1 91  ? 13.420  4.832   9.846   1.00 36.92 ? 111 ASN A C     1 
ATOM   666  O  O     . ASN A 1 91  ? 13.720  5.630   10.758  1.00 36.75 ? 111 ASN A O     1 
ATOM   667  C  CB    . ASN A 1 91  ? 14.472  6.297   8.101   1.00 36.98 ? 111 ASN A CB    1 
ATOM   668  C  CG    . ASN A 1 91  ? 13.233  7.168   8.093   1.00 39.44 ? 111 ASN A CG    1 
ATOM   669  O  OD1   . ASN A 1 91  ? 12.130  6.687   7.820   1.00 37.44 ? 111 ASN A OD1   1 
ATOM   670  N  ND2   . ASN A 1 91  ? 13.411  8.472   8.386   1.00 36.35 ? 111 ASN A ND2   1 
ATOM   671  N  N     . ASP A 1 92  ? 12.416  3.955   9.944   1.00 37.80 ? 112 ASP A N     1 
ATOM   672  C  CA    . ASP A 1 92  ? 11.556  3.819   11.121  1.00 38.35 ? 112 ASP A CA    1 
ATOM   673  C  C     . ASP A 1 92  ? 11.234  2.359   11.395  1.00 38.70 ? 112 ASP A C     1 
ATOM   674  O  O     . ASP A 1 92  ? 10.282  1.812   10.843  1.00 38.58 ? 112 ASP A O     1 
ATOM   675  C  CB    . ASP A 1 92  ? 10.239  4.587   10.905  1.00 39.66 ? 112 ASP A CB    1 
ATOM   676  C  CG    . ASP A 1 92  ? 9.378   4.667   12.165  1.00 43.43 ? 112 ASP A CG    1 
ATOM   677  O  OD1   . ASP A 1 92  ? 9.639   3.958   13.173  1.00 48.13 ? 112 ASP A OD1   1 
ATOM   678  O  OD2   . ASP A 1 92  ? 8.440   5.491   12.174  1.00 48.98 ? 112 ASP A OD2   1 
ATOM   679  N  N     . ARG A 1 93  ? 12.018  1.714   12.246  1.00 38.42 ? 113 ARG A N     1 
ATOM   680  C  CA    . ARG A 1 93  ? 11.738  0.329   12.612  1.00 38.58 ? 113 ARG A CA    1 
ATOM   681  C  C     . ARG A 1 93  ? 10.346  0.141   13.246  1.00 38.02 ? 113 ARG A C     1 
ATOM   682  O  O     . ARG A 1 93  ? 9.726   -0.889  13.015  1.00 37.87 ? 113 ARG A O     1 
ATOM   683  C  CB    . ARG A 1 93  ? 12.806  -0.230  13.553  1.00 38.91 ? 113 ARG A CB    1 
ATOM   684  C  CG    . ARG A 1 93  ? 12.561  -1.698  13.923  1.00 39.08 ? 113 ARG A CG    1 
ATOM   685  C  CD    . ARG A 1 93  ? 13.776  -2.333  14.512  1.00 41.54 ? 113 ARG A CD    1 
ATOM   686  N  NE    . ARG A 1 93  ? 14.821  -2.644  13.535  1.00 43.47 ? 113 ARG A NE    1 
ATOM   687  C  CZ    . ARG A 1 93  ? 14.819  -3.685  12.710  1.00 44.11 ? 113 ARG A CZ    1 
ATOM   688  N  NH1   . ARG A 1 93  ? 13.777  -4.514  12.653  1.00 43.26 ? 113 ARG A NH1   1 
ATOM   689  N  NH2   . ARG A 1 93  ? 15.853  -3.863  11.898  1.00 43.94 ? 113 ARG A NH2   1 
ATOM   690  N  N     . GLN A 1 94  ? 9.862   1.100   14.040  1.00 37.96 ? 114 GLN A N     1 
ATOM   691  C  CA    . GLN A 1 94  ? 8.523   0.968   14.638  1.00 37.10 ? 114 GLN A CA    1 
ATOM   692  C  C     . GLN A 1 94  ? 7.451   0.850   13.541  1.00 37.13 ? 114 GLN A C     1 
ATOM   693  O  O     . GLN A 1 94  ? 6.512   0.075   13.680  1.00 37.05 ? 114 GLN A O     1 
ATOM   694  C  CB    . GLN A 1 94  ? 8.197   2.135   15.572  1.00 37.72 ? 114 GLN A CB    1 
ATOM   695  N  N     . SER A 1 95  ? 7.599   1.607   12.458  1.00 36.48 ? 115 SER A N     1 
ATOM   696  C  CA    . SER A 1 95  ? 6.666   1.508   11.318  1.00 36.58 ? 115 SER A CA    1 
ATOM   697  C  C     . SER A 1 95  ? 6.728   0.143   10.671  1.00 36.24 ? 115 SER A C     1 
ATOM   698  O  O     . SER A 1 95  ? 5.730   -0.344  10.114  1.00 36.76 ? 115 SER A O     1 
ATOM   699  C  CB    . SER A 1 95  ? 6.899   2.621   10.308  1.00 36.96 ? 115 SER A CB    1 
ATOM   700  O  OG    . SER A 1 95  ? 8.010   2.367   9.477   1.00 36.07 ? 115 SER A OG    1 
ATOM   701  N  N     . PHE A 1 96  ? 7.910   -0.465  10.686  1.00 36.38 ? 116 PHE A N     1 
ATOM   702  C  CA    . PHE A 1 96  ? 8.075   -1.807  10.138  1.00 35.88 ? 116 PHE A CA    1 
ATOM   703  C  C     . PHE A 1 96  ? 7.359   -2.826  11.038  1.00 37.04 ? 116 PHE A C     1 
ATOM   704  O  O     . PHE A 1 96  ? 6.748   -3.767  10.565  1.00 37.40 ? 116 PHE A O     1 
ATOM   705  C  CB    . PHE A 1 96  ? 9.558   -2.145  9.987   1.00 36.22 ? 116 PHE A CB    1 
ATOM   706  C  CG    . PHE A 1 96  ? 9.827   -3.519  9.422   1.00 35.25 ? 116 PHE A CG    1 
ATOM   707  C  CD1   . PHE A 1 96  ? 9.467   -3.855  8.109   1.00 36.67 ? 116 PHE A CD1   1 
ATOM   708  C  CD2   . PHE A 1 96  ? 10.451  -4.491  10.222  1.00 38.20 ? 116 PHE A CD2   1 
ATOM   709  C  CE1   . PHE A 1 96  ? 9.732   -5.115  7.605   1.00 37.44 ? 116 PHE A CE1   1 
ATOM   710  C  CE2   . PHE A 1 96  ? 10.710  -5.770  9.709   1.00 38.66 ? 116 PHE A CE2   1 
ATOM   711  C  CZ    . PHE A 1 96  ? 10.362  -6.075  8.423   1.00 38.01 ? 116 PHE A CZ    1 
ATOM   712  N  N     . ASN A 1 97  ? 7.464   -2.649  12.346  1.00 36.70 ? 117 ASN A N     1 
ATOM   713  C  CA    . ASN A 1 97  ? 6.700   -3.492  13.273  1.00 36.92 ? 117 ASN A CA    1 
ATOM   714  C  C     . ASN A 1 97  ? 5.200   -3.385  13.043  1.00 37.48 ? 117 ASN A C     1 
ATOM   715  O  O     . ASN A 1 97  ? 4.472   -4.381  13.158  1.00 37.63 ? 117 ASN A O     1 
ATOM   716  C  CB    . ASN A 1 97  ? 7.034   -3.102  14.718  1.00 36.86 ? 117 ASN A CB    1 
ATOM   717  C  CG    . ASN A 1 97  ? 8.445   -3.454  15.098  1.00 37.52 ? 117 ASN A CG    1 
ATOM   718  O  OD1   . ASN A 1 97  ? 9.048   -4.325  14.494  1.00 38.98 ? 117 ASN A OD1   1 
ATOM   719  N  ND2   . ASN A 1 97  ? 8.983   -2.781  16.120  1.00 38.40 ? 117 ASN A ND2   1 
ATOM   720  N  N     . GLU A 1 98  ? 4.742   -2.187  12.707  1.00 38.53 ? 118 GLU A N     1 
ATOM   721  C  CA    . GLU A 1 98  ? 3.323   -1.922  12.515  1.00 38.83 ? 118 GLU A CA    1 
ATOM   722  C  C     . GLU A 1 98  ? 2.778   -2.680  11.312  1.00 38.86 ? 118 GLU A C     1 
ATOM   723  O  O     . GLU A 1 98  ? 1.634   -3.114  11.329  1.00 38.15 ? 118 GLU A O     1 
ATOM   724  C  CB    . GLU A 1 98  ? 3.083   -0.420  12.358  1.00 40.01 ? 118 GLU A CB    1 
ATOM   725  C  CG    . GLU A 1 98  ? 1.620   0.045   12.346  1.00 41.27 ? 118 GLU A CG    1 
ATOM   726  C  CD    . GLU A 1 98  ? 0.787   -0.482  13.508  1.00 46.63 ? 118 GLU A CD    1 
ATOM   727  O  OE1   . GLU A 1 98  ? 1.215   -0.389  14.683  1.00 50.61 ? 118 GLU A OE1   1 
ATOM   728  O  OE2   . GLU A 1 98  ? -0.327  -0.983  13.238  1.00 52.19 ? 118 GLU A OE2   1 
ATOM   729  N  N     . VAL A 1 99  ? 3.590   -2.844  10.272  1.00 38.81 ? 119 VAL A N     1 
ATOM   730  C  CA    . VAL A 1 99  ? 3.125   -3.623  9.100   1.00 38.69 ? 119 VAL A CA    1 
ATOM   731  C  C     . VAL A 1 99  ? 2.961   -5.121  9.402   1.00 38.75 ? 119 VAL A C     1 
ATOM   732  O  O     . VAL A 1 99  ? 2.095   -5.772  8.805   1.00 40.00 ? 119 VAL A O     1 
ATOM   733  C  CB    . VAL A 1 99  ? 3.956   -3.448  7.794   1.00 39.26 ? 119 VAL A CB    1 
ATOM   734  C  CG1   . VAL A 1 99  ? 3.953   -2.015  7.365   1.00 41.18 ? 119 VAL A CG1   1 
ATOM   735  C  CG2   . VAL A 1 99  ? 5.358   -4.015  7.902   1.00 39.78 ? 119 VAL A CG2   1 
ATOM   736  N  N     . GLY A 1 100 ? 3.805   -5.668  10.266  1.00 38.00 ? 120 GLY A N     1 
ATOM   737  C  CA    . GLY A 1 100 ? 3.634   -7.022  10.751  1.00 37.57 ? 120 GLY A CA    1 
ATOM   738  C  C     . GLY A 1 100 ? 2.250   -7.155  11.360  1.00 37.74 ? 120 GLY A C     1 
ATOM   739  O  O     . GLY A 1 100 ? 1.502   -8.069  11.033  1.00 38.07 ? 120 GLY A O     1 
ATOM   740  N  N     . LYS A 1 101 ? 1.899   -6.221  12.236  1.00 37.15 ? 121 LYS A N     1 
ATOM   741  C  CA    . LYS A 1 101 ? 0.582   -6.232  12.904  1.00 37.06 ? 121 LYS A CA    1 
ATOM   742  C  C     . LYS A 1 101 ? -0.580  -6.098  11.910  1.00 37.47 ? 121 LYS A C     1 
ATOM   743  O  O     . LYS A 1 101 ? -1.584  -6.832  11.980  1.00 36.89 ? 121 LYS A O     1 
ATOM   744  C  CB    . LYS A 1 101 ? 0.519   -5.116  13.957  1.00 37.15 ? 121 LYS A CB    1 
ATOM   745  C  CG    . LYS A 1 101 ? 1.415   -5.368  15.155  1.00 38.81 ? 121 LYS A CG    1 
ATOM   746  N  N     . LEU A 1 102 ? -0.448  -5.160  10.982  1.00 37.38 ? 122 LEU A N     1 
ATOM   747  C  CA    . LEU A 1 102 ? -1.468  -4.962  9.977   1.00 38.14 ? 122 LEU A CA    1 
ATOM   748  C  C     . LEU A 1 102 ? -1.625  -6.206  9.103   1.00 38.26 ? 122 LEU A C     1 
ATOM   749  O  O     . LEU A 1 102 ? -2.747  -6.556  8.739   1.00 38.30 ? 122 LEU A O     1 
ATOM   750  C  CB    . LEU A 1 102 ? -1.152  -3.728  9.128   1.00 38.88 ? 122 LEU A CB    1 
ATOM   751  C  CG    . LEU A 1 102 ? -1.402  -2.400  9.846   1.00 40.17 ? 122 LEU A CG    1 
ATOM   752  C  CD1   . LEU A 1 102 ? -0.570  -1.303  9.227   1.00 42.39 ? 122 LEU A CD1   1 
ATOM   753  C  CD2   . LEU A 1 102 ? -2.877  -2.076  9.784   1.00 43.60 ? 122 LEU A CD2   1 
ATOM   754  N  N     . PHE A 1 103 ? -0.523  -6.889  8.786   1.00 38.52 ? 123 PHE A N     1 
ATOM   755  C  CA    . PHE A 1 103 ? -0.599  -8.079  7.913   1.00 38.98 ? 123 PHE A CA    1 
ATOM   756  C  C     . PHE A 1 103 ? -1.409  -9.166  8.615   1.00 38.42 ? 123 PHE A C     1 
ATOM   757  O  O     . PHE A 1 103 ? -2.354  -9.737  8.048   1.00 37.14 ? 123 PHE A O     1 
ATOM   758  C  CB    . PHE A 1 103 ? 0.799   -8.592  7.500   1.00 39.61 ? 123 PHE A CB    1 
ATOM   759  C  CG    . PHE A 1 103 ? 0.863   -9.162  6.087   1.00 42.07 ? 123 PHE A CG    1 
ATOM   760  C  CD1   . PHE A 1 103 ? 1.911   -8.831  5.234   1.00 44.60 ? 123 PHE A CD1   1 
ATOM   761  C  CD2   . PHE A 1 103 ? -0.114  -10.003 5.615   1.00 44.66 ? 123 PHE A CD2   1 
ATOM   762  C  CE1   . PHE A 1 103 ? 1.974   -9.350  3.949   1.00 43.15 ? 123 PHE A CE1   1 
ATOM   763  C  CE2   . PHE A 1 103 ? -0.058  -10.532 4.318   1.00 42.82 ? 123 PHE A CE2   1 
ATOM   764  C  CZ    . PHE A 1 103 ? 0.970   -10.210 3.494   1.00 43.79 ? 123 PHE A CZ    1 
ATOM   765  N  N     . THR A 1 104 ? -1.061  -9.432  9.871   1.00 38.22 ? 124 THR A N     1 
ATOM   766  C  CA    . THR A 1 104 ? -1.749  -10.437 10.665  1.00 38.01 ? 124 THR A CA    1 
ATOM   767  C  C     . THR A 1 104 ? -3.254  -10.143 10.735  1.00 38.07 ? 124 THR A C     1 
ATOM   768  O  O     . THR A 1 104 ? -4.079  -11.054 10.627  1.00 37.73 ? 124 THR A O     1 
ATOM   769  C  CB    . THR A 1 104 ? -1.129  -10.515 12.076  1.00 38.29 ? 124 THR A CB    1 
ATOM   770  O  OG1   . THR A 1 104 ? 0.258   -10.836 11.942  1.00 38.81 ? 124 THR A OG1   1 
ATOM   771  C  CG2   . THR A 1 104 ? -1.817  -11.578 12.924  1.00 38.44 ? 124 THR A CG2   1 
ATOM   772  N  N     . GLN A 1 105 ? -3.606  -8.862  10.864  1.00 37.64 ? 125 GLN A N     1 
ATOM   773  C  CA    . GLN A 1 105 ? -5.017  -8.454  10.935  1.00 37.87 ? 125 GLN A CA    1 
ATOM   774  C  C     . GLN A 1 105 ? -5.744  -8.699  9.607   1.00 37.07 ? 125 GLN A C     1 
ATOM   775  O  O     . GLN A 1 105 ? -6.856  -9.231  9.606   1.00 36.38 ? 125 GLN A O     1 
ATOM   776  C  CB    . GLN A 1 105 ? -5.135  -6.990  11.410  1.00 37.92 ? 125 GLN A CB    1 
ATOM   777  C  CG    . GLN A 1 105 ? -4.853  -6.812  12.934  1.00 40.13 ? 125 GLN A CG    1 
ATOM   778  C  CD    . GLN A 1 105 ? -4.218  -5.461  13.340  1.00 40.23 ? 125 GLN A CD    1 
ATOM   779  O  OE1   . GLN A 1 105 ? -4.051  -4.545  12.527  1.00 44.62 ? 125 GLN A OE1   1 
ATOM   780  N  NE2   . GLN A 1 105 ? -3.867  -5.346  14.617  1.00 42.25 ? 125 GLN A NE2   1 
ATOM   781  N  N     . ILE A 1 106 ? -5.105  -8.350  8.486   1.00 36.66 ? 126 ILE A N     1 
ATOM   782  C  CA    . ILE A 1 106 ? -5.674  -8.595  7.155   1.00 36.64 ? 126 ILE A CA    1 
ATOM   783  C  C     . ILE A 1 106 ? -6.011  -10.077 6.956   1.00 35.82 ? 126 ILE A C     1 
ATOM   784  O  O     . ILE A 1 106 ? -7.121  -10.427 6.516   1.00 34.74 ? 126 ILE A O     1 
ATOM   785  C  CB    . ILE A 1 106 ? -4.744  -8.074  6.039   1.00 37.26 ? 126 ILE A CB    1 
ATOM   786  C  CG1   . ILE A 1 106 ? -4.741  -6.533  6.059   1.00 37.33 ? 126 ILE A CG1   1 
ATOM   787  C  CG2   . ILE A 1 106 ? -5.189  -8.647  4.666   1.00 36.68 ? 126 ILE A CG2   1 
ATOM   788  C  CD1   . ILE A 1 106 ? -3.554  -5.875  5.346   1.00 37.14 ? 126 ILE A CD1   1 
ATOM   789  N  N     . LEU A 1 107 ? -5.081  -10.949 7.325   1.00 35.74 ? 127 LEU A N     1 
ATOM   790  C  CA    . LEU A 1 107 ? -5.260  -12.387 7.070   1.00 36.22 ? 127 LEU A CA    1 
ATOM   791  C  C     . LEU A 1 107 ? -6.220  -13.010 8.076   1.00 35.59 ? 127 LEU A C     1 
ATOM   792  O  O     . LEU A 1 107 ? -6.818  -14.064 7.821   1.00 35.07 ? 127 LEU A O     1 
ATOM   793  C  CB    . LEU A 1 107 ? -3.917  -13.117 7.064   1.00 36.65 ? 127 LEU A CB    1 
ATOM   794  C  CG    . LEU A 1 107 ? -2.900  -12.614 6.025   1.00 40.10 ? 127 LEU A CG    1 
ATOM   795  C  CD1   . LEU A 1 107 ? -1.547  -13.319 6.189   1.00 42.75 ? 127 LEU A CD1   1 
ATOM   796  C  CD2   . LEU A 1 107 ? -3.408  -12.758 4.580   1.00 41.36 ? 127 LEU A CD2   1 
ATOM   797  N  N     . ARG A 1 108 ? -6.389  -12.359 9.223   1.00 35.14 ? 128 ARG A N     1 
ATOM   798  C  CA    . ARG A 1 108 ? -7.396  -12.784 10.167  1.00 34.93 ? 128 ARG A CA    1 
ATOM   799  C  C     . ARG A 1 108 ? -8.782  -12.440 9.620   1.00 34.09 ? 128 ARG A C     1 
ATOM   800  O  O     . ARG A 1 108 ? -9.689  -13.252 9.694   1.00 33.82 ? 128 ARG A O     1 
ATOM   801  C  CB    . ARG A 1 108 ? -7.194  -12.124 11.529  1.00 34.89 ? 128 ARG A CB    1 
ATOM   802  C  CG    . ARG A 1 108 ? -8.025  -12.751 12.620  1.00 36.05 ? 128 ARG A CG    1 
ATOM   803  C  CD    . ARG A 1 108 ? -7.841  -12.047 13.967  1.00 37.01 ? 128 ARG A CD    1 
ATOM   804  N  NE    . ARG A 1 108 ? -9.022  -12.168 14.826  1.00 39.80 ? 128 ARG A NE    1 
ATOM   805  C  CZ    . ARG A 1 108 ? -9.317  -13.216 15.604  1.00 40.36 ? 128 ARG A CZ    1 
ATOM   806  N  NH1   . ARG A 1 108 ? -10.423 -13.200 16.348  1.00 40.14 ? 128 ARG A NH1   1 
ATOM   807  N  NH2   . ARG A 1 108 ? -8.526  -14.289 15.635  1.00 42.06 ? 128 ARG A NH2   1 
ATOM   808  N  N     . VAL A 1 109 ? -8.921  -11.241 9.057   1.00 33.60 ? 129 VAL A N     1 
ATOM   809  C  CA    . VAL A 1 109 ? -10.183 -10.779 8.471   1.00 33.58 ? 129 VAL A CA    1 
ATOM   810  C  C     . VAL A 1 109 ? -10.586 -11.560 7.217   1.00 33.30 ? 129 VAL A C     1 
ATOM   811  O  O     . VAL A 1 109 ? -11.773 -11.796 6.984   1.00 33.84 ? 129 VAL A O     1 
ATOM   812  C  CB    . VAL A 1 109 ? -10.096 -9.274  8.130   1.00 33.70 ? 129 VAL A CB    1 
ATOM   813  C  CG1   . VAL A 1 109 ? -11.316 -8.795  7.370   1.00 34.54 ? 129 VAL A CG1   1 
ATOM   814  C  CG2   . VAL A 1 109 ? -9.936  -8.464  9.406   1.00 35.00 ? 129 VAL A CG2   1 
ATOM   815  N  N     . LYS A 1 110 ? -9.598  -11.938 6.410   1.00 33.39 ? 130 LYS A N     1 
ATOM   816  C  CA    . LYS A 1 110 ? -9.862  -12.712 5.183   1.00 33.64 ? 130 LYS A CA    1 
ATOM   817  C  C     . LYS A 1 110 ? -9.917  -14.224 5.414   1.00 34.59 ? 130 LYS A C     1 
ATOM   818  O  O     . LYS A 1 110 ? -10.432 -14.962 4.562   1.00 34.40 ? 130 LYS A O     1 
ATOM   819  C  CB    . LYS A 1 110 ? -8.823  -12.366 4.109   1.00 33.60 ? 130 LYS A CB    1 
ATOM   820  C  CG    . LYS A 1 110 ? -8.744  -10.880 3.815   1.00 32.78 ? 130 LYS A CG    1 
ATOM   821  C  CD    . LYS A 1 110 ? -10.067 -10.332 3.311   1.00 33.54 ? 130 LYS A CD    1 
ATOM   822  C  CE    . LYS A 1 110 ? -9.889  -8.952  2.723   1.00 34.50 ? 130 LYS A CE    1 
ATOM   823  N  NZ    . LYS A 1 110 ? -11.146 -8.409  2.198   1.00 34.51 ? 130 LYS A NZ    1 
ATOM   824  N  N     . ASP A 1 111 ? -9.415  -14.683 6.558   1.00 35.00 ? 131 ASP A N     1 
ATOM   825  C  CA    . ASP A 1 111 ? -9.356  -16.111 6.881   1.00 35.84 ? 131 ASP A CA    1 
ATOM   826  C  C     . ASP A 1 111 ? -8.547  -16.919 5.858   1.00 36.84 ? 131 ASP A C     1 
ATOM   827  O  O     . ASP A 1 111 ? -8.889  -18.048 5.516   1.00 36.28 ? 131 ASP A O     1 
ATOM   828  C  CB    . ASP A 1 111 ? -10.771 -16.699 7.046   1.00 35.93 ? 131 ASP A CB    1 
ATOM   829  C  CG    . ASP A 1 111 ? -10.789 -17.922 7.938   1.00 37.15 ? 131 ASP A CG    1 
ATOM   830  O  OD1   . ASP A 1 111 ? -10.025 -17.921 8.931   1.00 39.05 ? 131 ASP A OD1   1 
ATOM   831  O  OD2   . ASP A 1 111 ? -11.548 -18.879 7.650   1.00 37.38 ? 131 ASP A OD2   1 
ATOM   832  N  N     . ARG A 1 112 ? -7.473  -16.321 5.363   1.00 38.36 ? 132 ARG A N     1 
ATOM   833  C  CA    . ARG A 1 112 ? -6.556  -17.015 4.474   1.00 40.21 ? 132 ARG A CA    1 
ATOM   834  C  C     . ARG A 1 112 ? -5.257  -16.250 4.407   1.00 40.81 ? 132 ARG A C     1 
ATOM   835  O  O     . ARG A 1 112 ? -5.255  -15.037 4.575   1.00 41.59 ? 132 ARG A O     1 
ATOM   836  C  CB    . ARG A 1 112 ? -7.152  -17.174 3.073   1.00 39.99 ? 132 ARG A CB    1 
ATOM   837  C  CG    . ARG A 1 112 ? -7.488  -15.879 2.346   1.00 40.14 ? 132 ARG A CG    1 
ATOM   838  C  CD    . ARG A 1 112 ? -8.428  -16.140 1.175   1.00 42.72 ? 132 ARG A CD    1 
ATOM   839  N  NE    . ARG A 1 112 ? -7.842  -17.063 0.195   1.00 45.54 ? 132 ARG A NE    1 
ATOM   840  C  CZ    . ARG A 1 112 ? -8.466  -17.514 -0.887  1.00 46.00 ? 132 ARG A CZ    1 
ATOM   841  N  NH1   . ARG A 1 112 ? -9.726  -17.172 -1.145  1.00 48.47 ? 132 ARG A NH1   1 
ATOM   842  N  NH2   . ARG A 1 112 ? -7.829  -18.341 -1.706  1.00 46.87 ? 132 ARG A NH2   1 
ATOM   843  N  N     . ASP A 1 113 ? -4.158  -16.952 4.145   1.00 41.92 ? 133 ASP A N     1 
ATOM   844  C  CA    . ASP A 1 113 ? -2.829  -16.312 4.127   1.00 42.73 ? 133 ASP A CA    1 
ATOM   845  C  C     . ASP A 1 113 ? -2.353  -15.826 2.765   1.00 42.87 ? 133 ASP A C     1 
ATOM   846  O  O     . ASP A 1 113 ? -1.168  -15.556 2.601   1.00 44.98 ? 133 ASP A O     1 
ATOM   847  C  CB    . ASP A 1 113 ? -1.772  -17.238 4.751   1.00 43.09 ? 133 ASP A CB    1 
ATOM   848  C  CG    . ASP A 1 113 ? -1.645  -18.563 4.031   1.00 45.07 ? 133 ASP A CG    1 
ATOM   849  O  OD1   . ASP A 1 113 ? -2.005  -18.650 2.835   1.00 45.52 ? 133 ASP A OD1   1 
ATOM   850  O  OD2   . ASP A 1 113 ? -1.212  -19.539 4.682   1.00 48.82 ? 133 ASP A OD2   1 
ATOM   851  N  N     . ASP A 1 114 ? -3.263  -15.654 1.810   1.00 42.59 ? 134 ASP A N     1 
ATOM   852  C  CA    . ASP A 1 114 ? -2.872  -15.450 0.414   1.00 42.89 ? 134 ASP A CA    1 
ATOM   853  C  C     . ASP A 1 114 ? -3.609  -14.298 -0.269  1.00 42.10 ? 134 ASP A C     1 
ATOM   854  O  O     . ASP A 1 114 ? -3.733  -14.266 -1.488  1.00 42.94 ? 134 ASP A O     1 
ATOM   855  C  CB    . ASP A 1 114 ? -3.095  -16.759 -0.355  1.00 42.75 ? 134 ASP A CB    1 
ATOM   856  C  CG    . ASP A 1 114 ? -4.497  -17.338 -0.148  1.00 44.76 ? 134 ASP A CG    1 
ATOM   857  O  OD1   . ASP A 1 114 ? -4.641  -18.579 -0.061  1.00 50.87 ? 134 ASP A OD1   1 
ATOM   858  O  OD2   . ASP A 1 114 ? -5.465  -16.554 -0.069  1.00 47.14 ? 134 ASP A OD2   1 
ATOM   859  N  N     . PHE A 1 115 ? -4.057  -13.326 0.520   1.00 41.08 ? 135 PHE A N     1 
ATOM   860  C  CA    . PHE A 1 115 ? -4.834  -12.224 -0.016  1.00 39.44 ? 135 PHE A CA    1 
ATOM   861  C  C     . PHE A 1 115 ? -3.878  -11.208 -0.620  1.00 38.47 ? 135 PHE A C     1 
ATOM   862  O  O     . PHE A 1 115 ? -2.766  -11.057 -0.105  1.00 39.15 ? 135 PHE A O     1 
ATOM   863  C  CB    . PHE A 1 115 ? -5.693  -11.580 1.084   1.00 39.26 ? 135 PHE A CB    1 
ATOM   864  C  CG    . PHE A 1 115 ? -6.794  -10.765 0.535   1.00 40.52 ? 135 PHE A CG    1 
ATOM   865  C  CD1   . PHE A 1 115 ? -7.948  -11.383 0.068   1.00 39.03 ? 135 PHE A CD1   1 
ATOM   866  C  CD2   . PHE A 1 115 ? -6.660  -9.390  0.414   1.00 39.92 ? 135 PHE A CD2   1 
ATOM   867  C  CE1   . PHE A 1 115 ? -8.963  -10.638 -0.498  1.00 40.26 ? 135 PHE A CE1   1 
ATOM   868  C  CE2   . PHE A 1 115 ? -7.675  -8.643  -0.156  1.00 40.57 ? 135 PHE A CE2   1 
ATOM   869  C  CZ    . PHE A 1 115 ? -8.811  -9.256  -0.609  1.00 39.83 ? 135 PHE A CZ    1 
ATOM   870  N  N     . PRO A 1 116 ? -4.282  -10.520 -1.712  1.00 37.79 ? 136 PRO A N     1 
ATOM   871  C  CA    . PRO A 1 116 ? -3.390  -9.590  -2.411  1.00 37.64 ? 136 PRO A CA    1 
ATOM   872  C  C     . PRO A 1 116 ? -2.872  -8.464  -1.546  1.00 36.67 ? 136 PRO A C     1 
ATOM   873  O  O     . PRO A 1 116 ? -3.649  -7.651  -1.016  1.00 36.03 ? 136 PRO A O     1 
ATOM   874  C  CB    . PRO A 1 116 ? -4.269  -9.024  -3.529  1.00 38.20 ? 136 PRO A CB    1 
ATOM   875  C  CG    . PRO A 1 116 ? -5.274  -10.002 -3.714  1.00 37.81 ? 136 PRO A CG    1 
ATOM   876  C  CD    . PRO A 1 116 ? -5.578  -10.572 -2.396  1.00 37.88 ? 136 PRO A CD    1 
ATOM   877  N  N     . VAL A 1 117 ? -1.552  -8.439  -1.406  1.00 35.64 ? 137 VAL A N     1 
ATOM   878  C  CA    . VAL A 1 117 ? -0.841  -7.428  -0.614  1.00 35.77 ? 137 VAL A CA    1 
ATOM   879  C  C     . VAL A 1 117 ? 0.489   -7.184  -1.315  1.00 35.57 ? 137 VAL A C     1 
ATOM   880  O  O     . VAL A 1 117 ? 1.076   -8.127  -1.870  1.00 35.85 ? 137 VAL A O     1 
ATOM   881  C  CB    . VAL A 1 117 ? -0.595  -7.924  0.793   1.00 36.42 ? 137 VAL A CB    1 
ATOM   882  C  CG1   . VAL A 1 117 ? 0.377   -7.052  1.500   1.00 35.26 ? 137 VAL A CG1   1 
ATOM   883  C  CG2   . VAL A 1 117 ? -1.917  -8.022  1.557   1.00 36.85 ? 137 VAL A CG2   1 
ATOM   884  N  N     . VAL A 1 118 ? 0.894   -5.924  -1.355  1.00 34.71 ? 138 VAL A N     1 
ATOM   885  C  CA    . VAL A 1 118 ? 2.246   -5.540  -1.717  1.00 34.92 ? 138 VAL A CA    1 
ATOM   886  C  C     . VAL A 1 118 ? 2.854   -4.704  -0.613  1.00 34.90 ? 138 VAL A C     1 
ATOM   887  O  O     . VAL A 1 118 ? 2.211   -3.789  -0.080  1.00 35.22 ? 138 VAL A O     1 
ATOM   888  C  CB    . VAL A 1 118 ? 2.234   -4.784  -3.064  1.00 34.16 ? 138 VAL A CB    1 
ATOM   889  C  CG1   . VAL A 1 118 ? 3.570   -4.117  -3.372  1.00 36.54 ? 138 VAL A CG1   1 
ATOM   890  C  CG2   . VAL A 1 118 ? 1.818   -5.768  -4.186  1.00 34.88 ? 138 VAL A CG2   1 
ATOM   891  N  N     . LEU A 1 119 ? 4.101   -5.044  -0.287  1.00 35.40 ? 139 LEU A N     1 
ATOM   892  C  CA    . LEU A 1 119 ? 4.858   -4.393  0.772   1.00 35.92 ? 139 LEU A CA    1 
ATOM   893  C  C     . LEU A 1 119 ? 5.702   -3.284  0.171   1.00 36.56 ? 139 LEU A C     1 
ATOM   894  O  O     . LEU A 1 119 ? 6.432   -3.508  -0.792  1.00 35.48 ? 139 LEU A O     1 
ATOM   895  C  CB    . LEU A 1 119 ? 5.731   -5.423  1.472   1.00 37.12 ? 139 LEU A CB    1 
ATOM   896  C  CG    . LEU A 1 119 ? 6.570   -4.885  2.645   1.00 35.75 ? 139 LEU A CG    1 
ATOM   897  C  CD1   . LEU A 1 119 ? 5.656   -4.491  3.790   1.00 36.50 ? 139 LEU A CD1   1 
ATOM   898  C  CD2   . LEU A 1 119 ? 7.568   -5.944  3.080   1.00 38.03 ? 139 LEU A CD2   1 
ATOM   899  N  N     . VAL A 1 120 ? 5.614   -2.094  0.788   1.00 35.22 ? 140 VAL A N     1 
ATOM   900  C  CA    . VAL A 1 120 ? 6.378   -0.913  0.322   1.00 36.02 ? 140 VAL A CA    1 
ATOM   901  C  C     . VAL A 1 120 ? 7.172   -0.332  1.449   1.00 35.98 ? 140 VAL A C     1 
ATOM   902  O  O     . VAL A 1 120 ? 6.616   0.045   2.456   1.00 35.33 ? 140 VAL A O     1 
ATOM   903  C  CB    . VAL A 1 120 ? 5.452   0.186   -0.323  1.00 35.97 ? 140 VAL A CB    1 
ATOM   904  C  CG1   . VAL A 1 120 ? 6.300   1.383   -0.775  1.00 38.75 ? 140 VAL A CG1   1 
ATOM   905  C  CG2   . VAL A 1 120 ? 4.626   -0.401  -1.507  1.00 37.22 ? 140 VAL A CG2   1 
ATOM   906  N  N     . GLY A 1 121 ? 8.493   -0.268  1.292   1.00 35.80 ? 141 GLY A N     1 
ATOM   907  C  CA    . GLY A 1 121 ? 9.337   0.491   2.181   1.00 35.13 ? 141 GLY A CA    1 
ATOM   908  C  C     . GLY A 1 121 ? 9.630   1.839   1.562   1.00 35.23 ? 141 GLY A C     1 
ATOM   909  O  O     . GLY A 1 121 ? 10.414  1.940   0.608   1.00 35.97 ? 141 GLY A O     1 
ATOM   910  N  N     . ASN A 1 122 ? 8.976   2.876   2.066   1.00 36.71 ? 142 ASN A N     1 
ATOM   911  C  CA    . ASN A 1 122 ? 9.118   4.225   1.539   1.00 36.56 ? 142 ASN A CA    1 
ATOM   912  C  C     . ASN A 1 122 ? 10.322  4.998   2.115   1.00 36.54 ? 142 ASN A C     1 
ATOM   913  O  O     . ASN A 1 122 ? 10.963  4.559   3.089   1.00 36.61 ? 142 ASN A O     1 
ATOM   914  C  CB    . ASN A 1 122 ? 7.797   4.989   1.784   1.00 36.72 ? 142 ASN A CB    1 
ATOM   915  C  CG    . ASN A 1 122 ? 7.726   6.321   1.059   1.00 36.73 ? 142 ASN A CG    1 
ATOM   916  O  OD1   . ASN A 1 122 ? 8.133   6.446   -0.097  1.00 35.66 ? 142 ASN A OD1   1 
ATOM   917  N  ND2   . ASN A 1 122 ? 7.184   7.326   1.749   1.00 34.00 ? 142 ASN A ND2   1 
ATOM   918  N  N     . LYS A 1 123 ? 10.604  6.151   1.508   1.00 35.74 ? 143 LYS A N     1 
ATOM   919  C  CA    . LYS A 1 123 ? 11.696  7.058   1.904   1.00 36.54 ? 143 LYS A CA    1 
ATOM   920  C  C     . LYS A 1 123 ? 13.055  6.472   1.537   1.00 36.71 ? 143 LYS A C     1 
ATOM   921  O  O     . LYS A 1 123 ? 14.039  6.605   2.263   1.00 35.53 ? 143 LYS A O     1 
ATOM   922  C  CB    . LYS A 1 123 ? 11.609  7.473   3.367   1.00 36.23 ? 143 LYS A CB    1 
ATOM   923  C  CG    . LYS A 1 123 ? 10.229  7.896   3.807   1.00 37.39 ? 143 LYS A CG    1 
ATOM   924  C  CD    . LYS A 1 123 ? 10.227  8.687   5.081   1.00 35.90 ? 143 LYS A CD    1 
ATOM   925  C  CE    . LYS A 1 123 ? 8.831   8.988   5.540   1.00 36.50 ? 143 LYS A CE    1 
ATOM   926  N  NZ    . LYS A 1 123 ? 8.703   9.782   6.780   1.00 37.62 ? 143 LYS A NZ    1 
ATOM   927  N  N     . ALA A 1 124 ? 13.101  5.813   0.380   1.00 35.81 ? 144 ALA A N     1 
ATOM   928  C  CA    . ALA A 1 124 ? 14.353  5.269   -0.172  1.00 36.26 ? 144 ALA A CA    1 
ATOM   929  C  C     . ALA A 1 124 ? 15.428  6.335   -0.394  1.00 36.38 ? 144 ALA A C     1 
ATOM   930  O  O     . ALA A 1 124 ? 16.613  6.028   -0.515  1.00 36.92 ? 144 ALA A O     1 
ATOM   931  C  CB    . ALA A 1 124 ? 14.106  4.472   -1.478  1.00 36.13 ? 144 ALA A CB    1 
ATOM   932  N  N     . ASP A 1 125 ? 15.022  7.602   -0.473  1.00 36.89 ? 145 ASP A N     1 
ATOM   933  C  CA    . ASP A 1 125 ? 15.955  8.706   -0.614  1.00 35.69 ? 145 ASP A CA    1 
ATOM   934  C  C     . ASP A 1 125 ? 16.770  9.018   0.683   1.00 36.31 ? 145 ASP A C     1 
ATOM   935  O  O     . ASP A 1 125 ? 17.678  9.865   0.661   1.00 36.85 ? 145 ASP A O     1 
ATOM   936  C  CB    . ASP A 1 125 ? 15.169  9.947   -1.072  1.00 35.57 ? 145 ASP A CB    1 
ATOM   937  C  CG    . ASP A 1 125 ? 14.057  10.304  -0.113  1.00 35.25 ? 145 ASP A CG    1 
ATOM   938  O  OD1   . ASP A 1 125 ? 13.039  9.585   -0.128  1.00 35.50 ? 145 ASP A OD1   1 
ATOM   939  O  OD2   . ASP A 1 125 ? 14.215  11.265  0.677   1.00 36.89 ? 145 ASP A OD2   1 
ATOM   940  N  N     . LEU A 1 126 ? 16.420  8.349   1.786   1.00 36.13 ? 146 LEU A N     1 
ATOM   941  C  CA    . LEU A 1 126 ? 17.060  8.537   3.104   1.00 35.65 ? 146 LEU A CA    1 
ATOM   942  C  C     . LEU A 1 126 ? 17.894  7.300   3.469   1.00 35.81 ? 146 LEU A C     1 
ATOM   943  O  O     . LEU A 1 126 ? 17.872  6.805   4.598   1.00 34.51 ? 146 LEU A O     1 
ATOM   944  C  CB    . LEU A 1 126 ? 15.971  8.735   4.158   1.00 35.47 ? 146 LEU A CB    1 
ATOM   945  C  CG    . LEU A 1 126 ? 15.036  9.930   3.944   1.00 36.30 ? 146 LEU A CG    1 
ATOM   946  C  CD1   . LEU A 1 126 ? 14.073  10.016  5.133   1.00 37.26 ? 146 LEU A CD1   1 
ATOM   947  C  CD2   . LEU A 1 126 ? 15.808  11.231  3.761   1.00 37.30 ? 146 LEU A CD2   1 
ATOM   948  N  N     . GLU A 1 127 ? 18.655  6.804   2.506   1.00 36.56 ? 147 GLU A N     1 
ATOM   949  C  CA    . GLU A 1 127 ? 19.449  5.592   2.730   1.00 36.65 ? 147 GLU A CA    1 
ATOM   950  C  C     . GLU A 1 127 ? 20.322  5.607   3.994   1.00 36.50 ? 147 GLU A C     1 
ATOM   951  O  O     . GLU A 1 127 ? 20.353  4.613   4.712   1.00 37.56 ? 147 GLU A O     1 
ATOM   952  C  CB    . GLU A 1 127 ? 20.319  5.279   1.509   1.00 38.04 ? 147 GLU A CB    1 
ATOM   953  C  CG    . GLU A 1 127 ? 21.160  3.991   1.687   1.00 37.10 ? 147 GLU A CG    1 
ATOM   954  C  CD    . GLU A 1 127 ? 20.305  2.727   1.834   1.00 36.79 ? 147 GLU A CD    1 
ATOM   955  O  OE1   . GLU A 1 127 ? 19.200  2.651   1.269   1.00 38.99 ? 147 GLU A OE1   1 
ATOM   956  O  OE2   . GLU A 1 127 ? 20.756  1.795   2.505   1.00 36.30 ? 147 GLU A OE2   1 
ATOM   957  N  N     . SER A 1 128 ? 21.039  6.696   4.295   1.00 36.51 ? 148 SER A N     1 
ATOM   958  C  CA    . SER A 1 128 ? 21.922  6.703   5.472   1.00 36.54 ? 148 SER A CA    1 
ATOM   959  C  C     . SER A 1 128 ? 21.146  6.578   6.785   1.00 35.80 ? 148 SER A C     1 
ATOM   960  O  O     . SER A 1 128 ? 21.719  6.210   7.809   1.00 35.89 ? 148 SER A O     1 
ATOM   961  C  CB    . SER A 1 128 ? 22.747  7.981   5.519   1.00 37.01 ? 148 SER A CB    1 
ATOM   962  O  OG    . SER A 1 128 ? 21.893  9.084   5.749   1.00 39.90 ? 148 SER A OG    1 
ATOM   963  N  N     . GLN A 1 129 ? 19.853  6.902   6.744   1.00 34.10 ? 149 GLN A N     1 
ATOM   964  C  CA    . GLN A 1 129 ? 19.004  6.890   7.939   1.00 35.20 ? 149 GLN A CA    1 
ATOM   965  C  C     . GLN A 1 129 ? 18.269  5.577   8.107   1.00 34.91 ? 149 GLN A C     1 
ATOM   966  O  O     . GLN A 1 129 ? 17.459  5.425   9.028   1.00 35.09 ? 149 GLN A O     1 
ATOM   967  C  CB    . GLN A 1 129 ? 17.974  8.021   7.857   1.00 34.64 ? 149 GLN A CB    1 
ATOM   968  C  CG    . GLN A 1 129 ? 18.518  9.384   7.524   1.00 36.71 ? 149 GLN A CG    1 
ATOM   969  C  CD    . GLN A 1 129 ? 17.444  10.457  7.657   1.00 36.24 ? 149 GLN A CD    1 
ATOM   970  O  OE1   . GLN A 1 129 ? 16.372  10.216  8.228   1.00 40.65 ? 149 GLN A OE1   1 
ATOM   971  N  NE2   . GLN A 1 129 ? 17.716  11.619  7.120   1.00 38.65 ? 149 GLN A NE2   1 
ATOM   972  N  N     . ARG A 1 130 ? 18.570  4.616   7.239   1.00 34.81 ? 150 ARG A N     1 
ATOM   973  C  CA    . ARG A 1 130 ? 17.912  3.328   7.253   1.00 35.59 ? 150 ARG A CA    1 
ATOM   974  C  C     . ARG A 1 130 ? 18.034  2.656   8.618   1.00 35.77 ? 150 ARG A C     1 
ATOM   975  O  O     . ARG A 1 130 ? 19.108  2.566   9.183   1.00 36.38 ? 150 ARG A O     1 
ATOM   976  C  CB    . ARG A 1 130 ? 18.517  2.421   6.191   1.00 35.20 ? 150 ARG A CB    1 
ATOM   977  C  CG    . ARG A 1 130 ? 17.916  1.020   6.133   1.00 36.65 ? 150 ARG A CG    1 
ATOM   978  C  CD    . ARG A 1 130 ? 18.644  0.116   5.134   1.00 36.25 ? 150 ARG A CD    1 
ATOM   979  N  NE    . ARG A 1 130 ? 18.459  0.529   3.748   1.00 36.63 ? 150 ARG A NE    1 
ATOM   980  C  CZ    . ARG A 1 130 ? 17.437  0.178   2.976   1.00 37.92 ? 150 ARG A CZ    1 
ATOM   981  N  NH1   . ARG A 1 130 ? 16.441  -0.541  3.466   1.00 37.72 ? 150 ARG A NH1   1 
ATOM   982  N  NH2   . ARG A 1 130 ? 17.392  0.583   1.703   1.00 38.09 ? 150 ARG A NH2   1 
ATOM   983  N  N     . GLN A 1 131 ? 16.904  2.169   9.105   1.00 35.97 ? 151 GLN A N     1 
ATOM   984  C  CA    . GLN A 1 131 ? 16.837  1.337   10.298  1.00 36.71 ? 151 GLN A CA    1 
ATOM   985  C  C     . GLN A 1 131 ? 16.459  -0.115  10.028  1.00 36.47 ? 151 GLN A C     1 
ATOM   986  O  O     . GLN A 1 131 ? 16.635  -0.953  10.929  1.00 37.36 ? 151 GLN A O     1 
ATOM   987  C  CB    . GLN A 1 131 ? 15.782  1.906   11.232  1.00 36.70 ? 151 GLN A CB    1 
ATOM   988  C  CG    . GLN A 1 131 ? 16.107  3.292   11.704  1.00 38.31 ? 151 GLN A CG    1 
ATOM   989  C  CD    . GLN A 1 131 ? 15.420  3.629   12.989  1.00 43.22 ? 151 GLN A CD    1 
ATOM   990  O  OE1   . GLN A 1 131 ? 14.436  2.973   13.394  1.00 45.72 ? 151 GLN A OE1   1 
ATOM   991  N  NE2   . GLN A 1 131 ? 15.921  4.665   13.655  1.00 44.76 ? 151 GLN A NE2   1 
ATOM   992  N  N     . VAL A 1 132 ? 15.852  -0.386  8.869   1.00 37.05 ? 152 VAL A N     1 
ATOM   993  C  CA    . VAL A 1 132 ? 15.470  -1.744  8.490   1.00 37.11 ? 152 VAL A CA    1 
ATOM   994  C  C     . VAL A 1 132 ? 16.256  -2.185  7.257   1.00 36.08 ? 152 VAL A C     1 
ATOM   995  O  O     . VAL A 1 132 ? 16.043  -1.650  6.177   1.00 36.14 ? 152 VAL A O     1 
ATOM   996  C  CB    . VAL A 1 132 ? 13.978  -1.851  8.165   1.00 37.05 ? 152 VAL A CB    1 
ATOM   997  C  CG1   . VAL A 1 132 ? 13.610  -3.329  8.002   1.00 38.85 ? 152 VAL A CG1   1 
ATOM   998  C  CG2   . VAL A 1 132 ? 13.135  -1.219  9.279   1.00 40.08 ? 152 VAL A CG2   1 
ATOM   999  N  N     . PRO A 1 133 ? 17.162  -3.161  7.424   1.00 36.75 ? 153 PRO A N     1 
ATOM   1000 C  CA    . PRO A 1 133 ? 17.919  -3.662  6.277   1.00 36.55 ? 153 PRO A CA    1 
ATOM   1001 C  C     . PRO A 1 133 ? 17.002  -4.125  5.175   1.00 37.11 ? 153 PRO A C     1 
ATOM   1002 O  O     . PRO A 1 133 ? 15.967  -4.728  5.410   1.00 37.54 ? 153 PRO A O     1 
ATOM   1003 C  CB    . PRO A 1 133 ? 18.713  -4.832  6.855   1.00 36.75 ? 153 PRO A CB    1 
ATOM   1004 C  CG    . PRO A 1 133 ? 18.890  -4.484  8.251   1.00 36.84 ? 153 PRO A CG    1 
ATOM   1005 C  CD    . PRO A 1 133 ? 17.577  -3.851  8.654   1.00 36.97 ? 153 PRO A CD    1 
ATOM   1006 N  N     . ARG A 1 134 ? 17.392  -3.831  3.955   1.00 37.17 ? 154 ARG A N     1 
ATOM   1007 C  CA    . ARG A 1 134 ? 16.629  -4.271  2.822   1.00 37.38 ? 154 ARG A CA    1 
ATOM   1008 C  C     . ARG A 1 134 ? 16.416  -5.797  2.836   1.00 37.45 ? 154 ARG A C     1 
ATOM   1009 O  O     . ARG A 1 134 ? 15.298  -6.276  2.561   1.00 38.48 ? 154 ARG A O     1 
ATOM   1010 C  CB    . ARG A 1 134 ? 17.372  -3.795  1.577   1.00 38.82 ? 154 ARG A CB    1 
ATOM   1011 C  CG    . ARG A 1 134 ? 16.691  -3.995  0.317   1.00 42.99 ? 154 ARG A CG    1 
ATOM   1012 C  CD    . ARG A 1 134 ? 17.384  -3.134  -0.714  1.00 48.23 ? 154 ARG A CD    1 
ATOM   1013 N  NE    . ARG A 1 134 ? 17.241  -3.723  -2.018  1.00 51.89 ? 154 ARG A NE    1 
ATOM   1014 C  CZ    . ARG A 1 134 ? 18.215  -4.310  -2.707  1.00 51.73 ? 154 ARG A CZ    1 
ATOM   1015 N  NH1   . ARG A 1 134 ? 17.916  -4.809  -3.891  1.00 54.40 ? 154 ARG A NH1   1 
ATOM   1016 N  NH2   . ARG A 1 134 ? 19.462  -4.380  -2.246  1.00 53.30 ? 154 ARG A NH2   1 
ATOM   1017 N  N     . SER A 1 135 ? 17.439  -6.547  3.231   1.00 37.69 ? 155 SER A N     1 
ATOM   1018 C  CA    . SER A 1 135 ? 17.331  -8.012  3.306   1.00 37.89 ? 155 SER A CA    1 
ATOM   1019 C  C     . SER A 1 135 ? 16.291  -8.458  4.330   1.00 37.25 ? 155 SER A C     1 
ATOM   1020 O  O     . SER A 1 135 ? 15.632  -9.479  4.129   1.00 38.18 ? 155 SER A O     1 
ATOM   1021 C  CB    . SER A 1 135 ? 18.668  -8.670  3.580   1.00 37.95 ? 155 SER A CB    1 
ATOM   1022 O  OG    . SER A 1 135 ? 19.218  -8.280  4.823   1.00 39.94 ? 155 SER A OG    1 
ATOM   1023 N  N     . GLU A 1 136 ? 16.129  -7.715  5.412   1.00 36.73 ? 156 GLU A N     1 
ATOM   1024 C  CA    . GLU A 1 136 ? 15.165  -8.102  6.468   1.00 36.85 ? 156 GLU A CA    1 
ATOM   1025 C  C     . GLU A 1 136 ? 13.730  -7.846  5.997   1.00 36.23 ? 156 GLU A C     1 
ATOM   1026 O  O     . GLU A 1 136 ? 12.836  -8.693  6.170   1.00 37.37 ? 156 GLU A O     1 
ATOM   1027 C  CB    . GLU A 1 136 ? 15.452  -7.322  7.756   1.00 36.35 ? 156 GLU A CB    1 
ATOM   1028 C  CG    . GLU A 1 136 ? 14.545  -7.680  8.912   1.00 37.76 ? 156 GLU A CG    1 
ATOM   1029 C  CD    . GLU A 1 136 ? 14.895  -6.975  10.191  1.00 39.63 ? 156 GLU A CD    1 
ATOM   1030 O  OE1   . GLU A 1 136 ? 15.909  -6.244  10.233  1.00 41.87 ? 156 GLU A OE1   1 
ATOM   1031 O  OE2   . GLU A 1 136 ? 14.157  -7.170  11.190  1.00 40.22 ? 156 GLU A OE2   1 
ATOM   1032 N  N     . ALA A 1 137 ? 13.522  -6.690  5.390   1.00 36.72 ? 157 ALA A N     1 
ATOM   1033 C  CA    . ALA A 1 137 ? 12.234  -6.322  4.827   1.00 36.07 ? 157 ALA A CA    1 
ATOM   1034 C  C     . ALA A 1 137 ? 11.874  -7.315  3.725   1.00 36.28 ? 157 ALA A C     1 
ATOM   1035 O  O     . ALA A 1 137 ? 10.728  -7.775  3.626   1.00 36.27 ? 157 ALA A O     1 
ATOM   1036 C  CB    . ALA A 1 137 ? 12.295  -4.894  4.273   1.00 37.78 ? 157 ALA A CB    1 
ATOM   1037 N  N     . SER A 1 138 ? 12.844  -7.641  2.877   1.00 37.10 ? 158 SER A N     1 
ATOM   1038 C  CA    . SER A 1 138 ? 12.651  -8.640  1.824   1.00 37.48 ? 158 SER A CA    1 
ATOM   1039 C  C     . SER A 1 138 ? 12.242  -9.998  2.348   1.00 36.53 ? 158 SER A C     1 
ATOM   1040 O  O     . SER A 1 138 ? 11.431  -10.698 1.723   1.00 36.97 ? 158 SER A O     1 
ATOM   1041 C  CB    . SER A 1 138 ? 13.921  -8.804  0.999   1.00 37.99 ? 158 SER A CB    1 
ATOM   1042 O  OG    . SER A 1 138 ? 14.262  -7.588  0.375   1.00 40.44 ? 158 SER A OG    1 
ATOM   1043 N  N     . ALA A 1 139 ? 12.820  -10.402 3.476   1.00 34.78 ? 159 ALA A N     1 
ATOM   1044 C  CA    . ALA A 1 139 ? 12.537  -11.712 4.050   1.00 34.76 ? 159 ALA A CA    1 
ATOM   1045 C  C     . ALA A 1 139 ? 11.133  -11.684 4.578   1.00 35.03 ? 159 ALA A C     1 
ATOM   1046 O  O     . ALA A 1 139 ? 10.409  -12.671 4.494   1.00 35.15 ? 159 ALA A O     1 
ATOM   1047 C  CB    . ALA A 1 139 ? 13.515  -12.009 5.180   1.00 34.35 ? 159 ALA A CB    1 
ATOM   1048 N  N     . PHE A 1 140 ? 10.749  -10.549 5.155   1.00 36.07 ? 160 PHE A N     1 
ATOM   1049 C  CA    . PHE A 1 140 ? 9.415   -10.442 5.719   1.00 37.47 ? 160 PHE A CA    1 
ATOM   1050 C  C     . PHE A 1 140 ? 8.412   -10.557 4.574   1.00 37.15 ? 160 PHE A C     1 
ATOM   1051 O  O     . PHE A 1 140 ? 7.454   -11.310 4.662   1.00 38.89 ? 160 PHE A O     1 
ATOM   1052 C  CB    . PHE A 1 140 ? 9.245   -9.153  6.545   1.00 38.81 ? 160 PHE A CB    1 
ATOM   1053 C  CG    . PHE A 1 140 ? 7.823   -8.882  6.930   1.00 39.34 ? 160 PHE A CG    1 
ATOM   1054 C  CD1   . PHE A 1 140 ? 7.242   -9.533  7.985   1.00 42.41 ? 160 PHE A CD1   1 
ATOM   1055 C  CD2   . PHE A 1 140 ? 7.063   -7.976  6.198   1.00 43.25 ? 160 PHE A CD2   1 
ATOM   1056 C  CE1   . PHE A 1 140 ? 5.910   -9.299  8.321   1.00 41.64 ? 160 PHE A CE1   1 
ATOM   1057 C  CE2   . PHE A 1 140 ? 5.742   -7.753  6.502   1.00 43.07 ? 160 PHE A CE2   1 
ATOM   1058 C  CZ    . PHE A 1 140 ? 5.168   -8.393  7.580   1.00 41.44 ? 160 PHE A CZ    1 
ATOM   1059 N  N     . GLY A 1 141 ? 8.701   -9.929  3.437   1.00 37.23 ? 161 GLY A N     1 
ATOM   1060 C  CA    . GLY A 1 141 ? 7.826   -10.061 2.283   1.00 36.70 ? 161 GLY A CA    1 
ATOM   1061 C  C     . GLY A 1 141 ? 7.769   -11.493 1.779   1.00 36.25 ? 161 GLY A C     1 
ATOM   1062 O  O     . GLY A 1 141 ? 6.681   -12.049 1.588   1.00 36.30 ? 161 GLY A O     1 
ATOM   1063 N  N     . ALA A 1 142 ? 8.936   -12.107 1.561   1.00 35.47 ? 162 ALA A N     1 
ATOM   1064 C  CA    . ALA A 1 142 ? 9.015   -13.462 1.079   1.00 34.68 ? 162 ALA A CA    1 
ATOM   1065 C  C     . ALA A 1 142 ? 8.243   -14.431 1.993   1.00 33.96 ? 162 ALA A C     1 
ATOM   1066 O  O     . ALA A 1 142 ? 7.485   -15.292 1.528   1.00 34.06 ? 162 ALA A O     1 
ATOM   1067 C  CB    . ALA A 1 142 ? 10.485  -13.905 0.950   1.00 34.84 ? 162 ALA A CB    1 
ATOM   1068 N  N     . SER A 1 143 ? 8.454   -14.310 3.303   1.00 33.33 ? 163 SER A N     1 
ATOM   1069 C  CA    . SER A 1 143 ? 7.781   -15.210 4.240   1.00 33.01 ? 163 SER A CA    1 
ATOM   1070 C  C     . SER A 1 143 ? 6.257   -15.089 4.165   1.00 33.03 ? 163 SER A C     1 
ATOM   1071 O  O     . SER A 1 143 ? 5.536   -16.019 4.545   1.00 32.01 ? 163 SER A O     1 
ATOM   1072 C  CB    . SER A 1 143 ? 8.257   -14.954 5.674   1.00 33.38 ? 163 SER A CB    1 
ATOM   1073 O  OG    . SER A 1 143 ? 7.659   -13.774 6.161   1.00 36.84 ? 163 SER A OG    1 
ATOM   1074 N  N     . HIS A 1 144 ? 5.774   -13.935 3.716   1.00 33.12 ? 164 HIS A N     1 
ATOM   1075 C  CA    . HIS A 1 144 ? 4.333   -13.688 3.540   1.00 34.27 ? 164 HIS A CA    1 
ATOM   1076 C  C     . HIS A 1 144 ? 3.856   -13.835 2.089   1.00 34.08 ? 164 HIS A C     1 
ATOM   1077 O  O     . HIS A 1 144 ? 2.688   -13.601 1.775   1.00 33.27 ? 164 HIS A O     1 
ATOM   1078 C  CB    . HIS A 1 144 ? 3.996   -12.296 4.088   1.00 36.06 ? 164 HIS A CB    1 
ATOM   1079 C  CG    . HIS A 1 144 ? 3.935   -12.240 5.581   1.00 38.97 ? 164 HIS A CG    1 
ATOM   1080 N  ND1   . HIS A 1 144 ? 2.826   -12.651 6.291   1.00 44.33 ? 164 HIS A ND1   1 
ATOM   1081 C  CD2   . HIS A 1 144 ? 4.838   -11.825 6.498   1.00 42.33 ? 164 HIS A CD2   1 
ATOM   1082 C  CE1   . HIS A 1 144 ? 3.053   -12.496 7.584   1.00 42.87 ? 164 HIS A CE1   1 
ATOM   1083 N  NE2   . HIS A 1 144 ? 4.265   -11.995 7.736   1.00 43.88 ? 164 HIS A NE2   1 
ATOM   1084 N  N     . HIS A 1 145 ? 4.750   -14.286 1.215   1.00 33.89 ? 165 HIS A N     1 
ATOM   1085 C  CA    . HIS A 1 145 ? 4.429   -14.534 -0.200  1.00 33.66 ? 165 HIS A CA    1 
ATOM   1086 C  C     . HIS A 1 145 ? 3.964   -13.270 -0.906  1.00 34.55 ? 165 HIS A C     1 
ATOM   1087 O  O     . HIS A 1 145 ? 3.023   -13.305 -1.711  1.00 34.49 ? 165 HIS A O     1 
ATOM   1088 C  CB    . HIS A 1 145 ? 3.369   -15.632 -0.343  1.00 33.91 ? 165 HIS A CB    1 
ATOM   1089 C  CG    . HIS A 1 145 ? 3.393   -16.636 0.762   1.00 33.16 ? 165 HIS A CG    1 
ATOM   1090 N  ND1   . HIS A 1 145 ? 4.435   -17.522 0.934   1.00 31.66 ? 165 HIS A ND1   1 
ATOM   1091 C  CD2   . HIS A 1 145 ? 2.521   -16.876 1.772   1.00 34.27 ? 165 HIS A CD2   1 
ATOM   1092 C  CE1   . HIS A 1 145 ? 4.209   -18.253 2.007   1.00 32.00 ? 165 HIS A CE1   1 
ATOM   1093 N  NE2   . HIS A 1 145 ? 3.049   -17.893 2.526   1.00 34.61 ? 165 HIS A NE2   1 
ATOM   1094 N  N     . VAL A 1 146 ? 4.633   -12.164 -0.637  1.00 34.57 ? 166 VAL A N     1 
ATOM   1095 C  CA    . VAL A 1 146 ? 4.315   -10.906 -1.313  1.00 35.13 ? 166 VAL A CA    1 
ATOM   1096 C  C     . VAL A 1 146 ? 5.533   -10.231 -1.940  1.00 36.02 ? 166 VAL A C     1 
ATOM   1097 O  O     . VAL A 1 146 ? 6.666   -10.432 -1.493  1.00 36.04 ? 166 VAL A O     1 
ATOM   1098 C  CB    . VAL A 1 146 ? 3.639   -9.918  -0.347  1.00 36.08 ? 166 VAL A CB    1 
ATOM   1099 C  CG1   . VAL A 1 146 ? 2.448   -10.539 0.287   1.00 36.39 ? 166 VAL A CG1   1 
ATOM   1100 C  CG2   . VAL A 1 146 ? 4.620   -9.418  0.721   1.00 37.06 ? 166 VAL A CG2   1 
ATOM   1101 N  N     . ALA A 1 147 ? 5.276   -9.369  -2.922  1.00 34.97 ? 167 ALA A N     1 
ATOM   1102 C  CA    . ALA A 1 147 ? 6.315   -8.579  -3.541  1.00 35.67 ? 167 ALA A CA    1 
ATOM   1103 C  C     . ALA A 1 147 ? 6.659   -7.411  -2.621  1.00 35.90 ? 167 ALA A C     1 
ATOM   1104 O  O     . ALA A 1 147 ? 5.790   -6.878  -1.936  1.00 36.83 ? 167 ALA A O     1 
ATOM   1105 C  CB    . ALA A 1 147 ? 5.825   -8.045  -4.887  1.00 35.52 ? 167 ALA A CB    1 
ATOM   1106 N  N     . TYR A 1 148 ? 7.935   -7.027  -2.635  1.00 35.58 ? 168 TYR A N     1 
ATOM   1107 C  CA    . TYR A 1 148 ? 8.448   -5.904  -1.856  1.00 35.10 ? 168 TYR A CA    1 
ATOM   1108 C  C     . TYR A 1 148 ? 9.109   -4.877  -2.767  1.00 35.75 ? 168 TYR A C     1 
ATOM   1109 O  O     . TYR A 1 148 ? 9.925   -5.231  -3.632  1.00 38.27 ? 168 TYR A O     1 
ATOM   1110 C  CB    . TYR A 1 148 ? 9.494   -6.405  -0.860  1.00 35.61 ? 168 TYR A CB    1 
ATOM   1111 C  CG    . TYR A 1 148 ? 10.198  -5.314  -0.059  1.00 35.46 ? 168 TYR A CG    1 
ATOM   1112 C  CD1   . TYR A 1 148 ? 9.471   -4.361  0.644   1.00 37.31 ? 168 TYR A CD1   1 
ATOM   1113 C  CD2   . TYR A 1 148 ? 11.575  -5.301  0.059   1.00 37.96 ? 168 TYR A CD2   1 
ATOM   1114 C  CE1   . TYR A 1 148 ? 10.100  -3.360  1.376   1.00 36.40 ? 168 TYR A CE1   1 
ATOM   1115 C  CE2   . TYR A 1 148 ? 12.217  -4.334  0.807   1.00 36.28 ? 168 TYR A CE2   1 
ATOM   1116 C  CZ    . TYR A 1 148 ? 11.495  -3.376  1.466   1.00 37.37 ? 168 TYR A CZ    1 
ATOM   1117 O  OH    . TYR A 1 148 ? 12.189  -2.444  2.223   1.00 37.79 ? 168 TYR A OH    1 
ATOM   1118 N  N     . PHE A 1 149 ? 8.730   -3.603  -2.580  1.00 35.60 ? 169 PHE A N     1 
ATOM   1119 C  CA    . PHE A 1 149 ? 9.330   -2.498  -3.290  1.00 35.87 ? 169 PHE A CA    1 
ATOM   1120 C  C     . PHE A 1 149 ? 9.898   -1.530  -2.274  1.00 35.44 ? 169 PHE A C     1 
ATOM   1121 O  O     . PHE A 1 149 ? 9.242   -1.217  -1.281  1.00 36.80 ? 169 PHE A O     1 
ATOM   1122 C  CB    . PHE A 1 149 ? 8.296   -1.743  -4.141  1.00 36.90 ? 169 PHE A CB    1 
ATOM   1123 C  CG    . PHE A 1 149 ? 7.755   -2.549  -5.292  1.00 36.97 ? 169 PHE A CG    1 
ATOM   1124 C  CD1   . PHE A 1 149 ? 8.312   -2.434  -6.547  1.00 36.93 ? 169 PHE A CD1   1 
ATOM   1125 C  CD2   . PHE A 1 149 ? 6.711   -3.423  -5.110  1.00 36.69 ? 169 PHE A CD2   1 
ATOM   1126 C  CE1   . PHE A 1 149 ? 7.832   -3.197  -7.578  1.00 38.91 ? 169 PHE A CE1   1 
ATOM   1127 C  CE2   . PHE A 1 149 ? 6.252   -4.226  -6.133  1.00 35.85 ? 169 PHE A CE2   1 
ATOM   1128 C  CZ    . PHE A 1 149 ? 6.798   -4.108  -7.363  1.00 36.52 ? 169 PHE A CZ    1 
ATOM   1129 N  N     . GLU A 1 150 ? 11.088  -1.002  -2.552  1.00 35.48 ? 170 GLU A N     1 
ATOM   1130 C  CA    . GLU A 1 150 ? 11.516  0.219   -1.860  1.00 36.61 ? 170 GLU A CA    1 
ATOM   1131 C  C     . GLU A 1 150 ? 11.208  1.398   -2.772  1.00 36.42 ? 170 GLU A C     1 
ATOM   1132 O  O     . GLU A 1 150 ? 11.548  1.410   -3.983  1.00 37.72 ? 170 GLU A O     1 
ATOM   1133 C  CB    . GLU A 1 150 ? 12.993  0.144   -1.428  1.00 36.33 ? 170 GLU A CB    1 
ATOM   1134 C  CG    . GLU A 1 150 ? 13.118  -0.900  -0.337  1.00 38.77 ? 170 GLU A CG    1 
ATOM   1135 C  CD    . GLU A 1 150 ? 14.396  -0.870  0.465   1.00 39.05 ? 170 GLU A CD    1 
ATOM   1136 O  OE1   . GLU A 1 150 ? 15.361  -0.191  0.059   1.00 42.77 ? 170 GLU A OE1   1 
ATOM   1137 O  OE2   . GLU A 1 150 ? 14.452  -1.572  1.495   1.00 38.74 ? 170 GLU A OE2   1 
ATOM   1138 N  N     . ALA A 1 151 ? 10.544  2.384   -2.193  1.00 35.92 ? 171 ALA A N     1 
ATOM   1139 C  CA    . ALA A 1 151 ? 9.949   3.478   -2.975  1.00 34.80 ? 171 ALA A CA    1 
ATOM   1140 C  C     . ALA A 1 151 ? 10.394  4.817   -2.346  1.00 35.13 ? 171 ALA A C     1 
ATOM   1141 O  O     . ALA A 1 151 ? 10.856  4.871   -1.207  1.00 35.61 ? 171 ALA A O     1 
ATOM   1142 C  CB    . ALA A 1 151 ? 8.405   3.348   -2.934  1.00 35.39 ? 171 ALA A CB    1 
ATOM   1143 N  N     . SER A 1 152 ? 10.269  5.890   -3.121  1.00 34.90 ? 172 SER A N     1 
ATOM   1144 C  CA    . SER A 1 152 ? 10.401  7.251   -2.605  1.00 35.17 ? 172 SER A CA    1 
ATOM   1145 C  C     . SER A 1 152 ? 9.256   8.045   -3.205  1.00 35.08 ? 172 SER A C     1 
ATOM   1146 O  O     . SER A 1 152 ? 9.242   8.307   -4.410  1.00 36.84 ? 172 SER A O     1 
ATOM   1147 C  CB    . SER A 1 152 ? 11.737  7.895   -3.006  1.00 35.51 ? 172 SER A CB    1 
ATOM   1148 O  OG    . SER A 1 152 ? 11.845  9.287   -2.618  1.00 35.58 ? 172 SER A OG    1 
ATOM   1149 N  N     . ALA A 1 153 ? 8.296   8.427   -2.378  1.00 36.03 ? 173 ALA A N     1 
ATOM   1150 C  CA    . ALA A 1 153 ? 7.261   9.327   -2.831  1.00 35.45 ? 173 ALA A CA    1 
ATOM   1151 C  C     . ALA A 1 153 ? 7.880   10.695  -3.191  1.00 35.67 ? 173 ALA A C     1 
ATOM   1152 O  O     . ALA A 1 153 ? 7.461   11.353  -4.145  1.00 37.03 ? 173 ALA A O     1 
ATOM   1153 C  CB    . ALA A 1 153 ? 6.188   9.464   -1.765  1.00 34.90 ? 173 ALA A CB    1 
ATOM   1154 N  N     . LYS A 1 154 ? 8.913   11.087  -2.450  1.00 34.34 ? 174 LYS A N     1 
ATOM   1155 C  CA    . LYS A 1 154 ? 9.584   12.371  -2.649  1.00 34.32 ? 174 LYS A CA    1 
ATOM   1156 C  C     . LYS A 1 154 ? 10.165  12.489  -4.064  1.00 34.30 ? 174 LYS A C     1 
ATOM   1157 O  O     . LYS A 1 154 ? 10.037  13.557  -4.729  1.00 34.81 ? 174 LYS A O     1 
ATOM   1158 C  CB    . LYS A 1 154 ? 10.682  12.576  -1.578  1.00 34.22 ? 174 LYS A CB    1 
ATOM   1159 C  CG    . LYS A 1 154 ? 11.547  13.787  -1.846  1.00 34.45 ? 174 LYS A CG    1 
ATOM   1160 C  CD    . LYS A 1 154 ? 12.495  14.105  -0.717  1.00 35.44 ? 174 LYS A CD    1 
ATOM   1161 C  CE    . LYS A 1 154 ? 13.265  15.400  -0.986  1.00 36.73 ? 174 LYS A CE    1 
ATOM   1162 N  NZ    . LYS A 1 154 ? 14.061  15.791  0.199   1.00 40.64 ? 174 LYS A NZ    1 
ATOM   1163 N  N     . LEU A 1 155 ? 10.772  11.403  -4.528  1.00 34.62 ? 175 LEU A N     1 
ATOM   1164 C  CA    . LEU A 1 155 ? 11.432  11.384  -5.831  1.00 35.39 ? 175 LEU A CA    1 
ATOM   1165 C  C     . LEU A 1 155 ? 10.637  10.627  -6.893  1.00 35.18 ? 175 LEU A C     1 
ATOM   1166 O  O     . LEU A 1 155 ? 11.118  10.454  -7.994  1.00 37.19 ? 175 LEU A O     1 
ATOM   1167 C  CB    . LEU A 1 155 ? 12.810  10.761  -5.691  1.00 34.86 ? 175 LEU A CB    1 
ATOM   1168 C  CG    . LEU A 1 155 ? 13.752  11.501  -4.739  1.00 36.48 ? 175 LEU A CG    1 
ATOM   1169 C  CD1   . LEU A 1 155 ? 15.046  10.711  -4.666  1.00 37.68 ? 175 LEU A CD1   1 
ATOM   1170 C  CD2   . LEU A 1 155 ? 13.990  12.950  -5.183  1.00 38.55 ? 175 LEU A CD2   1 
ATOM   1171 N  N     . ARG A 1 156 ? 9.420   10.229  -6.540  1.00 35.62 ? 176 ARG A N     1 
ATOM   1172 C  CA    . ARG A 1 156 ? 8.541   9.385   -7.353  1.00 36.26 ? 176 ARG A CA    1 
ATOM   1173 C  C     . ARG A 1 156 ? 9.256   8.174   -7.924  1.00 37.39 ? 176 ARG A C     1 
ATOM   1174 O  O     . ARG A 1 156 ? 9.268   7.931   -9.142  1.00 38.58 ? 176 ARG A O     1 
ATOM   1175 C  CB    . ARG A 1 156 ? 7.830   10.194  -8.428  1.00 36.44 ? 176 ARG A CB    1 
ATOM   1176 C  CG    . ARG A 1 156 ? 6.504   9.602   -8.812  1.00 35.57 ? 176 ARG A CG    1 
ATOM   1177 C  CD    . ARG A 1 156 ? 5.865   10.403  -9.903  1.00 37.64 ? 176 ARG A CD    1 
ATOM   1178 N  NE    . ARG A 1 156 ? 4.472   9.999   -10.097 1.00 35.67 ? 176 ARG A NE    1 
ATOM   1179 C  CZ    . ARG A 1 156 ? 4.075   8.942   -10.787 1.00 37.00 ? 176 ARG A CZ    1 
ATOM   1180 N  NH1   . ARG A 1 156 ? 4.959   8.162   -11.399 1.00 37.15 ? 176 ARG A NH1   1 
ATOM   1181 N  NH2   . ARG A 1 156 ? 2.787   8.666   -10.885 1.00 37.63 ? 176 ARG A NH2   1 
ATOM   1182 N  N     . LEU A 1 157 ? 9.842   7.401   -7.019  1.00 38.08 ? 177 LEU A N     1 
ATOM   1183 C  CA    . LEU A 1 157 ? 10.541  6.169   -7.366  1.00 38.15 ? 177 LEU A CA    1 
ATOM   1184 C  C     . LEU A 1 157 ? 9.662   5.000   -6.942  1.00 37.33 ? 177 LEU A C     1 
ATOM   1185 O  O     . LEU A 1 157 ? 9.275   4.927   -5.794  1.00 36.98 ? 177 LEU A O     1 
ATOM   1186 C  CB    . LEU A 1 157 ? 11.912  6.132   -6.668  1.00 38.94 ? 177 LEU A CB    1 
ATOM   1187 C  CG    . LEU A 1 157 ? 12.777  4.863   -6.605  1.00 40.77 ? 177 LEU A CG    1 
ATOM   1188 C  CD1   . LEU A 1 157 ? 13.365  4.553   -7.941  1.00 46.52 ? 177 LEU A CD1   1 
ATOM   1189 C  CD2   . LEU A 1 157 ? 13.905  5.072   -5.559  1.00 42.10 ? 177 LEU A CD2   1 
ATOM   1190 N  N     . ASN A 1 158 ? 9.403   4.058   -7.872  1.00 37.48 ? 178 ASN A N     1 
ATOM   1191 C  CA    . ASN A 1 158 ? 8.619   2.834   -7.596  1.00 37.29 ? 178 ASN A CA    1 
ATOM   1192 C  C     . ASN A 1 158 ? 7.183   3.049   -7.103  1.00 37.75 ? 178 ASN A C     1 
ATOM   1193 O  O     . ASN A 1 158 ? 6.592   2.160   -6.506  1.00 37.63 ? 178 ASN A O     1 
ATOM   1194 C  CB    . ASN A 1 158 ? 9.388   1.868   -6.662  1.00 37.86 ? 178 ASN A CB    1 
ATOM   1195 C  CG    . ASN A 1 158 ? 10.368  1.011   -7.404  1.00 39.34 ? 178 ASN A CG    1 
ATOM   1196 O  OD1   . ASN A 1 158 ? 10.223  0.795   -8.606  1.00 40.62 ? 178 ASN A OD1   1 
ATOM   1197 N  ND2   . ASN A 1 158 ? 11.423  0.573   -6.721  1.00 42.50 ? 178 ASN A ND2   1 
ATOM   1198 N  N     . VAL A 1 159 ? 6.612   4.211   -7.403  1.00 36.98 ? 179 VAL A N     1 
ATOM   1199 C  CA    . VAL A 1 159 ? 5.228   4.530   -7.018  1.00 37.07 ? 179 VAL A CA    1 
ATOM   1200 C  C     . VAL A 1 159 ? 4.269   3.788   -7.951  1.00 37.49 ? 179 VAL A C     1 
ATOM   1201 O  O     . VAL A 1 159 ? 3.462   2.963   -7.504  1.00 38.52 ? 179 VAL A O     1 
ATOM   1202 C  CB    . VAL A 1 159 ? 4.972   6.047   -7.046  1.00 37.64 ? 179 VAL A CB    1 
ATOM   1203 C  CG1   . VAL A 1 159 ? 3.500   6.344   -6.741  1.00 39.83 ? 179 VAL A CG1   1 
ATOM   1204 C  CG2   . VAL A 1 159 ? 5.891   6.747   -6.019  1.00 37.04 ? 179 VAL A CG2   1 
ATOM   1205 N  N     . ASP A 1 160 ? 4.371   4.072   -9.240  1.00 37.57 ? 180 ASP A N     1 
ATOM   1206 C  CA    . ASP A 1 160 ? 3.539   3.356   -10.208 1.00 36.71 ? 180 ASP A CA    1 
ATOM   1207 C  C     . ASP A 1 160 ? 3.773   1.853   -10.104 1.00 37.09 ? 180 ASP A C     1 
ATOM   1208 O  O     . ASP A 1 160 ? 2.832   1.066   -10.119 1.00 36.99 ? 180 ASP A O     1 
ATOM   1209 C  CB    . ASP A 1 160 ? 3.797   3.830   -11.649 1.00 37.85 ? 180 ASP A CB    1 
ATOM   1210 C  CG    . ASP A 1 160 ? 3.273   5.220   -11.908 1.00 38.01 ? 180 ASP A CG    1 
ATOM   1211 O  OD1   . ASP A 1 160 ? 2.350   5.667   -11.191 1.00 37.73 ? 180 ASP A OD1   1 
ATOM   1212 O  OD2   . ASP A 1 160 ? 3.776   5.865   -12.850 1.00 41.14 ? 180 ASP A OD2   1 
ATOM   1213 N  N     . GLU A 1 161 ? 5.041   1.468   -9.970  1.00 36.14 ? 181 GLU A N     1 
ATOM   1214 C  CA    . GLU A 1 161 ? 5.420   0.065   -10.006 1.00 36.23 ? 181 GLU A CA    1 
ATOM   1215 C  C     . GLU A 1 161 ? 4.772   -0.716  -8.862  1.00 35.35 ? 181 GLU A C     1 
ATOM   1216 O  O     . GLU A 1 161 ? 4.306   -1.854  -9.081  1.00 36.85 ? 181 GLU A O     1 
ATOM   1217 C  CB    . GLU A 1 161 ? 6.926   -0.069  -9.983  1.00 36.93 ? 181 GLU A CB    1 
ATOM   1218 C  CG    . GLU A 1 161 ? 7.634   0.417   -11.235 1.00 38.00 ? 181 GLU A CG    1 
ATOM   1219 C  CD    . GLU A 1 161 ? 7.948   1.920   -11.292 1.00 41.73 ? 181 GLU A CD    1 
ATOM   1220 O  OE1   . GLU A 1 161 ? 7.375   2.740   -10.540 1.00 42.72 ? 181 GLU A OE1   1 
ATOM   1221 O  OE2   . GLU A 1 161 ? 8.755   2.299   -12.183 1.00 45.12 ? 181 GLU A OE2   1 
ATOM   1222 N  N     . ALA A 1 162 ? 4.776   -0.139  -7.659  1.00 36.21 ? 182 ALA A N     1 
ATOM   1223 C  CA    . ALA A 1 162 ? 4.162   -0.802  -6.494  1.00 35.58 ? 182 ALA A CA    1 
ATOM   1224 C  C     . ALA A 1 162 ? 2.650   -0.983  -6.684  1.00 36.72 ? 182 ALA A C     1 
ATOM   1225 O  O     . ALA A 1 162 ? 2.099   -2.097  -6.509  1.00 36.63 ? 182 ALA A O     1 
ATOM   1226 C  CB    . ALA A 1 162 ? 4.470   -0.040  -5.178  1.00 36.65 ? 182 ALA A CB    1 
ATOM   1227 N  N     . PHE A 1 163 ? 1.959   0.083   -7.078  1.00 36.24 ? 183 PHE A N     1 
ATOM   1228 C  CA    . PHE A 1 163 ? 0.508   -0.017  -7.301  1.00 36.10 ? 183 PHE A CA    1 
ATOM   1229 C  C     . PHE A 1 163 ? 0.163   -0.994  -8.434  1.00 35.73 ? 183 PHE A C     1 
ATOM   1230 O  O     . PHE A 1 163 ? -0.794  -1.754  -8.359  1.00 36.47 ? 183 PHE A O     1 
ATOM   1231 C  CB    . PHE A 1 163 ? -0.119  1.344   -7.597  1.00 35.47 ? 183 PHE A CB    1 
ATOM   1232 C  CG    . PHE A 1 163 ? -0.362  2.192   -6.394  1.00 36.34 ? 183 PHE A CG    1 
ATOM   1233 C  CD1   . PHE A 1 163 ? -1.477  1.984   -5.590  1.00 37.26 ? 183 PHE A CD1   1 
ATOM   1234 C  CD2   . PHE A 1 163 ? 0.508   3.199   -6.057  1.00 34.04 ? 183 PHE A CD2   1 
ATOM   1235 C  CE1   . PHE A 1 163 ? -1.705  2.790   -4.474  1.00 36.65 ? 183 PHE A CE1   1 
ATOM   1236 C  CE2   . PHE A 1 163 ? 0.281   4.012   -4.938  1.00 36.85 ? 183 PHE A CE2   1 
ATOM   1237 C  CZ    . PHE A 1 163 ? -0.842  3.798   -4.163  1.00 35.84 ? 183 PHE A CZ    1 
ATOM   1238 N  N     . GLU A 1 164 ? 0.944   -0.951  -9.505  1.00 36.30 ? 184 GLU A N     1 
ATOM   1239 C  CA    . GLU A 1 164 ? 0.760   -1.875  -10.627 1.00 36.16 ? 184 GLU A CA    1 
ATOM   1240 C  C     . GLU A 1 164 ? 0.918   -3.328  -10.233 1.00 34.93 ? 184 GLU A C     1 
ATOM   1241 O  O     . GLU A 1 164 ? 0.129   -4.175  -10.613 1.00 33.22 ? 184 GLU A O     1 
ATOM   1242 C  CB    . GLU A 1 164 ? 1.713   -1.530  -11.754 1.00 37.78 ? 184 GLU A CB    1 
ATOM   1243 C  CG    . GLU A 1 164 ? 1.328   -0.219  -12.444 1.00 37.50 ? 184 GLU A CG    1 
ATOM   1244 C  CD    . GLU A 1 164 ? 2.397   0.336   -13.379 1.00 41.59 ? 184 GLU A CD    1 
ATOM   1245 O  OE1   . GLU A 1 164 ? 3.571   -0.129  -13.359 1.00 44.79 ? 184 GLU A OE1   1 
ATOM   1246 O  OE2   . GLU A 1 164 ? 2.062   1.294   -14.113 1.00 45.53 ? 184 GLU A OE2   1 
ATOM   1247 N  N     . GLN A 1 165 ? 1.938   -3.615  -9.430  1.00 33.57 ? 185 GLN A N     1 
ATOM   1248 C  CA    . GLN A 1 165 ? 2.135   -4.954  -8.948  1.00 34.82 ? 185 GLN A CA    1 
ATOM   1249 C  C     . GLN A 1 165 ? 0.975   -5.403  -8.085  1.00 33.45 ? 185 GLN A C     1 
ATOM   1250 O  O     . GLN A 1 165 ? 0.591   -6.555  -8.147  1.00 34.62 ? 185 GLN A O     1 
ATOM   1251 C  CB    . GLN A 1 165 ? 3.436   -5.097  -8.188  1.00 34.58 ? 185 GLN A CB    1 
ATOM   1252 C  CG    . GLN A 1 165 ? 3.807   -6.543  -7.920  1.00 36.74 ? 185 GLN A CG    1 
ATOM   1253 C  CD    . GLN A 1 165 ? 3.991   -7.379  -9.193  1.00 35.89 ? 185 GLN A CD    1 
ATOM   1254 O  OE1   . GLN A 1 165 ? 4.627   -6.928  -10.157 1.00 39.47 ? 185 GLN A OE1   1 
ATOM   1255 N  NE2   . GLN A 1 165 ? 3.488   -8.618  -9.193  1.00 36.96 ? 185 GLN A NE2   1 
ATOM   1256 N  N     . LEU A 1 166 ? 0.385   -4.493  -7.326  1.00 34.65 ? 186 LEU A N     1 
ATOM   1257 C  CA    . LEU A 1 166 ? -0.765  -4.845  -6.493  1.00 35.22 ? 186 LEU A CA    1 
ATOM   1258 C  C     . LEU A 1 166 ? -1.962  -5.257  -7.379  1.00 35.48 ? 186 LEU A C     1 
ATOM   1259 O  O     . LEU A 1 166 ? -2.657  -6.238  -7.101  1.00 35.41 ? 186 LEU A O     1 
ATOM   1260 C  CB    . LEU A 1 166 ? -1.119  -3.677  -5.591  1.00 34.89 ? 186 LEU A CB    1 
ATOM   1261 C  CG    . LEU A 1 166 ? -2.326  -3.870  -4.686  1.00 35.12 ? 186 LEU A CG    1 
ATOM   1262 C  CD1   . LEU A 1 166 ? -2.198  -5.140  -3.912  1.00 35.32 ? 186 LEU A CD1   1 
ATOM   1263 C  CD2   . LEU A 1 166 ? -2.473  -2.652  -3.749  1.00 34.47 ? 186 LEU A CD2   1 
ATOM   1264 N  N     . VAL A 1 167 ? -2.175  -4.528  -8.472  1.00 36.20 ? 187 VAL A N     1 
ATOM   1265 C  CA    . VAL A 1 167 ? -3.218  -4.874  -9.434  1.00 36.25 ? 187 VAL A CA    1 
ATOM   1266 C  C     . VAL A 1 167 ? -2.999  -6.295  -10.007 1.00 36.32 ? 187 VAL A C     1 
ATOM   1267 O  O     . VAL A 1 167 ? -3.912  -7.095  -10.102 1.00 36.93 ? 187 VAL A O     1 
ATOM   1268 C  CB    . VAL A 1 167 ? -3.292  -3.821  -10.567 1.00 36.75 ? 187 VAL A CB    1 
ATOM   1269 C  CG1   . VAL A 1 167 ? -4.277  -4.271  -11.665 1.00 35.25 ? 187 VAL A CG1   1 
ATOM   1270 C  CG2   . VAL A 1 167 ? -3.634  -2.414  -9.989  1.00 33.95 ? 187 VAL A CG2   1 
ATOM   1271 N  N     . ARG A 1 168 ? -1.754  -6.616  -10.325 1.00 36.76 ? 188 ARG A N     1 
ATOM   1272 C  CA    . ARG A 1 168 ? -1.408  -7.944  -10.796 1.00 36.22 ? 188 ARG A CA    1 
ATOM   1273 C  C     . ARG A 1 168 ? -1.766  -9.035  -9.792  1.00 35.66 ? 188 ARG A C     1 
ATOM   1274 O  O     . ARG A 1 168 ? -2.314  -10.076 -10.155 1.00 35.56 ? 188 ARG A O     1 
ATOM   1275 C  CB    . ARG A 1 168 ? 0.088   -8.023  -11.098 1.00 36.50 ? 188 ARG A CB    1 
ATOM   1276 C  CG    . ARG A 1 168 ? 0.475   -7.218  -12.283 1.00 37.11 ? 188 ARG A CG    1 
ATOM   1277 C  CD    . ARG A 1 168 ? 1.909   -7.462  -12.701 1.00 37.19 ? 188 ARG A CD    1 
ATOM   1278 N  NE    . ARG A 1 168 ? 2.281   -6.404  -13.635 1.00 35.89 ? 188 ARG A NE    1 
ATOM   1279 C  CZ    . ARG A 1 168 ? 3.094   -5.386  -13.363 1.00 35.91 ? 188 ARG A CZ    1 
ATOM   1280 N  NH1   . ARG A 1 168 ? 3.747   -5.288  -12.204 1.00 36.27 ? 188 ARG A NH1   1 
ATOM   1281 N  NH2   . ARG A 1 168 ? 3.275   -4.467  -14.312 1.00 39.16 ? 188 ARG A NH2   1 
ATOM   1282 N  N     . ALA A 1 169 ? -1.461  -8.787  -8.526  1.00 35.17 ? 189 ALA A N     1 
ATOM   1283 C  CA    . ALA A 1 169 ? -1.750  -9.756  -7.472  1.00 35.63 ? 189 ALA A CA    1 
ATOM   1284 C  C     . ALA A 1 169 ? -3.241  -9.981  -7.301  1.00 36.37 ? 189 ALA A C     1 
ATOM   1285 O  O     . ALA A 1 169 ? -3.704  -11.127 -7.148  1.00 36.85 ? 189 ALA A O     1 
ATOM   1286 C  CB    . ALA A 1 169 ? -1.113  -9.306  -6.134  1.00 35.92 ? 189 ALA A CB    1 
ATOM   1287 N  N     . VAL A 1 170 ? -4.003  -8.894  -7.368  1.00 36.21 ? 190 VAL A N     1 
ATOM   1288 C  CA    A VAL A 1 170 ? -5.451  -9.004  -7.229  0.50 36.66 ? 190 VAL A CA    1 
ATOM   1289 C  CA    B VAL A 1 170 ? -5.462  -8.980  -7.257  0.50 35.91 ? 190 VAL A CA    1 
ATOM   1290 C  C     . VAL A 1 170 ? -6.024  -9.797  -8.427  1.00 36.49 ? 190 VAL A C     1 
ATOM   1291 O  O     . VAL A 1 170 ? -6.873  -10.672 -8.254  1.00 35.19 ? 190 VAL A O     1 
ATOM   1292 C  CB    A VAL A 1 170 ? -6.139  -7.613  -7.017  0.50 36.61 ? 190 VAL A CB    1 
ATOM   1293 C  CB    B VAL A 1 170 ? -6.121  -7.579  -7.212  0.50 35.80 ? 190 VAL A CB    1 
ATOM   1294 C  CG1   A VAL A 1 170 ? -5.580  -6.896  -5.786  0.50 36.71 ? 190 VAL A CG1   1 
ATOM   1295 C  CG1   B VAL A 1 170 ? -7.645  -7.688  -7.418  0.50 32.18 ? 190 VAL A CG1   1 
ATOM   1296 C  CG2   A VAL A 1 170 ? -6.020  -6.737  -8.240  0.50 37.53 ? 190 VAL A CG2   1 
ATOM   1297 C  CG2   B VAL A 1 170 ? -5.824  -6.889  -5.896  0.50 35.01 ? 190 VAL A CG2   1 
ATOM   1298 N  N     . ARG A 1 171 ? -5.511  -9.545  -9.629  1.00 37.23 ? 191 ARG A N     1 
ATOM   1299 C  CA    . ARG A 1 171 ? -5.952  -10.281 -10.808 1.00 37.97 ? 191 ARG A CA    1 
ATOM   1300 C  C     . ARG A 1 171 ? -5.672  -11.769 -10.729 1.00 38.76 ? 191 ARG A C     1 
ATOM   1301 O  O     . ARG A 1 171 ? -6.560  -12.569 -10.998 1.00 38.51 ? 191 ARG A O     1 
ATOM   1302 C  CB    . ARG A 1 171 ? -5.302  -9.715  -12.047 1.00 38.08 ? 191 ARG A CB    1 
ATOM   1303 C  CG    . ARG A 1 171 ? -5.881  -8.405  -12.412 1.00 36.60 ? 191 ARG A CG    1 
ATOM   1304 C  CD    . ARG A 1 171 ? -5.135  -7.803  -13.562 1.00 40.11 ? 191 ARG A CD    1 
ATOM   1305 N  NE    . ARG A 1 171 ? -5.822  -6.604  -14.049 1.00 39.94 ? 191 ARG A NE    1 
ATOM   1306 C  CZ    . ARG A 1 171 ? -5.322  -5.781  -14.967 1.00 41.85 ? 191 ARG A CZ    1 
ATOM   1307 N  NH1   . ARG A 1 171 ? -4.133  -6.029  -15.510 1.00 42.59 ? 191 ARG A NH1   1 
ATOM   1308 N  NH2   . ARG A 1 171 ? -6.010  -4.710  -15.359 1.00 39.68 ? 191 ARG A NH2   1 
ATOM   1309 N  N     . LYS A 1 172 ? -4.439  -12.135 -10.373 1.00 39.15 ? 192 LYS A N     1 
ATOM   1310 C  CA    . LYS A 1 172 ? -4.077  -13.550 -10.261 1.00 40.75 ? 192 LYS A CA    1 
ATOM   1311 C  C     . LYS A 1 172 ? -4.884  -14.239 -9.140  1.00 41.40 ? 192 LYS A C     1 
ATOM   1312 O  O     . LYS A 1 172 ? -5.225  -15.419 -9.239  1.00 41.82 ? 192 LYS A O     1 
ATOM   1313 C  CB    . LYS A 1 172 ? -2.561  -13.740 -10.075 1.00 39.66 ? 192 LYS A CB    1 
ATOM   1314 C  CG    . LYS A 1 172 ? -1.957  -14.813 -10.982 1.00 43.59 ? 192 LYS A CG    1 
ATOM   1315 N  N     . TYR A 1 173 ? -5.212  -13.477 -8.097  1.00 42.85 ? 193 TYR A N     1 
ATOM   1316 C  CA    . TYR A 1 173 ? -6.018  -13.972 -6.996  1.00 43.78 ? 193 TYR A CA    1 
ATOM   1317 C  C     . TYR A 1 173 ? -7.434  -14.294 -7.458  1.00 45.44 ? 193 TYR A C     1 
ATOM   1318 O  O     . TYR A 1 173 ? -7.982  -15.351 -7.123  1.00 45.34 ? 193 TYR A O     1 
ATOM   1319 C  CB    . TYR A 1 173 ? -6.023  -12.932 -5.859  1.00 43.61 ? 193 TYR A CB    1 
ATOM   1320 C  CG    . TYR A 1 173 ? -6.874  -13.299 -4.677  1.00 42.65 ? 193 TYR A CG    1 
ATOM   1321 C  CD1   . TYR A 1 173 ? -6.420  -14.204 -3.728  1.00 42.71 ? 193 TYR A CD1   1 
ATOM   1322 C  CD2   . TYR A 1 173 ? -8.126  -12.736 -4.502  1.00 44.02 ? 193 TYR A CD2   1 
ATOM   1323 C  CE1   . TYR A 1 173 ? -7.191  -14.540 -2.643  1.00 43.36 ? 193 TYR A CE1   1 
ATOM   1324 C  CE2   . TYR A 1 173 ? -8.913  -13.075 -3.427  1.00 43.46 ? 193 TYR A CE2   1 
ATOM   1325 C  CZ    . TYR A 1 173 ? -8.435  -13.974 -2.500  1.00 43.27 ? 193 TYR A CZ    1 
ATOM   1326 O  OH    . TYR A 1 173 ? -9.215  -14.308 -1.427  1.00 44.25 ? 193 TYR A OH    1 
ATOM   1327 N  N     . GLN A 1 174 ? -8.027  -13.396 -8.238  1.00 47.23 ? 194 GLN A N     1 
ATOM   1328 C  CA    . GLN A 1 174 ? -9.390  -13.603 -8.699  1.00 49.04 ? 194 GLN A CA    1 
ATOM   1329 C  C     . GLN A 1 174 ? -9.469  -14.351 -10.030 1.00 49.80 ? 194 GLN A C     1 
ATOM   1330 O  O     . GLN A 1 174 ? -10.539 -14.438 -10.622 1.00 50.37 ? 194 GLN A O     1 
ATOM   1331 C  CB    . GLN A 1 174 ? -10.166 -12.284 -8.734  1.00 49.35 ? 194 GLN A CB    1 
ATOM   1332 C  CG    . GLN A 1 174 ? -9.837  -11.309 -9.850  1.00 50.22 ? 194 GLN A CG    1 
ATOM   1333 C  CD    . GLN A 1 174 ? -10.576 -9.992  -9.663  1.00 50.01 ? 194 GLN A CD    1 
ATOM   1334 O  OE1   . GLN A 1 174 ? -10.617 -9.457  -8.561  1.00 51.95 ? 194 GLN A OE1   1 
ATOM   1335 N  NE2   . GLN A 1 174 ? -11.196 -9.489  -10.728 1.00 52.31 ? 194 GLN A NE2   1 
ATOM   1336 N  N     . GLU A 1 175 ? -8.345  -14.903 -10.481 1.00 50.92 ? 195 GLU A N     1 
ATOM   1337 C  CA    . GLU A 1 175 ? -8.364  -15.947 -11.502 1.00 51.75 ? 195 GLU A CA    1 
ATOM   1338 C  C     . GLU A 1 175 ? -8.807  -17.261 -10.865 1.00 52.21 ? 195 GLU A C     1 
ATOM   1339 O  O     . GLU A 1 175 ? -9.202  -18.188 -11.571 1.00 52.02 ? 195 GLU A O     1 
ATOM   1340 C  CB    . GLU A 1 175 ? -6.997  -16.133 -12.166 1.00 52.22 ? 195 GLU A CB    1 
ATOM   1341 C  CG    . GLU A 1 175 ? -6.533  -14.951 -13.017 1.00 53.26 ? 195 GLU A CG    1 
ATOM   1342 C  CD    . GLU A 1 175 ? -5.712  -15.391 -14.216 1.00 55.11 ? 195 GLU A CD    1 
ATOM   1343 O  OE1   . GLU A 1 175 ? -4.491  -15.112 -14.240 1.00 55.95 ? 195 GLU A OE1   1 
ATOM   1344 O  OE2   . GLU A 1 175 ? -6.292  -16.022 -15.130 1.00 56.37 ? 195 GLU A OE2   1 
ATOM   1345 N  N     . GLN A 1 176 ? -8.724  -17.345 -9.537  1.00 52.41 ? 196 GLN A N     1 
ATOM   1346 C  CA    . GLN A 1 176 ? -9.397  -18.414 -8.796  1.00 53.04 ? 196 GLN A CA    1 
ATOM   1347 C  C     . GLN A 1 176 ? -10.907 -18.254 -8.961  1.00 52.92 ? 196 GLN A C     1 
ATOM   1348 O  O     . GLN A 1 176 ? -11.699 -18.841 -8.223  1.00 53.58 ? 196 GLN A O     1 
ATOM   1349 C  CB    . GLN A 1 176 ? -9.034  -18.367 -7.308  1.00 52.97 ? 196 GLN A CB    1 
ATOM   1350 C  CG    . GLN A 1 176 ? -7.557  -18.555 -7.016  1.00 53.33 ? 196 GLN A CG    1 
ATOM   1351 C  CD    . GLN A 1 176 ? -7.233  -18.299 -5.556  1.00 53.74 ? 196 GLN A CD    1 
ATOM   1352 O  OE1   . GLN A 1 176 ? -7.869  -18.863 -4.666  1.00 54.18 ? 196 GLN A OE1   1 
ATOM   1353 N  NE2   . GLN A 1 176 ? -6.251  -17.436 -5.304  1.00 54.49 ? 196 GLN A NE2   1 
HETATM 1354 MG MG    . MG  B 2 .   ? -1.921  10.676  5.313   1.00 39.62 ? 2   MG  A MG    1 
HETATM 1355 P  PB    . GDP C 3 .   ? 1.134   9.541   5.994   1.00 33.09 ? 1   GDP A PB    1 
HETATM 1356 O  O1B   . GDP C 3 .   ? 1.413   8.064   6.096   1.00 36.02 ? 1   GDP A O1B   1 
HETATM 1357 O  O2B   . GDP C 3 .   ? -0.006  9.906   5.096   1.00 33.07 ? 1   GDP A O2B   1 
HETATM 1358 O  O3B   . GDP C 3 .   ? 0.887   10.044  7.438   1.00 37.63 ? 1   GDP A O3B   1 
HETATM 1359 O  O3A   . GDP C 3 .   ? 2.469   10.262  5.504   1.00 32.57 ? 1   GDP A O3A   1 
HETATM 1360 P  PA    . GDP C 3 .   ? 2.655   11.597  4.703   1.00 34.41 ? 1   GDP A PA    1 
HETATM 1361 O  O1A   . GDP C 3 .   ? 1.836   12.693  5.375   1.00 36.75 ? 1   GDP A O1A   1 
HETATM 1362 O  O2A   . GDP C 3 .   ? 2.289   11.478  3.235   1.00 35.61 ? 1   GDP A O2A   1 
HETATM 1363 O  "O5'" . GDP C 3 .   ? 4.206   11.799  4.947   1.00 35.09 ? 1   GDP A "O5'" 1 
HETATM 1364 C  "C5'" . GDP C 3 .   ? 4.682   11.992  6.295   1.00 33.09 ? 1   GDP A "C5'" 1 
HETATM 1365 C  "C4'" . GDP C 3 .   ? 5.985   12.745  6.314   1.00 33.11 ? 1   GDP A "C4'" 1 
HETATM 1366 O  "O4'" . GDP C 3 .   ? 6.953   11.987  5.577   1.00 30.37 ? 1   GDP A "O4'" 1 
HETATM 1367 C  "C3'" . GDP C 3 .   ? 5.932   14.126  5.684   1.00 34.20 ? 1   GDP A "C3'" 1 
HETATM 1368 O  "O3'" . GDP C 3 .   ? 6.799   15.001  6.425   1.00 35.34 ? 1   GDP A "O3'" 1 
HETATM 1369 C  "C2'" . GDP C 3 .   ? 6.487   13.906  4.291   1.00 32.10 ? 1   GDP A "C2'" 1 
HETATM 1370 O  "O2'" . GDP C 3 .   ? 7.141   15.050  3.737   1.00 35.28 ? 1   GDP A "O2'" 1 
HETATM 1371 C  "C1'" . GDP C 3 .   ? 7.489   12.783  4.548   1.00 30.33 ? 1   GDP A "C1'" 1 
HETATM 1372 N  N9    . GDP C 3 .   ? 7.702   11.889  3.376   1.00 29.42 ? 1   GDP A N9    1 
HETATM 1373 C  C8    . GDP C 3 .   ? 6.738   11.210  2.725   1.00 30.55 ? 1   GDP A C8    1 
HETATM 1374 N  N7    . GDP C 3 .   ? 7.284   10.486  1.713   1.00 28.84 ? 1   GDP A N7    1 
HETATM 1375 C  C5    . GDP C 3 .   ? 8.610   10.693  1.767   1.00 27.69 ? 1   GDP A C5    1 
HETATM 1376 C  C6    . GDP C 3 .   ? 9.763   10.273  0.990   1.00 29.45 ? 1   GDP A C6    1 
HETATM 1377 O  O6    . GDP C 3 .   ? 9.576   9.474   0.051   1.00 28.68 ? 1   GDP A O6    1 
HETATM 1378 N  N1    . GDP C 3 .   ? 10.984  10.696  1.334   1.00 28.25 ? 1   GDP A N1    1 
HETATM 1379 C  C2    . GDP C 3 .   ? 11.162  11.563  2.364   1.00 30.40 ? 1   GDP A C2    1 
HETATM 1380 N  N2    . GDP C 3 .   ? 12.401  11.948  2.658   1.00 30.08 ? 1   GDP A N2    1 
HETATM 1381 N  N3    . GDP C 3 .   ? 10.149  11.994  3.132   1.00 28.05 ? 1   GDP A N3    1 
HETATM 1382 C  C4    . GDP C 3 .   ? 8.879   11.636  2.856   1.00 28.17 ? 1   GDP A C4    1 
HETATM 1383 O  O     . HOH D 4 .   ? 2.493   -9.271  -3.890  1.00 26.46 ? 202 HOH A O     1 
HETATM 1384 O  O     . HOH D 4 .   ? 12.625  -2.124  -4.712  1.00 28.90 ? 203 HOH A O     1 
HETATM 1385 O  O     . HOH D 4 .   ? 2.784   13.405  -3.064  1.00 33.02 ? 204 HOH A O     1 
HETATM 1386 O  O     . HOH D 4 .   ? 3.891   1.155   8.862   1.00 28.40 ? 205 HOH A O     1 
HETATM 1387 O  O     . HOH D 4 .   ? 6.924   5.397   -10.124 1.00 32.19 ? 206 HOH A O     1 
HETATM 1388 O  O     . HOH D 4 .   ? 11.238  -5.606  14.009  1.00 47.76 ? 207 HOH A O     1 
HETATM 1389 O  O     . HOH D 4 .   ? 20.120  -2.499  3.539   1.00 30.20 ? 208 HOH A O     1 
HETATM 1390 O  O     . HOH D 4 .   ? 9.033   -11.471 -2.672  1.00 33.64 ? 209 HOH A O     1 
HETATM 1391 O  O     . HOH D 4 .   ? 10.370  4.383   -10.600 1.00 33.36 ? 210 HOH A O     1 
HETATM 1392 O  O     . HOH D 4 .   ? 20.785  -0.880  1.537   1.00 37.47 ? 211 HOH A O     1 
HETATM 1393 O  O     . HOH D 4 .   ? 11.920  -7.161  -3.647  1.00 43.15 ? 212 HOH A O     1 
HETATM 1394 O  O     . HOH D 4 .   ? 12.488  -10.286 8.424   1.00 36.52 ? 213 HOH A O     1 
HETATM 1395 O  O     . HOH D 4 .   ? 5.483   -3.202  -11.156 1.00 30.01 ? 214 HOH A O     1 
HETATM 1396 O  O     . HOH D 4 .   ? 4.963   -2.032  -13.668 1.00 33.06 ? 215 HOH A O     1 
HETATM 1397 O  O     . HOH D 4 .   ? 7.415   -6.196  -10.227 1.00 35.76 ? 216 HOH A O     1 
HETATM 1398 O  O     . HOH D 4 .   ? 17.695  3.556   -0.752  1.00 28.06 ? 217 HOH A O     1 
HETATM 1399 O  O     . HOH D 4 .   ? 11.152  -10.596 -1.028  1.00 35.47 ? 218 HOH A O     1 
HETATM 1400 O  O     . HOH D 4 .   ? 10.354  -5.558  -6.436  1.00 35.79 ? 219 HOH A O     1 
HETATM 1401 O  O     . HOH D 4 .   ? 6.592   -17.849 -0.625  1.00 32.93 ? 220 HOH A O     1 
HETATM 1402 O  O     . HOH D 4 .   ? -2.145  -8.374  -15.021 1.00 38.59 ? 221 HOH A O     1 
HETATM 1403 O  O     . HOH D 4 .   ? 0.079   -15.501 -2.041  1.00 49.07 ? 222 HOH A O     1 
HETATM 1404 O  O     . HOH D 4 .   ? 13.949  -3.686  -3.102  1.00 47.74 ? 223 HOH A O     1 
HETATM 1405 O  O     . HOH D 4 .   ? 21.719  -2.056  5.674   1.00 36.86 ? 224 HOH A O     1 
HETATM 1406 O  O     . HOH D 4 .   ? 9.896   8.062   8.712   1.00 33.28 ? 225 HOH A O     1 
HETATM 1407 O  O     . HOH D 4 .   ? -2.092  -10.768 -12.880 1.00 38.24 ? 226 HOH A O     1 
HETATM 1408 O  O     . HOH D 4 .   ? 1.633   -12.014 -3.773  1.00 32.36 ? 227 HOH A O     1 
HETATM 1409 O  O     . HOH D 4 .   ? 12.299  2.678   -10.479 1.00 42.09 ? 228 HOH A O     1 
HETATM 1410 O  O     . HOH D 4 .   ? 7.203   21.410  0.160   1.00 47.69 ? 229 HOH A O     1 
HETATM 1411 O  O     . HOH D 4 .   ? -1.763  10.280  7.347   1.00 43.94 ? 230 HOH A O     1 
HETATM 1412 O  O     . HOH D 4 .   ? -2.461  4.877   9.921   1.00 36.50 ? 231 HOH A O     1 
HETATM 1413 O  O     . HOH D 4 .   ? -11.007 0.829   -1.339  1.00 42.73 ? 232 HOH A O     1 
HETATM 1414 O  O     . HOH D 4 .   ? 6.682   -18.514 5.383   1.00 47.26 ? 233 HOH A O     1 
HETATM 1415 O  O     . HOH D 4 .   ? -0.775  -1.705  -19.663 1.00 46.37 ? 234 HOH A O     1 
HETATM 1416 O  O     . HOH D 4 .   ? 24.306  5.827   8.371   1.00 29.19 ? 235 HOH A O     1 
HETATM 1417 O  O     . HOH D 4 .   ? -0.885  12.818  5.450   1.00 36.46 ? 236 HOH A O     1 
HETATM 1418 O  O     . HOH D 4 .   ? 1.473   -9.734  14.249  1.00 53.24 ? 237 HOH A O     1 
HETATM 1419 O  O     . HOH D 4 .   ? 1.430   5.383   13.917  1.00 52.52 ? 238 HOH A O     1 
HETATM 1420 O  O     . HOH D 4 .   ? 20.486  -0.790  7.838   1.00 38.45 ? 239 HOH A O     1 
HETATM 1421 O  O     . HOH D 4 .   ? -3.851  11.607  5.627   1.00 42.75 ? 240 HOH A O     1 
HETATM 1422 O  O     . HOH D 4 .   ? 10.235  16.322  -4.405  1.00 38.38 ? 241 HOH A O     1 
HETATM 1423 O  O     . HOH D 4 .   ? 6.672   -19.720 3.482   1.00 38.28 ? 242 HOH A O     1 
HETATM 1424 O  O     . HOH D 4 .   ? 21.397  9.039   2.842   1.00 38.29 ? 243 HOH A O     1 
HETATM 1425 O  O     . HOH D 4 .   ? 7.956   -18.219 1.796   1.00 35.18 ? 244 HOH A O     1 
HETATM 1426 O  O     . HOH D 4 .   ? -2.282  -13.227 -5.899  1.00 35.73 ? 245 HOH A O     1 
HETATM 1427 O  O     . HOH D 4 .   ? 9.654   -9.044  -4.031  1.00 35.30 ? 246 HOH A O     1 
HETATM 1428 O  O     . HOH D 4 .   ? 7.799   7.855   -11.482 1.00 39.22 ? 247 HOH A O     1 
HETATM 1429 O  O     . HOH D 4 .   ? -8.705  4.498   9.275   1.00 37.37 ? 248 HOH A O     1 
HETATM 1430 O  O     . HOH D 4 .   ? -2.907  9.179   4.945   1.00 43.59 ? 249 HOH A O     1 
HETATM 1431 O  O     . HOH D 4 .   ? 16.273  13.574  -2.135  1.00 48.97 ? 250 HOH A O     1 
HETATM 1432 O  O     . HOH D 4 .   ? 1.641   12.339  8.582   1.00 37.52 ? 251 HOH A O     1 
HETATM 1433 O  O     . HOH D 4 .   ? -3.936  -0.071  -22.577 1.00 51.53 ? 252 HOH A O     1 
HETATM 1434 O  O     . HOH D 4 .   ? 0.546   -13.471 -0.267  1.00 40.56 ? 253 HOH A O     1 
HETATM 1435 O  O     . HOH D 4 .   ? 2.779   -9.921  -6.686  1.00 35.91 ? 254 HOH A O     1 
HETATM 1436 O  O     . HOH D 4 .   ? 8.577   -7.083  -7.858  1.00 41.24 ? 255 HOH A O     1 
HETATM 1437 O  O     . HOH D 4 .   ? 8.154   -3.600  -11.341 1.00 39.49 ? 256 HOH A O     1 
HETATM 1438 O  O     . HOH D 4 .   ? 19.035  11.903  -1.504  1.00 44.99 ? 257 HOH A O     1 
HETATM 1439 O  O     . HOH D 4 .   ? 19.616  10.863  3.821   1.00 54.02 ? 258 HOH A O     1 
HETATM 1440 O  O     . HOH D 4 .   ? 22.542  3.090   5.964   1.00 45.48 ? 259 HOH A O     1 
HETATM 1441 O  O     . HOH D 4 .   ? -11.190 7.628   14.483  1.00 42.09 ? 260 HOH A O     1 
HETATM 1442 O  O     . HOH D 4 .   ? 12.327  -8.945  10.878  1.00 46.94 ? 261 HOH A O     1 
HETATM 1443 O  O     . HOH D 4 .   ? -9.246  14.805  16.779  1.00 50.54 ? 262 HOH A O     1 
HETATM 1444 O  O     . HOH D 4 .   ? -11.027 13.944  14.856  1.00 47.29 ? 263 HOH A O     1 
HETATM 1445 O  O     . HOH D 4 .   ? -3.235  -16.000 -5.819  1.00 45.28 ? 264 HOH A O     1 
HETATM 1446 O  O     . HOH D 4 .   ? 1.963   -4.182  -16.781 1.00 40.49 ? 265 HOH A O     1 
HETATM 1447 O  O     . HOH D 4 .   ? -2.924  -1.838  13.377  1.00 48.90 ? 266 HOH A O     1 
HETATM 1448 O  O     . HOH D 4 .   ? 9.900   15.845  3.975   1.00 49.23 ? 267 HOH A O     1 
HETATM 1449 O  O     . HOH D 4 .   ? 2.145   15.025  6.458   1.00 43.31 ? 268 HOH A O     1 
HETATM 1450 O  O     . HOH D 4 .   ? -0.810  -12.265 1.282   1.00 37.63 ? 269 HOH A O     1 
HETATM 1451 O  O     . HOH D 4 .   ? -0.552  -11.309 -2.269  1.00 36.24 ? 270 HOH A O     1 
HETATM 1452 O  O     . HOH D 4 .   ? -2.381  -13.031 -3.285  1.00 43.04 ? 271 HOH A O     1 
HETATM 1453 O  O     . HOH D 4 .   ? 15.772  13.228  0.479   1.00 42.43 ? 272 HOH A O     1 
HETATM 1454 O  O     . HOH D 4 .   ? 6.405   5.645   13.973  1.00 47.19 ? 273 HOH A O     1 
HETATM 1455 O  O     . HOH D 4 .   ? 13.842  19.080  0.776   1.00 51.89 ? 274 HOH A O     1 
HETATM 1456 O  O     . HOH D 4 .   ? 5.664   1.861   -14.558 1.00 51.80 ? 275 HOH A O     1 
HETATM 1457 O  O     . HOH D 4 .   ? -11.167 -6.969  -7.201  1.00 42.38 ? 276 HOH A O     1 
HETATM 1458 O  O     . HOH D 4 .   ? 10.398  12.105  6.195   1.00 35.66 ? 277 HOH A O     1 
HETATM 1459 O  O     . HOH D 4 .   ? -3.387  2.533   8.138   1.00 42.47 ? 278 HOH A O     1 
HETATM 1460 O  O     . HOH D 4 .   ? 20.219  -5.504  3.304   1.00 35.74 ? 279 HOH A O     1 
HETATM 1461 O  O     . HOH D 4 .   ? -5.372  1.152   9.221   1.00 44.00 ? 280 HOH A O     1 
HETATM 1462 O  O     . HOH D 4 .   ? 7.248   -6.919  10.739  1.00 49.78 ? 281 HOH A O     1 
HETATM 1463 O  O     . HOH D 4 .   ? 12.457  14.228  4.794   1.00 42.22 ? 282 HOH A O     1 
HETATM 1464 O  O     . HOH D 4 .   ? -12.579 -21.074 9.443   1.00 49.00 ? 283 HOH A O     1 
HETATM 1465 O  O     . HOH D 4 .   ? 11.861  10.940  8.166   1.00 38.88 ? 284 HOH A O     1 
HETATM 1466 O  O     . HOH D 4 .   ? 5.743   4.414   -14.314 1.00 51.72 ? 285 HOH A O     1 
HETATM 1467 O  O     . HOH D 4 .   ? 3.035   -10.382 10.202  1.00 38.72 ? 286 HOH A O     1 
HETATM 1468 O  O     . HOH D 4 .   ? 23.157  2.112   3.629   1.00 41.31 ? 287 HOH A O     1 
HETATM 1469 O  O     . HOH D 4 .   ? -6.051  11.520  2.047   1.00 47.10 ? 288 HOH A O     1 
HETATM 1470 O  O     . HOH D 4 .   ? -3.015  10.168  10.127  1.00 47.87 ? 289 HOH A O     1 
HETATM 1471 O  O     . HOH D 4 .   ? 10.334  -1.854  -9.694  1.00 40.90 ? 290 HOH A O     1 
HETATM 1472 O  O     . HOH D 4 .   ? -9.587  -15.877 10.616  1.00 50.88 ? 291 HOH A O     1 
HETATM 1473 O  O     . HOH D 4 .   ? 2.790   7.681   -14.174 1.00 39.39 ? 292 HOH A O     1 
HETATM 1474 O  O     . HOH D 4 .   ? 2.311   14.351  2.474   1.00 44.67 ? 293 HOH A O     1 
HETATM 1475 O  O     . HOH D 4 .   ? 6.643   16.841  -7.181  1.00 40.97 ? 294 HOH A O     1 
HETATM 1476 O  O     . HOH D 4 .   ? 2.027   -18.634 5.166   1.00 50.38 ? 295 HOH A O     1 
# 
loop_
_pdbx_poly_seq_scheme.asym_id 
_pdbx_poly_seq_scheme.entity_id 
_pdbx_poly_seq_scheme.seq_id 
_pdbx_poly_seq_scheme.mon_id 
_pdbx_poly_seq_scheme.ndb_seq_num 
_pdbx_poly_seq_scheme.pdb_seq_num 
_pdbx_poly_seq_scheme.auth_seq_num 
_pdbx_poly_seq_scheme.pdb_mon_id 
_pdbx_poly_seq_scheme.auth_mon_id 
_pdbx_poly_seq_scheme.pdb_strand_id 
_pdbx_poly_seq_scheme.pdb_ins_code 
_pdbx_poly_seq_scheme.hetero 
A 1 1   SER 1   21  ?   ?   ?   A . n 
A 1 2   MET 2   22  ?   ?   ?   A . n 
A 1 3   ASP 3   23  ?   ?   ?   A . n 
A 1 4   PRO 4   24  24  PRO PRO A . n 
A 1 5   PRO 5   25  25  PRO PRO A . n 
A 1 6   PRO 6   26  26  PRO PRO A . n 
A 1 7   SER 7   27  27  SER SER A . n 
A 1 8   GLU 8   28  28  GLU GLU A . n 
A 1 9   THR 9   29  29  THR THR A . n 
A 1 10  HIS 10  30  30  HIS HIS A . n 
A 1 11  LYS 11  31  31  LYS LYS A . n 
A 1 12  LEU 12  32  32  LEU LEU A . n 
A 1 13  VAL 13  33  33  VAL VAL A . n 
A 1 14  VAL 14  34  34  VAL VAL A . n 
A 1 15  VAL 15  35  35  VAL VAL A . n 
A 1 16  GLY 16  36  36  GLY GLY A . n 
A 1 17  GLY 17  37  37  GLY GLY A . n 
A 1 18  GLY 18  38  38  GLY GLY A . n 
A 1 19  GLY 19  39  39  GLY GLY A . n 
A 1 20  VAL 20  40  40  VAL VAL A . n 
A 1 21  GLY 21  41  41  GLY GLY A . n 
A 1 22  LYS 22  42  42  LYS LYS A . n 
A 1 23  SER 23  43  43  SER SER A . n 
A 1 24  ALA 24  44  44  ALA ALA A . n 
A 1 25  LEU 25  45  45  LEU LEU A . n 
A 1 26  THR 26  46  46  THR THR A . n 
A 1 27  ILE 27  47  47  ILE ILE A . n 
A 1 28  GLN 28  48  48  GLN GLN A . n 
A 1 29  PHE 29  49  49  PHE PHE A . n 
A 1 30  ILE 30  50  50  ILE ILE A . n 
A 1 31  GLN 31  51  51  GLN GLN A . n 
A 1 32  SER 32  52  52  SER SER A . n 
A 1 33  TYR 33  53  53  TYR TYR A . n 
A 1 34  PHE 34  54  54  PHE PHE A . n 
A 1 35  VAL 35  55  55  VAL VAL A . n 
A 1 36  SER 36  56  56  SER SER A . n 
A 1 37  ASP 37  57  57  ASP ASP A . n 
A 1 38  TYR 38  58  58  TYR TYR A . n 
A 1 39  ASP 39  59  59  ASP ASP A . n 
A 1 40  PRO 40  60  60  PRO PRO A . n 
A 1 41  THR 41  61  61  THR THR A . n 
A 1 42  ILE 42  62  62  ILE ILE A . n 
A 1 43  GLU 43  63  63  GLU GLU A . n 
A 1 44  ASP 44  64  64  ASP ASP A . n 
A 1 45  SER 45  65  65  SER SER A . n 
A 1 46  TYR 46  66  66  TYR TYR A . n 
A 1 47  THR 47  67  67  THR THR A . n 
A 1 48  LYS 48  68  68  LYS LYS A . n 
A 1 49  ILE 49  69  69  ILE ILE A . n 
A 1 50  CYS 50  70  70  CYS CYS A . n 
A 1 51  SER 51  71  71  SER SER A . n 
A 1 52  VAL 52  72  72  VAL VAL A . n 
A 1 53  ASP 53  73  73  ASP ASP A . n 
A 1 54  GLY 54  74  74  GLY GLY A . n 
A 1 55  ILE 55  75  75  ILE ILE A . n 
A 1 56  PRO 56  76  76  PRO PRO A . n 
A 1 57  ALA 57  77  77  ALA ALA A . n 
A 1 58  ARG 58  78  78  ARG ARG A . n 
A 1 59  LEU 59  79  79  LEU LEU A . n 
A 1 60  ASP 60  80  80  ASP ASP A . n 
A 1 61  ILE 61  81  81  ILE ILE A . n 
A 1 62  LEU 62  82  82  LEU LEU A . n 
A 1 63  ASP 63  83  83  ASP ASP A . n 
A 1 64  THR 64  84  84  THR THR A . n 
A 1 65  ALA 65  85  85  ALA ALA A . n 
A 1 66  GLY 66  86  86  GLY GLY A . n 
A 1 67  GLN 67  87  87  GLN GLN A . n 
A 1 68  GLU 68  88  88  GLU GLU A . n 
A 1 69  GLU 69  89  89  GLU GLU A . n 
A 1 70  PHE 70  90  90  PHE PHE A . n 
A 1 71  GLY 71  91  91  GLY GLY A . n 
A 1 72  ALA 72  92  92  ALA ALA A . n 
A 1 73  MET 73  93  93  MET MET A . n 
A 1 74  ARG 74  94  94  ARG ARG A . n 
A 1 75  GLU 75  95  95  GLU GLU A . n 
A 1 76  GLN 76  96  96  GLN GLN A . n 
A 1 77  TYR 77  97  97  TYR TYR A . n 
A 1 78  MET 78  98  98  MET MET A . n 
A 1 79  ARG 79  99  99  ARG ARG A . n 
A 1 80  ALA 80  100 100 ALA ALA A . n 
A 1 81  GLY 81  101 101 GLY GLY A . n 
A 1 82  HIS 82  102 102 HIS HIS A . n 
A 1 83  GLY 83  103 103 GLY GLY A . n 
A 1 84  PHE 84  104 104 PHE PHE A . n 
A 1 85  LEU 85  105 105 LEU LEU A . n 
A 1 86  LEU 86  106 106 LEU LEU A . n 
A 1 87  VAL 87  107 107 VAL VAL A . n 
A 1 88  PHE 88  108 108 PHE PHE A . n 
A 1 89  ALA 89  109 109 ALA ALA A . n 
A 1 90  ILE 90  110 110 ILE ILE A . n 
A 1 91  ASN 91  111 111 ASN ASN A . n 
A 1 92  ASP 92  112 112 ASP ASP A . n 
A 1 93  ARG 93  113 113 ARG ARG A . n 
A 1 94  GLN 94  114 114 GLN GLN A . n 
A 1 95  SER 95  115 115 SER SER A . n 
A 1 96  PHE 96  116 116 PHE PHE A . n 
A 1 97  ASN 97  117 117 ASN ASN A . n 
A 1 98  GLU 98  118 118 GLU GLU A . n 
A 1 99  VAL 99  119 119 VAL VAL A . n 
A 1 100 GLY 100 120 120 GLY GLY A . n 
A 1 101 LYS 101 121 121 LYS LYS A . n 
A 1 102 LEU 102 122 122 LEU LEU A . n 
A 1 103 PHE 103 123 123 PHE PHE A . n 
A 1 104 THR 104 124 124 THR THR A . n 
A 1 105 GLN 105 125 125 GLN GLN A . n 
A 1 106 ILE 106 126 126 ILE ILE A . n 
A 1 107 LEU 107 127 127 LEU LEU A . n 
A 1 108 ARG 108 128 128 ARG ARG A . n 
A 1 109 VAL 109 129 129 VAL VAL A . n 
A 1 110 LYS 110 130 130 LYS LYS A . n 
A 1 111 ASP 111 131 131 ASP ASP A . n 
A 1 112 ARG 112 132 132 ARG ARG A . n 
A 1 113 ASP 113 133 133 ASP ASP A . n 
A 1 114 ASP 114 134 134 ASP ASP A . n 
A 1 115 PHE 115 135 135 PHE PHE A . n 
A 1 116 PRO 116 136 136 PRO PRO A . n 
A 1 117 VAL 117 137 137 VAL VAL A . n 
A 1 118 VAL 118 138 138 VAL VAL A . n 
A 1 119 LEU 119 139 139 LEU LEU A . n 
A 1 120 VAL 120 140 140 VAL VAL A . n 
A 1 121 GLY 121 141 141 GLY GLY A . n 
A 1 122 ASN 122 142 142 ASN ASN A . n 
A 1 123 LYS 123 143 143 LYS LYS A . n 
A 1 124 ALA 124 144 144 ALA ALA A . n 
A 1 125 ASP 125 145 145 ASP ASP A . n 
A 1 126 LEU 126 146 146 LEU LEU A . n 
A 1 127 GLU 127 147 147 GLU GLU A . n 
A 1 128 SER 128 148 148 SER SER A . n 
A 1 129 GLN 129 149 149 GLN GLN A . n 
A 1 130 ARG 130 150 150 ARG ARG A . n 
A 1 131 GLN 131 151 151 GLN GLN A . n 
A 1 132 VAL 132 152 152 VAL VAL A . n 
A 1 133 PRO 133 153 153 PRO PRO A . n 
A 1 134 ARG 134 154 154 ARG ARG A . n 
A 1 135 SER 135 155 155 SER SER A . n 
A 1 136 GLU 136 156 156 GLU GLU A . n 
A 1 137 ALA 137 157 157 ALA ALA A . n 
A 1 138 SER 138 158 158 SER SER A . n 
A 1 139 ALA 139 159 159 ALA ALA A . n 
A 1 140 PHE 140 160 160 PHE PHE A . n 
A 1 141 GLY 141 161 161 GLY GLY A . n 
A 1 142 ALA 142 162 162 ALA ALA A . n 
A 1 143 SER 143 163 163 SER SER A . n 
A 1 144 HIS 144 164 164 HIS HIS A . n 
A 1 145 HIS 145 165 165 HIS HIS A . n 
A 1 146 VAL 146 166 166 VAL VAL A . n 
A 1 147 ALA 147 167 167 ALA ALA A . n 
A 1 148 TYR 148 168 168 TYR TYR A . n 
A 1 149 PHE 149 169 169 PHE PHE A . n 
A 1 150 GLU 150 170 170 GLU GLU A . n 
A 1 151 ALA 151 171 171 ALA ALA A . n 
A 1 152 SER 152 172 172 SER SER A . n 
A 1 153 ALA 153 173 173 ALA ALA A . n 
A 1 154 LYS 154 174 174 LYS LYS A . n 
A 1 155 LEU 155 175 175 LEU LEU A . n 
A 1 156 ARG 156 176 176 ARG ARG A . n 
A 1 157 LEU 157 177 177 LEU LEU A . n 
A 1 158 ASN 158 178 178 ASN ASN A . n 
A 1 159 VAL 159 179 179 VAL VAL A . n 
A 1 160 ASP 160 180 180 ASP ASP A . n 
A 1 161 GLU 161 181 181 GLU GLU A . n 
A 1 162 ALA 162 182 182 ALA ALA A . n 
A 1 163 PHE 163 183 183 PHE PHE A . n 
A 1 164 GLU 164 184 184 GLU GLU A . n 
A 1 165 GLN 165 185 185 GLN GLN A . n 
A 1 166 LEU 166 186 186 LEU LEU A . n 
A 1 167 VAL 167 187 187 VAL VAL A . n 
A 1 168 ARG 168 188 188 ARG ARG A . n 
A 1 169 ALA 169 189 189 ALA ALA A . n 
A 1 170 VAL 170 190 190 VAL VAL A . n 
A 1 171 ARG 171 191 191 ARG ARG A . n 
A 1 172 LYS 172 192 192 LYS LYS A . n 
A 1 173 TYR 173 193 193 TYR TYR A . n 
A 1 174 GLN 174 194 194 GLN GLN A . n 
A 1 175 GLU 175 195 195 GLU GLU A . n 
A 1 176 GLN 176 196 196 GLN GLN A . n 
A 1 177 GLU 177 197 ?   ?   ?   A . n 
A 1 178 LEU 178 198 ?   ?   ?   A . n 
A 1 179 PRO 179 199 ?   ?   ?   A . n 
A 1 180 PRO 180 200 ?   ?   ?   A . n 
A 1 181 SER 181 201 ?   ?   ?   A . n 
# 
_pdbx_SG_project.id                    1 
_pdbx_SG_project.project_name          ? 
_pdbx_SG_project.full_name_of_center   'Structural Genomics Consortium' 
_pdbx_SG_project.initial_of_center     SGC 
# 
loop_
_pdbx_nonpoly_scheme.asym_id 
_pdbx_nonpoly_scheme.entity_id 
_pdbx_nonpoly_scheme.mon_id 
_pdbx_nonpoly_scheme.ndb_seq_num 
_pdbx_nonpoly_scheme.pdb_seq_num 
_pdbx_nonpoly_scheme.auth_seq_num 
_pdbx_nonpoly_scheme.pdb_mon_id 
_pdbx_nonpoly_scheme.auth_mon_id 
_pdbx_nonpoly_scheme.pdb_strand_id 
_pdbx_nonpoly_scheme.pdb_ins_code 
B 2 MG  1  2   1   MG  MG  A . 
C 3 GDP 1  1   1   GDP GDP A . 
D 4 HOH 1  202 5   HOH HOH A . 
D 4 HOH 2  203 7   HOH HOH A . 
D 4 HOH 3  204 10  HOH HOH A . 
D 4 HOH 4  205 11  HOH HOH A . 
D 4 HOH 5  206 13  HOH HOH A . 
D 4 HOH 6  207 14  HOH HOH A . 
D 4 HOH 7  208 15  HOH HOH A . 
D 4 HOH 8  209 18  HOH HOH A . 
D 4 HOH 9  210 19  HOH HOH A . 
D 4 HOH 10 211 23  HOH HOH A . 
D 4 HOH 11 212 26  HOH HOH A . 
D 4 HOH 12 213 30  HOH HOH A . 
D 4 HOH 13 214 31  HOH HOH A . 
D 4 HOH 14 215 37  HOH HOH A . 
D 4 HOH 15 216 38  HOH HOH A . 
D 4 HOH 16 217 39  HOH HOH A . 
D 4 HOH 17 218 40  HOH HOH A . 
D 4 HOH 18 219 44  HOH HOH A . 
D 4 HOH 19 220 45  HOH HOH A . 
D 4 HOH 20 221 47  HOH HOH A . 
D 4 HOH 21 222 49  HOH HOH A . 
D 4 HOH 22 223 50  HOH HOH A . 
D 4 HOH 23 224 54  HOH HOH A . 
D 4 HOH 24 225 57  HOH HOH A . 
D 4 HOH 25 226 59  HOH HOH A . 
D 4 HOH 26 227 66  HOH HOH A . 
D 4 HOH 27 228 67  HOH HOH A . 
D 4 HOH 28 229 68  HOH HOH A . 
D 4 HOH 29 230 69  HOH HOH A . 
D 4 HOH 30 231 70  HOH HOH A . 
D 4 HOH 31 232 71  HOH HOH A . 
D 4 HOH 32 233 72  HOH HOH A . 
D 4 HOH 33 234 79  HOH HOH A . 
D 4 HOH 34 235 83  HOH HOH A . 
D 4 HOH 35 236 84  HOH HOH A . 
D 4 HOH 36 237 85  HOH HOH A . 
D 4 HOH 37 238 86  HOH HOH A . 
D 4 HOH 38 239 89  HOH HOH A . 
D 4 HOH 39 240 90  HOH HOH A . 
D 4 HOH 40 241 93  HOH HOH A . 
D 4 HOH 41 242 104 HOH HOH A . 
D 4 HOH 42 243 105 HOH HOH A . 
D 4 HOH 43 244 106 HOH HOH A . 
D 4 HOH 44 245 108 HOH HOH A . 
D 4 HOH 45 246 111 HOH HOH A . 
D 4 HOH 46 247 112 HOH HOH A . 
D 4 HOH 47 248 115 HOH HOH A . 
D 4 HOH 48 249 116 HOH HOH A . 
D 4 HOH 49 250 119 HOH HOH A . 
D 4 HOH 50 251 120 HOH HOH A . 
D 4 HOH 51 252 121 HOH HOH A . 
D 4 HOH 52 253 122 HOH HOH A . 
D 4 HOH 53 254 123 HOH HOH A . 
D 4 HOH 54 255 124 HOH HOH A . 
D 4 HOH 55 256 125 HOH HOH A . 
D 4 HOH 56 257 126 HOH HOH A . 
D 4 HOH 57 258 127 HOH HOH A . 
D 4 HOH 58 259 128 HOH HOH A . 
D 4 HOH 59 260 129 HOH HOH A . 
D 4 HOH 60 261 132 HOH HOH A . 
D 4 HOH 61 262 134 HOH HOH A . 
D 4 HOH 62 263 135 HOH HOH A . 
D 4 HOH 63 264 137 HOH HOH A . 
D 4 HOH 64 265 138 HOH HOH A . 
D 4 HOH 65 266 139 HOH HOH A . 
D 4 HOH 66 267 202 HOH HOH A . 
D 4 HOH 67 268 204 HOH HOH A . 
D 4 HOH 68 269 205 HOH HOH A . 
D 4 HOH 69 270 211 HOH HOH A . 
D 4 HOH 70 271 212 HOH HOH A . 
D 4 HOH 71 272 213 HOH HOH A . 
D 4 HOH 72 273 214 HOH HOH A . 
D 4 HOH 73 274 215 HOH HOH A . 
D 4 HOH 74 275 218 HOH HOH A . 
D 4 HOH 75 276 220 HOH HOH A . 
D 4 HOH 76 277 222 HOH HOH A . 
D 4 HOH 77 278 224 HOH HOH A . 
D 4 HOH 78 279 225 HOH HOH A . 
D 4 HOH 79 280 226 HOH HOH A . 
D 4 HOH 80 281 228 HOH HOH A . 
D 4 HOH 81 282 229 HOH HOH A . 
D 4 HOH 82 283 230 HOH HOH A . 
D 4 HOH 83 284 231 HOH HOH A . 
D 4 HOH 84 285 234 HOH HOH A . 
D 4 HOH 85 286 237 HOH HOH A . 
D 4 HOH 86 287 240 HOH HOH A . 
D 4 HOH 87 288 241 HOH HOH A . 
D 4 HOH 88 289 242 HOH HOH A . 
D 4 HOH 89 290 243 HOH HOH A . 
D 4 HOH 90 291 244 HOH HOH A . 
D 4 HOH 91 292 245 HOH HOH A . 
D 4 HOH 92 293 248 HOH HOH A . 
D 4 HOH 93 294 249 HOH HOH A . 
D 4 HOH 94 295 250 HOH HOH A . 
# 
_pdbx_struct_assembly.id                   1 
_pdbx_struct_assembly.details              author_defined_assembly 
_pdbx_struct_assembly.method_details       ? 
_pdbx_struct_assembly.oligomeric_details   monomeric 
_pdbx_struct_assembly.oligomeric_count     1 
# 
_pdbx_struct_assembly_gen.assembly_id       1 
_pdbx_struct_assembly_gen.oper_expression   1 
_pdbx_struct_assembly_gen.asym_id_list      A,B,C,D 
# 
_pdbx_struct_oper_list.id                   1 
_pdbx_struct_oper_list.type                 'identity operation' 
_pdbx_struct_oper_list.name                 1_555 
_pdbx_struct_oper_list.symmetry_operation   x,y,z 
_pdbx_struct_oper_list.matrix[1][1]         1.0000000000 
_pdbx_struct_oper_list.matrix[1][2]         0.0000000000 
_pdbx_struct_oper_list.matrix[1][3]         0.0000000000 
_pdbx_struct_oper_list.vector[1]            0.0000000000 
_pdbx_struct_oper_list.matrix[2][1]         0.0000000000 
_pdbx_struct_oper_list.matrix[2][2]         1.0000000000 
_pdbx_struct_oper_list.matrix[2][3]         0.0000000000 
_pdbx_struct_oper_list.vector[2]            0.0000000000 
_pdbx_struct_oper_list.matrix[3][1]         0.0000000000 
_pdbx_struct_oper_list.matrix[3][2]         0.0000000000 
_pdbx_struct_oper_list.matrix[3][3]         1.0000000000 
_pdbx_struct_oper_list.vector[3]            0.0000000000 
# 
loop_
_pdbx_struct_conn_angle.id 
_pdbx_struct_conn_angle.ptnr1_label_atom_id 
_pdbx_struct_conn_angle.ptnr1_label_alt_id 
_pdbx_struct_conn_angle.ptnr1_label_asym_id 
_pdbx_struct_conn_angle.ptnr1_label_comp_id 
_pdbx_struct_conn_angle.ptnr1_label_seq_id 
_pdbx_struct_conn_angle.ptnr1_auth_atom_id 
_pdbx_struct_conn_angle.ptnr1_auth_asym_id 
_pdbx_struct_conn_angle.ptnr1_auth_comp_id 
_pdbx_struct_conn_angle.ptnr1_auth_seq_id 
_pdbx_struct_conn_angle.ptnr1_PDB_ins_code 
_pdbx_struct_conn_angle.ptnr1_symmetry 
_pdbx_struct_conn_angle.ptnr2_label_atom_id 
_pdbx_struct_conn_angle.ptnr2_label_alt_id 
_pdbx_struct_conn_angle.ptnr2_label_asym_id 
_pdbx_struct_conn_angle.ptnr2_label_comp_id 
_pdbx_struct_conn_angle.ptnr2_label_seq_id 
_pdbx_struct_conn_angle.ptnr2_auth_atom_id 
_pdbx_struct_conn_angle.ptnr2_auth_asym_id 
_pdbx_struct_conn_angle.ptnr2_auth_comp_id 
_pdbx_struct_conn_angle.ptnr2_auth_seq_id 
_pdbx_struct_conn_angle.ptnr2_PDB_ins_code 
_pdbx_struct_conn_angle.ptnr2_symmetry 
_pdbx_struct_conn_angle.ptnr3_label_atom_id 
_pdbx_struct_conn_angle.ptnr3_label_alt_id 
_pdbx_struct_conn_angle.ptnr3_label_asym_id 
_pdbx_struct_conn_angle.ptnr3_label_comp_id 
_pdbx_struct_conn_angle.ptnr3_label_seq_id 
_pdbx_struct_conn_angle.ptnr3_auth_atom_id 
_pdbx_struct_conn_angle.ptnr3_auth_asym_id 
_pdbx_struct_conn_angle.ptnr3_auth_comp_id 
_pdbx_struct_conn_angle.ptnr3_auth_seq_id 
_pdbx_struct_conn_angle.ptnr3_PDB_ins_code 
_pdbx_struct_conn_angle.ptnr3_symmetry 
_pdbx_struct_conn_angle.value 
_pdbx_struct_conn_angle.value_esd 
1  O2B ? C GDP .  ? A GDP 1   ? 1_555 MG ? B MG . ? A MG 2 ? 1_555 OG ? A SER 23 ? A SER 43  ? 1_555 88.4  ? 
2  O2B ? C GDP .  ? A GDP 1   ? 1_555 MG ? B MG . ? A MG 2 ? 1_555 O  ? D HOH .  ? A HOH 230 ? 1_555 87.8  ? 
3  OG  ? A SER 23 ? A SER 43  ? 1_555 MG ? B MG . ? A MG 2 ? 1_555 O  ? D HOH .  ? A HOH 230 ? 1_555 176.1 ? 
4  O2B ? C GDP .  ? A GDP 1   ? 1_555 MG ? B MG . ? A MG 2 ? 1_555 O  ? D HOH .  ? A HOH 236 ? 1_555 86.5  ? 
5  OG  ? A SER 23 ? A SER 43  ? 1_555 MG ? B MG . ? A MG 2 ? 1_555 O  ? D HOH .  ? A HOH 236 ? 1_555 84.1  ? 
6  O   ? D HOH .  ? A HOH 230 ? 1_555 MG ? B MG . ? A MG 2 ? 1_555 O  ? D HOH .  ? A HOH 236 ? 1_555 94.7  ? 
7  O2B ? C GDP .  ? A GDP 1   ? 1_555 MG ? B MG . ? A MG 2 ? 1_555 O  ? D HOH .  ? A HOH 240 ? 1_555 175.5 ? 
8  OG  ? A SER 23 ? A SER 43  ? 1_555 MG ? B MG . ? A MG 2 ? 1_555 O  ? D HOH .  ? A HOH 240 ? 1_555 93.3  ? 
9  O   ? D HOH .  ? A HOH 230 ? 1_555 MG ? B MG . ? A MG 2 ? 1_555 O  ? D HOH .  ? A HOH 240 ? 1_555 90.5  ? 
10 O   ? D HOH .  ? A HOH 236 ? 1_555 MG ? B MG . ? A MG 2 ? 1_555 O  ? D HOH .  ? A HOH 240 ? 1_555 89.6  ? 
11 O2B ? C GDP .  ? A GDP 1   ? 1_555 MG ? B MG . ? A MG 2 ? 1_555 O  ? D HOH .  ? A HOH 249 ? 1_555 99.9  ? 
12 OG  ? A SER 23 ? A SER 43  ? 1_555 MG ? B MG . ? A MG 2 ? 1_555 O  ? D HOH .  ? A HOH 249 ? 1_555 86.9  ? 
13 O   ? D HOH .  ? A HOH 230 ? 1_555 MG ? B MG . ? A MG 2 ? 1_555 O  ? D HOH .  ? A HOH 249 ? 1_555 94.7  ? 
14 O   ? D HOH .  ? A HOH 236 ? 1_555 MG ? B MG . ? A MG 2 ? 1_555 O  ? D HOH .  ? A HOH 249 ? 1_555 168.8 ? 
15 O   ? D HOH .  ? A HOH 240 ? 1_555 MG ? B MG . ? A MG 2 ? 1_555 O  ? D HOH .  ? A HOH 249 ? 1_555 84.3  ? 
# 
loop_
_pdbx_audit_revision_history.ordinal 
_pdbx_audit_revision_history.data_content_type 
_pdbx_audit_revision_history.major_revision 
_pdbx_audit_revision_history.minor_revision 
_pdbx_audit_revision_history.revision_date 
1 'Structure model' 1 0 2006-01-31 
2 'Structure model' 1 1 2008-05-01 
3 'Structure model' 1 2 2011-07-13 
4 'Structure model' 1 3 2023-08-30 
# 
_pdbx_audit_revision_details.ordinal             1 
_pdbx_audit_revision_details.revision_ordinal    1 
_pdbx_audit_revision_details.data_content_type   'Structure model' 
_pdbx_audit_revision_details.provider            repository 
_pdbx_audit_revision_details.type                'Initial release' 
_pdbx_audit_revision_details.description         ? 
_pdbx_audit_revision_details.details             ? 
# 
loop_
_pdbx_audit_revision_group.ordinal 
_pdbx_audit_revision_group.revision_ordinal 
_pdbx_audit_revision_group.data_content_type 
_pdbx_audit_revision_group.group 
1 2 'Structure model' 'Version format compliance' 
2 3 'Structure model' Advisory                    
3 3 'Structure model' 'Version format compliance' 
4 4 'Structure model' 'Data collection'           
5 4 'Structure model' 'Database references'       
6 4 'Structure model' 'Derived calculations'      
7 4 'Structure model' 'Refinement description'    
# 
loop_
_pdbx_audit_revision_category.ordinal 
_pdbx_audit_revision_category.revision_ordinal 
_pdbx_audit_revision_category.data_content_type 
_pdbx_audit_revision_category.category 
1 4 'Structure model' chem_comp_atom                
2 4 'Structure model' chem_comp_bond                
3 4 'Structure model' database_2                    
4 4 'Structure model' pdbx_initial_refinement_model 
5 4 'Structure model' pdbx_struct_conn_angle        
6 4 'Structure model' struct_conn                   
7 4 'Structure model' struct_ref_seq_dif            
8 4 'Structure model' struct_site                   
# 
loop_
_pdbx_audit_revision_item.ordinal 
_pdbx_audit_revision_item.revision_ordinal 
_pdbx_audit_revision_item.data_content_type 
_pdbx_audit_revision_item.item 
1  4 'Structure model' '_database_2.pdbx_DOI'                        
2  4 'Structure model' '_database_2.pdbx_database_accession'         
3  4 'Structure model' '_pdbx_struct_conn_angle.ptnr1_auth_comp_id'  
4  4 'Structure model' '_pdbx_struct_conn_angle.ptnr1_auth_seq_id'   
5  4 'Structure model' '_pdbx_struct_conn_angle.ptnr1_label_asym_id' 
6  4 'Structure model' '_pdbx_struct_conn_angle.ptnr1_label_atom_id' 
7  4 'Structure model' '_pdbx_struct_conn_angle.ptnr1_label_comp_id' 
8  4 'Structure model' '_pdbx_struct_conn_angle.ptnr1_label_seq_id'  
9  4 'Structure model' '_pdbx_struct_conn_angle.ptnr3_auth_comp_id'  
10 4 'Structure model' '_pdbx_struct_conn_angle.ptnr3_auth_seq_id'   
11 4 'Structure model' '_pdbx_struct_conn_angle.ptnr3_label_asym_id' 
12 4 'Structure model' '_pdbx_struct_conn_angle.ptnr3_label_atom_id' 
13 4 'Structure model' '_pdbx_struct_conn_angle.ptnr3_label_comp_id' 
14 4 'Structure model' '_pdbx_struct_conn_angle.ptnr3_label_seq_id'  
15 4 'Structure model' '_pdbx_struct_conn_angle.value'               
16 4 'Structure model' '_struct_conn.pdbx_dist_value'                
17 4 'Structure model' '_struct_conn.ptnr1_auth_comp_id'             
18 4 'Structure model' '_struct_conn.ptnr1_auth_seq_id'              
19 4 'Structure model' '_struct_conn.ptnr1_label_asym_id'            
20 4 'Structure model' '_struct_conn.ptnr1_label_atom_id'            
21 4 'Structure model' '_struct_conn.ptnr1_label_comp_id'            
22 4 'Structure model' '_struct_conn.ptnr2_auth_comp_id'             
23 4 'Structure model' '_struct_conn.ptnr2_auth_seq_id'              
24 4 'Structure model' '_struct_conn.ptnr2_label_asym_id'            
25 4 'Structure model' '_struct_conn.ptnr2_label_atom_id'            
26 4 'Structure model' '_struct_conn.ptnr2_label_comp_id'            
27 4 'Structure model' '_struct_conn.ptnr2_label_seq_id'             
28 4 'Structure model' '_struct_ref_seq_dif.details'                 
29 4 'Structure model' '_struct_site.pdbx_auth_asym_id'              
30 4 'Structure model' '_struct_site.pdbx_auth_comp_id'              
31 4 'Structure model' '_struct_site.pdbx_auth_seq_id'               
# 
loop_
_pdbx_refine_tls.id 
_pdbx_refine_tls.details 
_pdbx_refine_tls.method 
_pdbx_refine_tls.origin_x 
_pdbx_refine_tls.origin_y 
_pdbx_refine_tls.origin_z 
_pdbx_refine_tls.T[1][1] 
_pdbx_refine_tls.T[2][2] 
_pdbx_refine_tls.T[3][3] 
_pdbx_refine_tls.T[1][2] 
_pdbx_refine_tls.T[1][3] 
_pdbx_refine_tls.T[2][3] 
_pdbx_refine_tls.L[1][1] 
_pdbx_refine_tls.L[2][2] 
_pdbx_refine_tls.L[3][3] 
_pdbx_refine_tls.L[1][2] 
_pdbx_refine_tls.L[1][3] 
_pdbx_refine_tls.L[2][3] 
_pdbx_refine_tls.S[1][1] 
_pdbx_refine_tls.S[1][2] 
_pdbx_refine_tls.S[1][3] 
_pdbx_refine_tls.S[2][1] 
_pdbx_refine_tls.S[2][2] 
_pdbx_refine_tls.S[2][3] 
_pdbx_refine_tls.S[3][1] 
_pdbx_refine_tls.S[3][2] 
_pdbx_refine_tls.S[3][3] 
_pdbx_refine_tls.pdbx_refine_id 
1 ? refined -5.4402 5.7405  -1.9727 -0.0386 0.0798  -0.0005 0.1248  -0.0441 -0.1552 3.4717 3.4866 3.5062 0.1512 -0.0453 0.3872 0.1097 -0.0924 0.3886  -0.0348 -0.3343 0.6682 -0.3601 -0.8648 0.2247 'X-RAY DIFFRACTION' 
2 ? refined 3.4895  -3.9594 1.3361  -0.1325 -0.0854 -0.2084 -0.0170 -0.0108 -0.0738 3.0586 3.9470 3.0068 0.5946 -0.0661 0.9013 0.1572 -0.2589 -0.1310 0.1829  -0.4024 0.3459 0.1119  -0.3859 0.2453 'X-RAY DIFFRACTION' 
# 
loop_
_pdbx_refine_tls_group.id 
_pdbx_refine_tls_group.refine_tls_id 
_pdbx_refine_tls_group.beg_auth_asym_id 
_pdbx_refine_tls_group.beg_auth_seq_id 
_pdbx_refine_tls_group.beg_label_asym_id 
_pdbx_refine_tls_group.beg_label_seq_id 
_pdbx_refine_tls_group.end_auth_asym_id 
_pdbx_refine_tls_group.end_auth_seq_id 
_pdbx_refine_tls_group.end_label_asym_id 
_pdbx_refine_tls_group.end_label_seq_id 
_pdbx_refine_tls_group.selection 
_pdbx_refine_tls_group.pdbx_refine_id 
_pdbx_refine_tls_group.selection_details 
1 1 A 24 A 4  A 96  A 76  ? 'X-RAY DIFFRACTION' ? 
2 2 A 97 A 77 A 196 A 176 ? 'X-RAY DIFFRACTION' ? 
# 
loop_
_software.name 
_software.classification 
_software.version 
_software.citation_id 
_software.pdbx_ordinal 
REFMAC    refinement       5.2.0019 ? 1 
HKL-2000  'data reduction' .        ? 2 
SCALEPACK 'data scaling'   .        ? 3 
PHASER    phasing          .        ? 4 
# 
_pdbx_validate_close_contact.id               1 
_pdbx_validate_close_contact.PDB_model_num    1 
_pdbx_validate_close_contact.auth_atom_id_1   OD1 
_pdbx_validate_close_contact.auth_asym_id_1   A 
_pdbx_validate_close_contact.auth_comp_id_1   ASP 
_pdbx_validate_close_contact.auth_seq_id_1    73 
_pdbx_validate_close_contact.PDB_ins_code_1   ? 
_pdbx_validate_close_contact.label_alt_id_1   ? 
_pdbx_validate_close_contact.auth_atom_id_2   O 
_pdbx_validate_close_contact.auth_asym_id_2   A 
_pdbx_validate_close_contact.auth_comp_id_2   HOH 
_pdbx_validate_close_contact.auth_seq_id_2    265 
_pdbx_validate_close_contact.PDB_ins_code_2   ? 
_pdbx_validate_close_contact.label_alt_id_2   ? 
_pdbx_validate_close_contact.dist             2.11 
# 
loop_
_pdbx_validate_torsion.id 
_pdbx_validate_torsion.PDB_model_num 
_pdbx_validate_torsion.auth_comp_id 
_pdbx_validate_torsion.auth_asym_id 
_pdbx_validate_torsion.auth_seq_id 
_pdbx_validate_torsion.PDB_ins_code 
_pdbx_validate_torsion.label_alt_id 
_pdbx_validate_torsion.phi 
_pdbx_validate_torsion.psi 
1 1 PRO A 25  ? ? -47.40  160.03  
2 1 PRO A 26  ? ? -87.10  -110.88 
3 1 GLU A 28  ? ? -95.13  39.92   
4 1 ASP A 57  ? ? -143.24 49.47   
5 1 ASP A 59  ? ? -17.53  102.56  
6 1 GLU A 89  ? ? -136.84 -42.13  
7 1 LYS A 143 ? ? 72.01   37.67   
8 1 LEU A 146 ? ? -109.91 44.62   
# 
loop_
_pdbx_unobs_or_zero_occ_atoms.id 
_pdbx_unobs_or_zero_occ_atoms.PDB_model_num 
_pdbx_unobs_or_zero_occ_atoms.polymer_flag 
_pdbx_unobs_or_zero_occ_atoms.occupancy_flag 
_pdbx_unobs_or_zero_occ_atoms.auth_asym_id 
_pdbx_unobs_or_zero_occ_atoms.auth_comp_id 
_pdbx_unobs_or_zero_occ_atoms.auth_seq_id 
_pdbx_unobs_or_zero_occ_atoms.PDB_ins_code 
_pdbx_unobs_or_zero_occ_atoms.auth_atom_id 
_pdbx_unobs_or_zero_occ_atoms.label_alt_id 
_pdbx_unobs_or_zero_occ_atoms.label_asym_id 
_pdbx_unobs_or_zero_occ_atoms.label_comp_id 
_pdbx_unobs_or_zero_occ_atoms.label_seq_id 
_pdbx_unobs_or_zero_occ_atoms.label_atom_id 
1  1 Y 1 A LYS 31  ? CD  ? A LYS 11  CD  
2  1 Y 1 A LYS 31  ? CE  ? A LYS 11  CE  
3  1 Y 1 A LYS 31  ? NZ  ? A LYS 11  NZ  
4  1 Y 1 A GLN 96  ? CD  ? A GLN 76  CD  
5  1 Y 1 A GLN 96  ? OE1 ? A GLN 76  OE1 
6  1 Y 1 A GLN 96  ? NE2 ? A GLN 76  NE2 
7  1 Y 1 A GLN 114 ? CG  ? A GLN 94  CG  
8  1 Y 1 A GLN 114 ? CD  ? A GLN 94  CD  
9  1 Y 1 A GLN 114 ? OE1 ? A GLN 94  OE1 
10 1 Y 1 A GLN 114 ? NE2 ? A GLN 94  NE2 
11 1 Y 1 A LYS 121 ? CD  ? A LYS 101 CD  
12 1 Y 1 A LYS 121 ? CE  ? A LYS 101 CE  
13 1 Y 1 A LYS 121 ? NZ  ? A LYS 101 NZ  
14 1 Y 1 A LYS 192 ? CD  ? A LYS 172 CD  
15 1 Y 1 A LYS 192 ? CE  ? A LYS 172 CE  
16 1 Y 1 A LYS 192 ? NZ  ? A LYS 172 NZ  
# 
loop_
_pdbx_unobs_or_zero_occ_residues.id 
_pdbx_unobs_or_zero_occ_residues.PDB_model_num 
_pdbx_unobs_or_zero_occ_residues.polymer_flag 
_pdbx_unobs_or_zero_occ_residues.occupancy_flag 
_pdbx_unobs_or_zero_occ_residues.auth_asym_id 
_pdbx_unobs_or_zero_occ_residues.auth_comp_id 
_pdbx_unobs_or_zero_occ_residues.auth_seq_id 
_pdbx_unobs_or_zero_occ_residues.PDB_ins_code 
_pdbx_unobs_or_zero_occ_residues.label_asym_id 
_pdbx_unobs_or_zero_occ_residues.label_comp_id 
_pdbx_unobs_or_zero_occ_residues.label_seq_id 
1 1 Y 1 A SER 21  ? A SER 1   
2 1 Y 1 A MET 22  ? A MET 2   
3 1 Y 1 A ASP 23  ? A ASP 3   
4 1 Y 1 A GLU 197 ? A GLU 177 
5 1 Y 1 A LEU 198 ? A LEU 178 
6 1 Y 1 A PRO 199 ? A PRO 179 
7 1 Y 1 A PRO 200 ? A PRO 180 
8 1 Y 1 A SER 201 ? A SER 181 
# 
loop_
_chem_comp_atom.comp_id 
_chem_comp_atom.atom_id 
_chem_comp_atom.type_symbol 
_chem_comp_atom.pdbx_aromatic_flag 
_chem_comp_atom.pdbx_stereo_config 
_chem_comp_atom.pdbx_ordinal 
ALA N      N  N N 1   
ALA CA     C  N S 2   
ALA C      C  N N 3   
ALA O      O  N N 4   
ALA CB     C  N N 5   
ALA OXT    O  N N 6   
ALA H      H  N N 7   
ALA H2     H  N N 8   
ALA HA     H  N N 9   
ALA HB1    H  N N 10  
ALA HB2    H  N N 11  
ALA HB3    H  N N 12  
ALA HXT    H  N N 13  
ARG N      N  N N 14  
ARG CA     C  N S 15  
ARG C      C  N N 16  
ARG O      O  N N 17  
ARG CB     C  N N 18  
ARG CG     C  N N 19  
ARG CD     C  N N 20  
ARG NE     N  N N 21  
ARG CZ     C  N N 22  
ARG NH1    N  N N 23  
ARG NH2    N  N N 24  
ARG OXT    O  N N 25  
ARG H      H  N N 26  
ARG H2     H  N N 27  
ARG HA     H  N N 28  
ARG HB2    H  N N 29  
ARG HB3    H  N N 30  
ARG HG2    H  N N 31  
ARG HG3    H  N N 32  
ARG HD2    H  N N 33  
ARG HD3    H  N N 34  
ARG HE     H  N N 35  
ARG HH11   H  N N 36  
ARG HH12   H  N N 37  
ARG HH21   H  N N 38  
ARG HH22   H  N N 39  
ARG HXT    H  N N 40  
ASN N      N  N N 41  
ASN CA     C  N S 42  
ASN C      C  N N 43  
ASN O      O  N N 44  
ASN CB     C  N N 45  
ASN CG     C  N N 46  
ASN OD1    O  N N 47  
ASN ND2    N  N N 48  
ASN OXT    O  N N 49  
ASN H      H  N N 50  
ASN H2     H  N N 51  
ASN HA     H  N N 52  
ASN HB2    H  N N 53  
ASN HB3    H  N N 54  
ASN HD21   H  N N 55  
ASN HD22   H  N N 56  
ASN HXT    H  N N 57  
ASP N      N  N N 58  
ASP CA     C  N S 59  
ASP C      C  N N 60  
ASP O      O  N N 61  
ASP CB     C  N N 62  
ASP CG     C  N N 63  
ASP OD1    O  N N 64  
ASP OD2    O  N N 65  
ASP OXT    O  N N 66  
ASP H      H  N N 67  
ASP H2     H  N N 68  
ASP HA     H  N N 69  
ASP HB2    H  N N 70  
ASP HB3    H  N N 71  
ASP HD2    H  N N 72  
ASP HXT    H  N N 73  
CYS N      N  N N 74  
CYS CA     C  N R 75  
CYS C      C  N N 76  
CYS O      O  N N 77  
CYS CB     C  N N 78  
CYS SG     S  N N 79  
CYS OXT    O  N N 80  
CYS H      H  N N 81  
CYS H2     H  N N 82  
CYS HA     H  N N 83  
CYS HB2    H  N N 84  
CYS HB3    H  N N 85  
CYS HG     H  N N 86  
CYS HXT    H  N N 87  
GDP PB     P  N N 88  
GDP O1B    O  N N 89  
GDP O2B    O  N N 90  
GDP O3B    O  N N 91  
GDP O3A    O  N N 92  
GDP PA     P  N N 93  
GDP O1A    O  N N 94  
GDP O2A    O  N N 95  
GDP "O5'"  O  N N 96  
GDP "C5'"  C  N N 97  
GDP "C4'"  C  N R 98  
GDP "O4'"  O  N N 99  
GDP "C3'"  C  N S 100 
GDP "O3'"  O  N N 101 
GDP "C2'"  C  N R 102 
GDP "O2'"  O  N N 103 
GDP "C1'"  C  N R 104 
GDP N9     N  Y N 105 
GDP C8     C  Y N 106 
GDP N7     N  Y N 107 
GDP C5     C  Y N 108 
GDP C6     C  N N 109 
GDP O6     O  N N 110 
GDP N1     N  N N 111 
GDP C2     C  N N 112 
GDP N2     N  N N 113 
GDP N3     N  N N 114 
GDP C4     C  Y N 115 
GDP HOB2   H  N N 116 
GDP HOB3   H  N N 117 
GDP HOA2   H  N N 118 
GDP "H5'"  H  N N 119 
GDP "H5''" H  N N 120 
GDP "H4'"  H  N N 121 
GDP "H3'"  H  N N 122 
GDP "HO3'" H  N N 123 
GDP "H2'"  H  N N 124 
GDP "HO2'" H  N N 125 
GDP "H1'"  H  N N 126 
GDP H8     H  N N 127 
GDP HN1    H  N N 128 
GDP HN21   H  N N 129 
GDP HN22   H  N N 130 
GLN N      N  N N 131 
GLN CA     C  N S 132 
GLN C      C  N N 133 
GLN O      O  N N 134 
GLN CB     C  N N 135 
GLN CG     C  N N 136 
GLN CD     C  N N 137 
GLN OE1    O  N N 138 
GLN NE2    N  N N 139 
GLN OXT    O  N N 140 
GLN H      H  N N 141 
GLN H2     H  N N 142 
GLN HA     H  N N 143 
GLN HB2    H  N N 144 
GLN HB3    H  N N 145 
GLN HG2    H  N N 146 
GLN HG3    H  N N 147 
GLN HE21   H  N N 148 
GLN HE22   H  N N 149 
GLN HXT    H  N N 150 
GLU N      N  N N 151 
GLU CA     C  N S 152 
GLU C      C  N N 153 
GLU O      O  N N 154 
GLU CB     C  N N 155 
GLU CG     C  N N 156 
GLU CD     C  N N 157 
GLU OE1    O  N N 158 
GLU OE2    O  N N 159 
GLU OXT    O  N N 160 
GLU H      H  N N 161 
GLU H2     H  N N 162 
GLU HA     H  N N 163 
GLU HB2    H  N N 164 
GLU HB3    H  N N 165 
GLU HG2    H  N N 166 
GLU HG3    H  N N 167 
GLU HE2    H  N N 168 
GLU HXT    H  N N 169 
GLY N      N  N N 170 
GLY CA     C  N N 171 
GLY C      C  N N 172 
GLY O      O  N N 173 
GLY OXT    O  N N 174 
GLY H      H  N N 175 
GLY H2     H  N N 176 
GLY HA2    H  N N 177 
GLY HA3    H  N N 178 
GLY HXT    H  N N 179 
HIS N      N  N N 180 
HIS CA     C  N S 181 
HIS C      C  N N 182 
HIS O      O  N N 183 
HIS CB     C  N N 184 
HIS CG     C  Y N 185 
HIS ND1    N  Y N 186 
HIS CD2    C  Y N 187 
HIS CE1    C  Y N 188 
HIS NE2    N  Y N 189 
HIS OXT    O  N N 190 
HIS H      H  N N 191 
HIS H2     H  N N 192 
HIS HA     H  N N 193 
HIS HB2    H  N N 194 
HIS HB3    H  N N 195 
HIS HD1    H  N N 196 
HIS HD2    H  N N 197 
HIS HE1    H  N N 198 
HIS HE2    H  N N 199 
HIS HXT    H  N N 200 
HOH O      O  N N 201 
HOH H1     H  N N 202 
HOH H2     H  N N 203 
ILE N      N  N N 204 
ILE CA     C  N S 205 
ILE C      C  N N 206 
ILE O      O  N N 207 
ILE CB     C  N S 208 
ILE CG1    C  N N 209 
ILE CG2    C  N N 210 
ILE CD1    C  N N 211 
ILE OXT    O  N N 212 
ILE H      H  N N 213 
ILE H2     H  N N 214 
ILE HA     H  N N 215 
ILE HB     H  N N 216 
ILE HG12   H  N N 217 
ILE HG13   H  N N 218 
ILE HG21   H  N N 219 
ILE HG22   H  N N 220 
ILE HG23   H  N N 221 
ILE HD11   H  N N 222 
ILE HD12   H  N N 223 
ILE HD13   H  N N 224 
ILE HXT    H  N N 225 
LEU N      N  N N 226 
LEU CA     C  N S 227 
LEU C      C  N N 228 
LEU O      O  N N 229 
LEU CB     C  N N 230 
LEU CG     C  N N 231 
LEU CD1    C  N N 232 
LEU CD2    C  N N 233 
LEU OXT    O  N N 234 
LEU H      H  N N 235 
LEU H2     H  N N 236 
LEU HA     H  N N 237 
LEU HB2    H  N N 238 
LEU HB3    H  N N 239 
LEU HG     H  N N 240 
LEU HD11   H  N N 241 
LEU HD12   H  N N 242 
LEU HD13   H  N N 243 
LEU HD21   H  N N 244 
LEU HD22   H  N N 245 
LEU HD23   H  N N 246 
LEU HXT    H  N N 247 
LYS N      N  N N 248 
LYS CA     C  N S 249 
LYS C      C  N N 250 
LYS O      O  N N 251 
LYS CB     C  N N 252 
LYS CG     C  N N 253 
LYS CD     C  N N 254 
LYS CE     C  N N 255 
LYS NZ     N  N N 256 
LYS OXT    O  N N 257 
LYS H      H  N N 258 
LYS H2     H  N N 259 
LYS HA     H  N N 260 
LYS HB2    H  N N 261 
LYS HB3    H  N N 262 
LYS HG2    H  N N 263 
LYS HG3    H  N N 264 
LYS HD2    H  N N 265 
LYS HD3    H  N N 266 
LYS HE2    H  N N 267 
LYS HE3    H  N N 268 
LYS HZ1    H  N N 269 
LYS HZ2    H  N N 270 
LYS HZ3    H  N N 271 
LYS HXT    H  N N 272 
MET N      N  N N 273 
MET CA     C  N S 274 
MET C      C  N N 275 
MET O      O  N N 276 
MET CB     C  N N 277 
MET CG     C  N N 278 
MET SD     S  N N 279 
MET CE     C  N N 280 
MET OXT    O  N N 281 
MET H      H  N N 282 
MET H2     H  N N 283 
MET HA     H  N N 284 
MET HB2    H  N N 285 
MET HB3    H  N N 286 
MET HG2    H  N N 287 
MET HG3    H  N N 288 
MET HE1    H  N N 289 
MET HE2    H  N N 290 
MET HE3    H  N N 291 
MET HXT    H  N N 292 
MG  MG     MG N N 293 
PHE N      N  N N 294 
PHE CA     C  N S 295 
PHE C      C  N N 296 
PHE O      O  N N 297 
PHE CB     C  N N 298 
PHE CG     C  Y N 299 
PHE CD1    C  Y N 300 
PHE CD2    C  Y N 301 
PHE CE1    C  Y N 302 
PHE CE2    C  Y N 303 
PHE CZ     C  Y N 304 
PHE OXT    O  N N 305 
PHE H      H  N N 306 
PHE H2     H  N N 307 
PHE HA     H  N N 308 
PHE HB2    H  N N 309 
PHE HB3    H  N N 310 
PHE HD1    H  N N 311 
PHE HD2    H  N N 312 
PHE HE1    H  N N 313 
PHE HE2    H  N N 314 
PHE HZ     H  N N 315 
PHE HXT    H  N N 316 
PRO N      N  N N 317 
PRO CA     C  N S 318 
PRO C      C  N N 319 
PRO O      O  N N 320 
PRO CB     C  N N 321 
PRO CG     C  N N 322 
PRO CD     C  N N 323 
PRO OXT    O  N N 324 
PRO H      H  N N 325 
PRO HA     H  N N 326 
PRO HB2    H  N N 327 
PRO HB3    H  N N 328 
PRO HG2    H  N N 329 
PRO HG3    H  N N 330 
PRO HD2    H  N N 331 
PRO HD3    H  N N 332 
PRO HXT    H  N N 333 
SER N      N  N N 334 
SER CA     C  N S 335 
SER C      C  N N 336 
SER O      O  N N 337 
SER CB     C  N N 338 
SER OG     O  N N 339 
SER OXT    O  N N 340 
SER H      H  N N 341 
SER H2     H  N N 342 
SER HA     H  N N 343 
SER HB2    H  N N 344 
SER HB3    H  N N 345 
SER HG     H  N N 346 
SER HXT    H  N N 347 
THR N      N  N N 348 
THR CA     C  N S 349 
THR C      C  N N 350 
THR O      O  N N 351 
THR CB     C  N R 352 
THR OG1    O  N N 353 
THR CG2    C  N N 354 
THR OXT    O  N N 355 
THR H      H  N N 356 
THR H2     H  N N 357 
THR HA     H  N N 358 
THR HB     H  N N 359 
THR HG1    H  N N 360 
THR HG21   H  N N 361 
THR HG22   H  N N 362 
THR HG23   H  N N 363 
THR HXT    H  N N 364 
TYR N      N  N N 365 
TYR CA     C  N S 366 
TYR C      C  N N 367 
TYR O      O  N N 368 
TYR CB     C  N N 369 
TYR CG     C  Y N 370 
TYR CD1    C  Y N 371 
TYR CD2    C  Y N 372 
TYR CE1    C  Y N 373 
TYR CE2    C  Y N 374 
TYR CZ     C  Y N 375 
TYR OH     O  N N 376 
TYR OXT    O  N N 377 
TYR H      H  N N 378 
TYR H2     H  N N 379 
TYR HA     H  N N 380 
TYR HB2    H  N N 381 
TYR HB3    H  N N 382 
TYR HD1    H  N N 383 
TYR HD2    H  N N 384 
TYR HE1    H  N N 385 
TYR HE2    H  N N 386 
TYR HH     H  N N 387 
TYR HXT    H  N N 388 
VAL N      N  N N 389 
VAL CA     C  N S 390 
VAL C      C  N N 391 
VAL O      O  N N 392 
VAL CB     C  N N 393 
VAL CG1    C  N N 394 
VAL CG2    C  N N 395 
VAL OXT    O  N N 396 
VAL H      H  N N 397 
VAL H2     H  N N 398 
VAL HA     H  N N 399 
VAL HB     H  N N 400 
VAL HG11   H  N N 401 
VAL HG12   H  N N 402 
VAL HG13   H  N N 403 
VAL HG21   H  N N 404 
VAL HG22   H  N N 405 
VAL HG23   H  N N 406 
VAL HXT    H  N N 407 
# 
loop_
_chem_comp_bond.comp_id 
_chem_comp_bond.atom_id_1 
_chem_comp_bond.atom_id_2 
_chem_comp_bond.value_order 
_chem_comp_bond.pdbx_aromatic_flag 
_chem_comp_bond.pdbx_stereo_config 
_chem_comp_bond.pdbx_ordinal 
ALA N     CA     sing N N 1   
ALA N     H      sing N N 2   
ALA N     H2     sing N N 3   
ALA CA    C      sing N N 4   
ALA CA    CB     sing N N 5   
ALA CA    HA     sing N N 6   
ALA C     O      doub N N 7   
ALA C     OXT    sing N N 8   
ALA CB    HB1    sing N N 9   
ALA CB    HB2    sing N N 10  
ALA CB    HB3    sing N N 11  
ALA OXT   HXT    sing N N 12  
ARG N     CA     sing N N 13  
ARG N     H      sing N N 14  
ARG N     H2     sing N N 15  
ARG CA    C      sing N N 16  
ARG CA    CB     sing N N 17  
ARG CA    HA     sing N N 18  
ARG C     O      doub N N 19  
ARG C     OXT    sing N N 20  
ARG CB    CG     sing N N 21  
ARG CB    HB2    sing N N 22  
ARG CB    HB3    sing N N 23  
ARG CG    CD     sing N N 24  
ARG CG    HG2    sing N N 25  
ARG CG    HG3    sing N N 26  
ARG CD    NE     sing N N 27  
ARG CD    HD2    sing N N 28  
ARG CD    HD3    sing N N 29  
ARG NE    CZ     sing N N 30  
ARG NE    HE     sing N N 31  
ARG CZ    NH1    sing N N 32  
ARG CZ    NH2    doub N N 33  
ARG NH1   HH11   sing N N 34  
ARG NH1   HH12   sing N N 35  
ARG NH2   HH21   sing N N 36  
ARG NH2   HH22   sing N N 37  
ARG OXT   HXT    sing N N 38  
ASN N     CA     sing N N 39  
ASN N     H      sing N N 40  
ASN N     H2     sing N N 41  
ASN CA    C      sing N N 42  
ASN CA    CB     sing N N 43  
ASN CA    HA     sing N N 44  
ASN C     O      doub N N 45  
ASN C     OXT    sing N N 46  
ASN CB    CG     sing N N 47  
ASN CB    HB2    sing N N 48  
ASN CB    HB3    sing N N 49  
ASN CG    OD1    doub N N 50  
ASN CG    ND2    sing N N 51  
ASN ND2   HD21   sing N N 52  
ASN ND2   HD22   sing N N 53  
ASN OXT   HXT    sing N N 54  
ASP N     CA     sing N N 55  
ASP N     H      sing N N 56  
ASP N     H2     sing N N 57  
ASP CA    C      sing N N 58  
ASP CA    CB     sing N N 59  
ASP CA    HA     sing N N 60  
ASP C     O      doub N N 61  
ASP C     OXT    sing N N 62  
ASP CB    CG     sing N N 63  
ASP CB    HB2    sing N N 64  
ASP CB    HB3    sing N N 65  
ASP CG    OD1    doub N N 66  
ASP CG    OD2    sing N N 67  
ASP OD2   HD2    sing N N 68  
ASP OXT   HXT    sing N N 69  
CYS N     CA     sing N N 70  
CYS N     H      sing N N 71  
CYS N     H2     sing N N 72  
CYS CA    C      sing N N 73  
CYS CA    CB     sing N N 74  
CYS CA    HA     sing N N 75  
CYS C     O      doub N N 76  
CYS C     OXT    sing N N 77  
CYS CB    SG     sing N N 78  
CYS CB    HB2    sing N N 79  
CYS CB    HB3    sing N N 80  
CYS SG    HG     sing N N 81  
CYS OXT   HXT    sing N N 82  
GDP PB    O1B    doub N N 83  
GDP PB    O2B    sing N N 84  
GDP PB    O3B    sing N N 85  
GDP PB    O3A    sing N N 86  
GDP O2B   HOB2   sing N N 87  
GDP O3B   HOB3   sing N N 88  
GDP O3A   PA     sing N N 89  
GDP PA    O1A    doub N N 90  
GDP PA    O2A    sing N N 91  
GDP PA    "O5'"  sing N N 92  
GDP O2A   HOA2   sing N N 93  
GDP "O5'" "C5'"  sing N N 94  
GDP "C5'" "C4'"  sing N N 95  
GDP "C5'" "H5'"  sing N N 96  
GDP "C5'" "H5''" sing N N 97  
GDP "C4'" "O4'"  sing N N 98  
GDP "C4'" "C3'"  sing N N 99  
GDP "C4'" "H4'"  sing N N 100 
GDP "O4'" "C1'"  sing N N 101 
GDP "C3'" "O3'"  sing N N 102 
GDP "C3'" "C2'"  sing N N 103 
GDP "C3'" "H3'"  sing N N 104 
GDP "O3'" "HO3'" sing N N 105 
GDP "C2'" "O2'"  sing N N 106 
GDP "C2'" "C1'"  sing N N 107 
GDP "C2'" "H2'"  sing N N 108 
GDP "O2'" "HO2'" sing N N 109 
GDP "C1'" N9     sing N N 110 
GDP "C1'" "H1'"  sing N N 111 
GDP N9    C8     sing Y N 112 
GDP N9    C4     sing Y N 113 
GDP C8    N7     doub Y N 114 
GDP C8    H8     sing N N 115 
GDP N7    C5     sing Y N 116 
GDP C5    C6     sing N N 117 
GDP C5    C4     doub Y N 118 
GDP C6    O6     doub N N 119 
GDP C6    N1     sing N N 120 
GDP N1    C2     sing N N 121 
GDP N1    HN1    sing N N 122 
GDP C2    N2     sing N N 123 
GDP C2    N3     doub N N 124 
GDP N2    HN21   sing N N 125 
GDP N2    HN22   sing N N 126 
GDP N3    C4     sing N N 127 
GLN N     CA     sing N N 128 
GLN N     H      sing N N 129 
GLN N     H2     sing N N 130 
GLN CA    C      sing N N 131 
GLN CA    CB     sing N N 132 
GLN CA    HA     sing N N 133 
GLN C     O      doub N N 134 
GLN C     OXT    sing N N 135 
GLN CB    CG     sing N N 136 
GLN CB    HB2    sing N N 137 
GLN CB    HB3    sing N N 138 
GLN CG    CD     sing N N 139 
GLN CG    HG2    sing N N 140 
GLN CG    HG3    sing N N 141 
GLN CD    OE1    doub N N 142 
GLN CD    NE2    sing N N 143 
GLN NE2   HE21   sing N N 144 
GLN NE2   HE22   sing N N 145 
GLN OXT   HXT    sing N N 146 
GLU N     CA     sing N N 147 
GLU N     H      sing N N 148 
GLU N     H2     sing N N 149 
GLU CA    C      sing N N 150 
GLU CA    CB     sing N N 151 
GLU CA    HA     sing N N 152 
GLU C     O      doub N N 153 
GLU C     OXT    sing N N 154 
GLU CB    CG     sing N N 155 
GLU CB    HB2    sing N N 156 
GLU CB    HB3    sing N N 157 
GLU CG    CD     sing N N 158 
GLU CG    HG2    sing N N 159 
GLU CG    HG3    sing N N 160 
GLU CD    OE1    doub N N 161 
GLU CD    OE2    sing N N 162 
GLU OE2   HE2    sing N N 163 
GLU OXT   HXT    sing N N 164 
GLY N     CA     sing N N 165 
GLY N     H      sing N N 166 
GLY N     H2     sing N N 167 
GLY CA    C      sing N N 168 
GLY CA    HA2    sing N N 169 
GLY CA    HA3    sing N N 170 
GLY C     O      doub N N 171 
GLY C     OXT    sing N N 172 
GLY OXT   HXT    sing N N 173 
HIS N     CA     sing N N 174 
HIS N     H      sing N N 175 
HIS N     H2     sing N N 176 
HIS CA    C      sing N N 177 
HIS CA    CB     sing N N 178 
HIS CA    HA     sing N N 179 
HIS C     O      doub N N 180 
HIS C     OXT    sing N N 181 
HIS CB    CG     sing N N 182 
HIS CB    HB2    sing N N 183 
HIS CB    HB3    sing N N 184 
HIS CG    ND1    sing Y N 185 
HIS CG    CD2    doub Y N 186 
HIS ND1   CE1    doub Y N 187 
HIS ND1   HD1    sing N N 188 
HIS CD2   NE2    sing Y N 189 
HIS CD2   HD2    sing N N 190 
HIS CE1   NE2    sing Y N 191 
HIS CE1   HE1    sing N N 192 
HIS NE2   HE2    sing N N 193 
HIS OXT   HXT    sing N N 194 
HOH O     H1     sing N N 195 
HOH O     H2     sing N N 196 
ILE N     CA     sing N N 197 
ILE N     H      sing N N 198 
ILE N     H2     sing N N 199 
ILE CA    C      sing N N 200 
ILE CA    CB     sing N N 201 
ILE CA    HA     sing N N 202 
ILE C     O      doub N N 203 
ILE C     OXT    sing N N 204 
ILE CB    CG1    sing N N 205 
ILE CB    CG2    sing N N 206 
ILE CB    HB     sing N N 207 
ILE CG1   CD1    sing N N 208 
ILE CG1   HG12   sing N N 209 
ILE CG1   HG13   sing N N 210 
ILE CG2   HG21   sing N N 211 
ILE CG2   HG22   sing N N 212 
ILE CG2   HG23   sing N N 213 
ILE CD1   HD11   sing N N 214 
ILE CD1   HD12   sing N N 215 
ILE CD1   HD13   sing N N 216 
ILE OXT   HXT    sing N N 217 
LEU N     CA     sing N N 218 
LEU N     H      sing N N 219 
LEU N     H2     sing N N 220 
LEU CA    C      sing N N 221 
LEU CA    CB     sing N N 222 
LEU CA    HA     sing N N 223 
LEU C     O      doub N N 224 
LEU C     OXT    sing N N 225 
LEU CB    CG     sing N N 226 
LEU CB    HB2    sing N N 227 
LEU CB    HB3    sing N N 228 
LEU CG    CD1    sing N N 229 
LEU CG    CD2    sing N N 230 
LEU CG    HG     sing N N 231 
LEU CD1   HD11   sing N N 232 
LEU CD1   HD12   sing N N 233 
LEU CD1   HD13   sing N N 234 
LEU CD2   HD21   sing N N 235 
LEU CD2   HD22   sing N N 236 
LEU CD2   HD23   sing N N 237 
LEU OXT   HXT    sing N N 238 
LYS N     CA     sing N N 239 
LYS N     H      sing N N 240 
LYS N     H2     sing N N 241 
LYS CA    C      sing N N 242 
LYS CA    CB     sing N N 243 
LYS CA    HA     sing N N 244 
LYS C     O      doub N N 245 
LYS C     OXT    sing N N 246 
LYS CB    CG     sing N N 247 
LYS CB    HB2    sing N N 248 
LYS CB    HB3    sing N N 249 
LYS CG    CD     sing N N 250 
LYS CG    HG2    sing N N 251 
LYS CG    HG3    sing N N 252 
LYS CD    CE     sing N N 253 
LYS CD    HD2    sing N N 254 
LYS CD    HD3    sing N N 255 
LYS CE    NZ     sing N N 256 
LYS CE    HE2    sing N N 257 
LYS CE    HE3    sing N N 258 
LYS NZ    HZ1    sing N N 259 
LYS NZ    HZ2    sing N N 260 
LYS NZ    HZ3    sing N N 261 
LYS OXT   HXT    sing N N 262 
MET N     CA     sing N N 263 
MET N     H      sing N N 264 
MET N     H2     sing N N 265 
MET CA    C      sing N N 266 
MET CA    CB     sing N N 267 
MET CA    HA     sing N N 268 
MET C     O      doub N N 269 
MET C     OXT    sing N N 270 
MET CB    CG     sing N N 271 
MET CB    HB2    sing N N 272 
MET CB    HB3    sing N N 273 
MET CG    SD     sing N N 274 
MET CG    HG2    sing N N 275 
MET CG    HG3    sing N N 276 
MET SD    CE     sing N N 277 
MET CE    HE1    sing N N 278 
MET CE    HE2    sing N N 279 
MET CE    HE3    sing N N 280 
MET OXT   HXT    sing N N 281 
PHE N     CA     sing N N 282 
PHE N     H      sing N N 283 
PHE N     H2     sing N N 284 
PHE CA    C      sing N N 285 
PHE CA    CB     sing N N 286 
PHE CA    HA     sing N N 287 
PHE C     O      doub N N 288 
PHE C     OXT    sing N N 289 
PHE CB    CG     sing N N 290 
PHE CB    HB2    sing N N 291 
PHE CB    HB3    sing N N 292 
PHE CG    CD1    doub Y N 293 
PHE CG    CD2    sing Y N 294 
PHE CD1   CE1    sing Y N 295 
PHE CD1   HD1    sing N N 296 
PHE CD2   CE2    doub Y N 297 
PHE CD2   HD2    sing N N 298 
PHE CE1   CZ     doub Y N 299 
PHE CE1   HE1    sing N N 300 
PHE CE2   CZ     sing Y N 301 
PHE CE2   HE2    sing N N 302 
PHE CZ    HZ     sing N N 303 
PHE OXT   HXT    sing N N 304 
PRO N     CA     sing N N 305 
PRO N     CD     sing N N 306 
PRO N     H      sing N N 307 
PRO CA    C      sing N N 308 
PRO CA    CB     sing N N 309 
PRO CA    HA     sing N N 310 
PRO C     O      doub N N 311 
PRO C     OXT    sing N N 312 
PRO CB    CG     sing N N 313 
PRO CB    HB2    sing N N 314 
PRO CB    HB3    sing N N 315 
PRO CG    CD     sing N N 316 
PRO CG    HG2    sing N N 317 
PRO CG    HG3    sing N N 318 
PRO CD    HD2    sing N N 319 
PRO CD    HD3    sing N N 320 
PRO OXT   HXT    sing N N 321 
SER N     CA     sing N N 322 
SER N     H      sing N N 323 
SER N     H2     sing N N 324 
SER CA    C      sing N N 325 
SER CA    CB     sing N N 326 
SER CA    HA     sing N N 327 
SER C     O      doub N N 328 
SER C     OXT    sing N N 329 
SER CB    OG     sing N N 330 
SER CB    HB2    sing N N 331 
SER CB    HB3    sing N N 332 
SER OG    HG     sing N N 333 
SER OXT   HXT    sing N N 334 
THR N     CA     sing N N 335 
THR N     H      sing N N 336 
THR N     H2     sing N N 337 
THR CA    C      sing N N 338 
THR CA    CB     sing N N 339 
THR CA    HA     sing N N 340 
THR C     O      doub N N 341 
THR C     OXT    sing N N 342 
THR CB    OG1    sing N N 343 
THR CB    CG2    sing N N 344 
THR CB    HB     sing N N 345 
THR OG1   HG1    sing N N 346 
THR CG2   HG21   sing N N 347 
THR CG2   HG22   sing N N 348 
THR CG2   HG23   sing N N 349 
THR OXT   HXT    sing N N 350 
TYR N     CA     sing N N 351 
TYR N     H      sing N N 352 
TYR N     H2     sing N N 353 
TYR CA    C      sing N N 354 
TYR CA    CB     sing N N 355 
TYR CA    HA     sing N N 356 
TYR C     O      doub N N 357 
TYR C     OXT    sing N N 358 
TYR CB    CG     sing N N 359 
TYR CB    HB2    sing N N 360 
TYR CB    HB3    sing N N 361 
TYR CG    CD1    doub Y N 362 
TYR CG    CD2    sing Y N 363 
TYR CD1   CE1    sing Y N 364 
TYR CD1   HD1    sing N N 365 
TYR CD2   CE2    doub Y N 366 
TYR CD2   HD2    sing N N 367 
TYR CE1   CZ     doub Y N 368 
TYR CE1   HE1    sing N N 369 
TYR CE2   CZ     sing Y N 370 
TYR CE2   HE2    sing N N 371 
TYR CZ    OH     sing N N 372 
TYR OH    HH     sing N N 373 
TYR OXT   HXT    sing N N 374 
VAL N     CA     sing N N 375 
VAL N     H      sing N N 376 
VAL N     H2     sing N N 377 
VAL CA    C      sing N N 378 
VAL CA    CB     sing N N 379 
VAL CA    HA     sing N N 380 
VAL C     O      doub N N 381 
VAL C     OXT    sing N N 382 
VAL CB    CG1    sing N N 383 
VAL CB    CG2    sing N N 384 
VAL CB    HB     sing N N 385 
VAL CG1   HG11   sing N N 386 
VAL CG1   HG12   sing N N 387 
VAL CG1   HG13   sing N N 388 
VAL CG2   HG21   sing N N 389 
VAL CG2   HG22   sing N N 390 
VAL CG2   HG23   sing N N 391 
VAL OXT   HXT    sing N N 392 
# 
loop_
_pdbx_entity_nonpoly.entity_id 
_pdbx_entity_nonpoly.name 
_pdbx_entity_nonpoly.comp_id 
2 'MAGNESIUM ION'            MG  
3 "GUANOSINE-5'-DIPHOSPHATE" GDP 
4 water                      HOH 
# 
_pdbx_initial_refinement_model.id               1 
_pdbx_initial_refinement_model.entity_id_list   ? 
_pdbx_initial_refinement_model.type             'experimental model' 
_pdbx_initial_refinement_model.source_name      PDB 
_pdbx_initial_refinement_model.accession_code   2ERY 
_pdbx_initial_refinement_model.details          2ERY.pdb 
# 
